data_2EKI
#
_entry.id   2EKI
#
_entity_poly.entity_id   1
_entity_poly.type   'polypeptide(L)'
_entity_poly.pdbx_seq_one_letter_code
;GSSGSSGYLKLVRIYTKPKGQLPDYTSPVVLPYSRTTVEDFCMKIHKNLIKEFKYALVWGLSVKHNPQKVGKDHTLEDED
VIQIVKKSGPSSG
;
_entity_poly.pdbx_strand_id   A
#
# COMPACT_ATOMS: atom_id res chain seq x y z
N GLY A 1 -28.09 -12.50 -9.57
CA GLY A 1 -28.16 -11.47 -10.58
C GLY A 1 -27.67 -10.13 -10.07
N SER A 2 -28.52 -9.11 -10.16
CA SER A 2 -28.16 -7.77 -9.71
C SER A 2 -27.31 -7.83 -8.45
N SER A 3 -26.01 -7.60 -8.61
CA SER A 3 -25.08 -7.64 -7.49
C SER A 3 -25.23 -6.40 -6.61
N GLY A 4 -24.66 -6.43 -5.42
CA GLY A 4 -24.74 -5.31 -4.52
C GLY A 4 -24.48 -5.70 -3.07
N SER A 5 -25.02 -6.85 -2.67
CA SER A 5 -24.85 -7.34 -1.31
C SER A 5 -23.48 -7.97 -1.12
N SER A 6 -23.01 -8.02 0.13
CA SER A 6 -21.71 -8.59 0.44
C SER A 6 -21.64 -10.05 -0.02
N GLY A 7 -20.43 -10.51 -0.29
CA GLY A 7 -20.24 -11.88 -0.72
C GLY A 7 -18.78 -12.29 -0.78
N TYR A 8 -18.21 -12.31 -1.98
CA TYR A 8 -16.82 -12.68 -2.15
C TYR A 8 -15.91 -11.48 -1.98
N LEU A 9 -16.36 -10.50 -1.19
CA LEU A 9 -15.58 -9.30 -0.93
C LEU A 9 -14.51 -9.54 0.12
N LYS A 10 -13.34 -9.99 -0.31
CA LYS A 10 -12.23 -10.26 0.59
C LYS A 10 -11.56 -8.96 1.05
N LEU A 11 -10.81 -9.04 2.13
CA LEU A 11 -10.12 -7.88 2.67
C LEU A 11 -8.64 -8.17 2.89
N VAL A 12 -7.78 -7.37 2.27
CA VAL A 12 -6.34 -7.53 2.40
C VAL A 12 -5.73 -6.46 3.30
N ARG A 13 -4.77 -6.86 4.12
CA ARG A 13 -4.11 -5.93 5.03
C ARG A 13 -2.73 -5.55 4.52
N ILE A 14 -2.38 -4.27 4.64
CA ILE A 14 -1.09 -3.79 4.18
C ILE A 14 -0.33 -3.11 5.32
N TYR A 15 0.90 -3.57 5.55
CA TYR A 15 1.73 -3.02 6.61
C TYR A 15 2.63 -1.91 6.08
N THR A 16 2.24 -0.66 6.34
CA THR A 16 3.00 0.49 5.89
C THR A 16 4.33 0.59 6.61
N LYS A 17 5.37 1.00 5.89
CA LYS A 17 6.70 1.14 6.47
C LYS A 17 7.18 2.58 6.39
N PRO A 18 6.92 3.35 7.46
CA PRO A 18 7.32 4.76 7.54
C PRO A 18 8.83 4.93 7.66
N LYS A 19 9.43 5.54 6.64
CA LYS A 19 10.87 5.77 6.63
C LYS A 19 11.37 6.14 8.02
N GLY A 20 12.50 5.54 8.42
CA GLY A 20 13.06 5.82 9.73
C GLY A 20 12.42 4.99 10.83
N GLN A 21 11.10 4.90 10.80
CA GLN A 21 10.38 4.12 11.81
C GLN A 21 10.12 2.70 11.33
N LEU A 22 9.59 1.86 12.22
CA LEU A 22 9.30 0.47 11.88
C LEU A 22 7.87 0.33 11.38
N PRO A 23 7.65 -0.66 10.50
CA PRO A 23 6.33 -0.93 9.92
C PRO A 23 5.36 -1.52 10.95
N ASP A 24 4.29 -0.78 11.23
CA ASP A 24 3.28 -1.22 12.18
C ASP A 24 2.67 -2.55 11.76
N TYR A 25 2.60 -3.50 12.70
CA TYR A 25 2.05 -4.81 12.43
C TYR A 25 0.81 -5.07 13.28
N THR A 26 0.35 -4.03 13.96
CA THR A 26 -0.83 -4.13 14.81
C THR A 26 -1.92 -3.16 14.38
N SER A 27 -1.53 -2.15 13.59
CA SER A 27 -2.47 -1.15 13.10
C SER A 27 -2.38 -1.02 11.59
N PRO A 28 -2.47 -2.16 10.89
CA PRO A 28 -2.40 -2.20 9.42
C PRO A 28 -3.64 -1.59 8.77
N VAL A 29 -3.61 -1.49 7.44
CA VAL A 29 -4.73 -0.93 6.70
C VAL A 29 -5.50 -2.02 5.96
N VAL A 30 -6.79 -2.16 6.28
CA VAL A 30 -7.62 -3.16 5.65
C VAL A 30 -8.29 -2.61 4.39
N LEU A 31 -7.71 -2.94 3.23
CA LEU A 31 -8.25 -2.48 1.96
C LEU A 31 -9.13 -3.54 1.31
N PRO A 32 -10.21 -3.10 0.64
CA PRO A 32 -11.15 -3.99 -0.03
C PRO A 32 -10.53 -4.67 -1.26
N TYR A 33 -10.56 -6.00 -1.26
CA TYR A 33 -9.99 -6.76 -2.38
C TYR A 33 -10.36 -6.11 -3.71
N SER A 34 -11.65 -5.99 -3.97
CA SER A 34 -12.13 -5.39 -5.22
C SER A 34 -11.20 -4.28 -5.67
N ARG A 35 -10.73 -3.48 -4.72
CA ARG A 35 -9.83 -2.37 -5.03
C ARG A 35 -8.53 -2.51 -4.24
N THR A 36 -7.50 -3.01 -4.92
CA THR A 36 -6.20 -3.19 -4.29
C THR A 36 -5.08 -2.67 -5.19
N THR A 37 -4.46 -1.56 -4.78
CA THR A 37 -3.39 -0.95 -5.56
C THR A 37 -2.66 0.12 -4.74
N VAL A 38 -1.39 0.33 -5.06
CA VAL A 38 -0.58 1.32 -4.36
C VAL A 38 -1.29 2.67 -4.31
N GLU A 39 -1.81 3.11 -5.46
CA GLU A 39 -2.50 4.38 -5.55
C GLU A 39 -3.75 4.38 -4.67
N ASP A 40 -4.23 3.19 -4.32
CA ASP A 40 -5.42 3.05 -3.48
C ASP A 40 -5.07 3.27 -2.02
N PHE A 41 -3.87 2.85 -1.63
CA PHE A 41 -3.42 3.01 -0.25
C PHE A 41 -3.05 4.45 0.05
N CYS A 42 -2.22 5.03 -0.81
CA CYS A 42 -1.78 6.42 -0.65
C CYS A 42 -2.94 7.30 -0.23
N MET A 43 -4.14 6.99 -0.73
CA MET A 43 -5.33 7.77 -0.41
C MET A 43 -5.70 7.61 1.06
N LYS A 44 -5.71 6.37 1.53
CA LYS A 44 -6.04 6.08 2.92
C LYS A 44 -5.30 7.01 3.86
N ILE A 45 -3.99 7.14 3.66
CA ILE A 45 -3.17 8.00 4.48
C ILE A 45 -3.46 9.47 4.21
N HIS A 46 -3.36 9.86 2.93
CA HIS A 46 -3.61 11.23 2.53
C HIS A 46 -4.24 11.29 1.14
N LYS A 47 -5.14 12.25 0.93
CA LYS A 47 -5.80 12.41 -0.36
C LYS A 47 -4.89 13.09 -1.36
N ASN A 48 -3.72 13.52 -0.90
CA ASN A 48 -2.75 14.18 -1.78
C ASN A 48 -1.35 13.59 -1.58
N LEU A 49 -1.31 12.32 -1.20
CA LEU A 49 -0.04 11.62 -0.99
C LEU A 49 0.57 11.17 -2.32
N ILE A 50 -0.27 10.65 -3.20
CA ILE A 50 0.18 10.19 -4.51
C ILE A 50 1.00 11.26 -5.22
N LYS A 51 0.81 12.51 -4.80
CA LYS A 51 1.53 13.64 -5.39
C LYS A 51 3.01 13.58 -5.02
N GLU A 52 3.30 13.07 -3.82
CA GLU A 52 4.67 12.98 -3.35
C GLU A 52 5.21 11.56 -3.51
N PHE A 53 4.30 10.58 -3.47
CA PHE A 53 4.69 9.18 -3.61
C PHE A 53 5.57 8.98 -4.84
N LYS A 54 6.80 8.56 -4.61
CA LYS A 54 7.75 8.34 -5.70
C LYS A 54 7.79 6.86 -6.08
N TYR A 55 7.82 6.00 -5.07
CA TYR A 55 7.86 4.56 -5.29
C TYR A 55 7.55 3.79 -4.01
N ALA A 56 7.36 2.48 -4.14
CA ALA A 56 7.05 1.64 -3.00
C ALA A 56 7.85 0.34 -3.05
N LEU A 57 8.33 -0.09 -1.89
CA LEU A 57 9.11 -1.32 -1.79
C LEU A 57 8.29 -2.44 -1.16
N VAL A 58 7.69 -3.28 -2.00
CA VAL A 58 6.88 -4.39 -1.51
C VAL A 58 7.77 -5.53 -1.01
N TRP A 59 7.34 -6.18 0.07
CA TRP A 59 8.08 -7.28 0.64
C TRP A 59 7.18 -8.49 0.86
N GLY A 60 7.28 -9.47 -0.04
CA GLY A 60 6.47 -10.66 0.07
C GLY A 60 6.37 -11.42 -1.24
N LEU A 61 5.50 -12.43 -1.29
CA LEU A 61 5.32 -13.23 -2.48
C LEU A 61 4.97 -12.35 -3.68
N SER A 62 4.19 -11.30 -3.44
CA SER A 62 3.78 -10.38 -4.49
C SER A 62 4.91 -10.18 -5.50
N VAL A 63 6.14 -10.09 -5.00
CA VAL A 63 7.30 -9.90 -5.85
C VAL A 63 8.29 -11.05 -5.70
N LYS A 64 8.98 -11.37 -6.79
CA LYS A 64 9.95 -12.45 -6.78
C LYS A 64 11.21 -12.05 -6.04
N HIS A 65 11.76 -10.89 -6.41
CA HIS A 65 12.97 -10.38 -5.77
C HIS A 65 12.70 -9.06 -5.06
N ASN A 66 12.75 -9.09 -3.73
CA ASN A 66 12.50 -7.90 -2.93
C ASN A 66 13.77 -7.47 -2.18
N PRO A 67 13.84 -6.18 -1.84
CA PRO A 67 12.78 -5.21 -2.16
C PRO A 67 12.70 -4.91 -3.65
N GLN A 68 11.50 -4.60 -4.12
CA GLN A 68 11.28 -4.30 -5.53
C GLN A 68 10.55 -2.97 -5.70
N LYS A 69 11.05 -2.14 -6.60
CA LYS A 69 10.44 -0.83 -6.86
C LYS A 69 9.12 -0.99 -7.61
N VAL A 70 8.06 -0.36 -7.10
CA VAL A 70 6.76 -0.43 -7.74
C VAL A 70 6.13 0.96 -7.83
N GLY A 71 5.23 1.12 -8.80
CA GLY A 71 4.57 2.41 -8.98
C GLY A 71 3.22 2.47 -8.28
N LYS A 72 2.30 3.25 -8.85
CA LYS A 72 0.97 3.39 -8.27
C LYS A 72 -0.01 2.43 -8.94
N ASP A 73 0.43 1.76 -9.99
CA ASP A 73 -0.41 0.80 -10.71
C ASP A 73 -0.18 -0.61 -10.20
N HIS A 74 0.72 -0.76 -9.25
CA HIS A 74 1.04 -2.06 -8.67
C HIS A 74 -0.11 -2.57 -7.82
N THR A 75 -0.34 -3.88 -7.84
CA THR A 75 -1.41 -4.48 -7.06
C THR A 75 -0.91 -4.95 -5.70
N LEU A 76 -1.66 -4.59 -4.65
CA LEU A 76 -1.29 -4.97 -3.30
C LEU A 76 -1.96 -6.28 -2.90
N GLU A 77 -1.29 -7.04 -2.03
CA GLU A 77 -1.82 -8.32 -1.57
C GLU A 77 -1.88 -8.36 -0.04
N ASP A 78 -2.70 -9.26 0.49
CA ASP A 78 -2.84 -9.41 1.94
C ASP A 78 -1.52 -9.81 2.57
N GLU A 79 -1.26 -9.29 3.77
CA GLU A 79 -0.04 -9.59 4.49
C GLU A 79 1.18 -9.14 3.69
N ASP A 80 1.19 -7.88 3.28
CA ASP A 80 2.29 -7.32 2.51
C ASP A 80 2.74 -5.98 3.09
N VAL A 81 4.05 -5.77 3.13
CA VAL A 81 4.62 -4.54 3.66
C VAL A 81 5.00 -3.58 2.54
N ILE A 82 4.65 -2.32 2.69
CA ILE A 82 4.97 -1.30 1.69
C ILE A 82 5.59 -0.07 2.33
N GLN A 83 6.73 0.37 1.78
CA GLN A 83 7.42 1.54 2.30
C GLN A 83 7.19 2.75 1.41
N ILE A 84 6.29 3.63 1.85
CA ILE A 84 5.96 4.83 1.09
C ILE A 84 7.09 5.86 1.18
N VAL A 85 7.70 6.16 0.03
CA VAL A 85 8.79 7.11 -0.02
C VAL A 85 8.33 8.44 -0.64
N LYS A 86 8.88 9.53 -0.14
CA LYS A 86 8.53 10.86 -0.65
C LYS A 86 9.71 11.49 -1.39
N LYS A 87 9.45 11.96 -2.60
CA LYS A 87 10.48 12.59 -3.42
C LYS A 87 11.37 13.50 -2.58
N SER A 88 12.62 13.65 -2.99
CA SER A 88 13.57 14.49 -2.26
C SER A 88 14.11 15.60 -3.16
N GLY A 89 13.66 16.82 -2.93
CA GLY A 89 14.12 17.95 -3.71
C GLY A 89 13.65 19.28 -3.16
N PRO A 90 14.16 20.38 -3.73
CA PRO A 90 13.80 21.74 -3.29
C PRO A 90 12.36 22.10 -3.66
N SER A 91 11.53 22.28 -2.64
CA SER A 91 10.13 22.63 -2.86
C SER A 91 9.91 24.13 -2.64
N SER A 92 9.32 24.78 -3.64
CA SER A 92 9.05 26.21 -3.56
C SER A 92 7.71 26.48 -2.89
N GLY A 93 7.74 27.28 -1.82
CA GLY A 93 6.53 27.59 -1.10
C GLY A 93 5.60 26.40 -0.98
N GLY A 1 -29.25 -15.17 0.93
CA GLY A 1 -28.49 -15.80 -0.13
C GLY A 1 -28.98 -17.21 -0.44
N SER A 2 -29.53 -17.39 -1.64
CA SER A 2 -30.03 -18.70 -2.05
C SER A 2 -28.95 -19.76 -1.92
N SER A 3 -27.79 -19.49 -2.51
CA SER A 3 -26.68 -20.44 -2.46
C SER A 3 -25.54 -19.89 -1.62
N GLY A 4 -25.07 -20.69 -0.66
CA GLY A 4 -23.98 -20.27 0.19
C GLY A 4 -24.18 -18.86 0.74
N SER A 5 -23.10 -18.09 0.77
CA SER A 5 -23.16 -16.72 1.27
C SER A 5 -22.63 -15.73 0.23
N SER A 6 -23.52 -14.88 -0.27
CA SER A 6 -23.14 -13.89 -1.28
C SER A 6 -22.17 -12.87 -0.70
N GLY A 7 -21.50 -12.14 -1.57
CA GLY A 7 -20.55 -11.13 -1.14
C GLY A 7 -19.13 -11.68 -1.02
N TYR A 8 -18.42 -11.71 -2.14
CA TYR A 8 -17.05 -12.21 -2.17
C TYR A 8 -16.06 -11.12 -1.80
N LEU A 9 -16.59 -9.97 -1.37
CA LEU A 9 -15.75 -8.85 -0.99
C LEU A 9 -14.69 -9.27 0.02
N LYS A 10 -13.48 -9.56 -0.48
CA LYS A 10 -12.40 -9.99 0.38
C LYS A 10 -11.69 -8.77 1.00
N LEU A 11 -10.88 -9.02 2.03
CA LEU A 11 -10.16 -7.96 2.70
C LEU A 11 -8.68 -8.31 2.84
N VAL A 12 -7.83 -7.46 2.28
CA VAL A 12 -6.38 -7.66 2.34
C VAL A 12 -5.73 -6.69 3.30
N ARG A 13 -4.77 -7.19 4.08
CA ARG A 13 -4.06 -6.36 5.05
C ARG A 13 -2.71 -5.92 4.49
N ILE A 14 -2.39 -4.64 4.65
CA ILE A 14 -1.13 -4.10 4.17
C ILE A 14 -0.37 -3.40 5.29
N TYR A 15 0.77 -3.97 5.66
CA TYR A 15 1.60 -3.40 6.72
C TYR A 15 2.51 -2.30 6.18
N THR A 16 2.10 -1.05 6.37
CA THR A 16 2.88 0.09 5.91
C THR A 16 4.08 0.34 6.79
N LYS A 17 5.21 0.72 6.19
CA LYS A 17 6.43 0.99 6.92
C LYS A 17 6.70 2.49 7.01
N PRO A 18 6.76 3.02 8.24
CA PRO A 18 7.01 4.44 8.48
C PRO A 18 8.43 4.85 8.12
N LYS A 19 8.78 6.09 8.44
CA LYS A 19 10.12 6.61 8.16
C LYS A 19 10.98 6.59 9.41
N GLY A 20 12.01 5.73 9.41
CA GLY A 20 12.89 5.64 10.56
C GLY A 20 12.35 4.72 11.63
N GLN A 21 11.08 4.38 11.54
CA GLN A 21 10.45 3.49 12.50
C GLN A 21 10.09 2.15 11.87
N LEU A 22 9.55 1.24 12.67
CA LEU A 22 9.17 -0.08 12.19
C LEU A 22 7.73 -0.06 11.67
N PRO A 23 7.45 -0.93 10.68
CA PRO A 23 6.12 -1.04 10.07
C PRO A 23 5.10 -1.65 11.02
N ASP A 24 3.96 -0.97 11.18
CA ASP A 24 2.91 -1.44 12.06
C ASP A 24 2.36 -2.78 11.58
N TYR A 25 2.34 -3.76 12.48
CA TYR A 25 1.83 -5.09 12.13
C TYR A 25 0.58 -5.42 12.94
N THR A 26 0.25 -4.55 13.88
CA THR A 26 -0.93 -4.74 14.72
C THR A 26 -2.09 -3.88 14.25
N SER A 27 -1.76 -2.71 13.71
CA SER A 27 -2.78 -1.78 13.23
C SER A 27 -2.62 -1.54 11.73
N PRO A 28 -2.70 -2.62 10.95
CA PRO A 28 -2.57 -2.55 9.48
C PRO A 28 -3.75 -1.87 8.82
N VAL A 29 -3.61 -1.54 7.55
CA VAL A 29 -4.68 -0.88 6.80
C VAL A 29 -5.46 -1.89 5.95
N VAL A 30 -6.70 -2.17 6.35
CA VAL A 30 -7.54 -3.11 5.62
C VAL A 30 -8.21 -2.44 4.42
N LEU A 31 -7.71 -2.74 3.24
CA LEU A 31 -8.25 -2.18 2.01
C LEU A 31 -9.18 -3.17 1.31
N PRO A 32 -10.17 -2.64 0.57
CA PRO A 32 -11.13 -3.46 -0.16
C PRO A 32 -10.50 -4.18 -1.34
N TYR A 33 -10.68 -5.50 -1.39
CA TYR A 33 -10.12 -6.31 -2.46
C TYR A 33 -10.42 -5.68 -3.82
N SER A 34 -11.70 -5.56 -4.15
CA SER A 34 -12.12 -4.98 -5.42
C SER A 34 -11.23 -3.81 -5.80
N ARG A 35 -10.74 -3.09 -4.79
CA ARG A 35 -9.87 -1.94 -5.03
C ARG A 35 -8.57 -2.08 -4.25
N THR A 36 -7.52 -2.54 -4.93
CA THR A 36 -6.22 -2.72 -4.30
C THR A 36 -5.09 -2.22 -5.21
N THR A 37 -4.41 -1.17 -4.78
CA THR A 37 -3.32 -0.60 -5.55
C THR A 37 -2.54 0.42 -4.74
N VAL A 38 -1.22 0.43 -4.90
CA VAL A 38 -0.37 1.36 -4.18
C VAL A 38 -1.03 2.73 -4.05
N GLU A 39 -1.73 3.15 -5.10
CA GLU A 39 -2.41 4.43 -5.10
C GLU A 39 -3.60 4.42 -4.16
N ASP A 40 -4.35 3.31 -4.17
CA ASP A 40 -5.52 3.18 -3.31
C ASP A 40 -5.15 3.32 -1.85
N PHE A 41 -3.90 3.00 -1.52
CA PHE A 41 -3.41 3.09 -0.15
C PHE A 41 -3.05 4.53 0.20
N CYS A 42 -2.31 5.18 -0.70
CA CYS A 42 -1.89 6.55 -0.48
C CYS A 42 -3.08 7.43 -0.09
N MET A 43 -4.24 7.12 -0.65
CA MET A 43 -5.45 7.88 -0.34
C MET A 43 -5.81 7.78 1.13
N LYS A 44 -5.80 6.55 1.65
CA LYS A 44 -6.13 6.32 3.05
C LYS A 44 -5.36 7.28 3.96
N ILE A 45 -4.12 7.57 3.59
CA ILE A 45 -3.29 8.47 4.36
C ILE A 45 -3.58 9.93 4.02
N HIS A 46 -3.29 10.31 2.77
CA HIS A 46 -3.53 11.67 2.31
C HIS A 46 -3.94 11.69 0.84
N LYS A 47 -5.06 12.34 0.54
CA LYS A 47 -5.56 12.42 -0.82
C LYS A 47 -4.56 13.15 -1.72
N ASN A 48 -3.57 13.78 -1.10
CA ASN A 48 -2.55 14.51 -1.84
C ASN A 48 -1.16 13.92 -1.60
N LEU A 49 -1.12 12.62 -1.32
CA LEU A 49 0.14 11.93 -1.07
C LEU A 49 0.64 11.23 -2.33
N ILE A 50 -0.29 10.80 -3.17
CA ILE A 50 0.05 10.11 -4.41
C ILE A 50 0.88 11.01 -5.32
N LYS A 51 0.58 12.31 -5.29
CA LYS A 51 1.30 13.28 -6.11
C LYS A 51 2.77 13.33 -5.73
N GLU A 52 3.06 13.17 -4.44
CA GLU A 52 4.42 13.18 -3.95
C GLU A 52 5.00 11.77 -3.86
N PHE A 53 4.13 10.79 -4.04
CA PHE A 53 4.55 9.38 -3.98
C PHE A 53 5.58 9.08 -5.06
N LYS A 54 6.75 8.62 -4.63
CA LYS A 54 7.84 8.29 -5.57
C LYS A 54 7.75 6.83 -5.98
N TYR A 55 7.96 5.93 -5.02
CA TYR A 55 7.91 4.50 -5.30
C TYR A 55 7.52 3.72 -4.05
N ALA A 56 7.36 2.41 -4.20
CA ALA A 56 6.99 1.55 -3.08
C ALA A 56 7.84 0.28 -3.06
N LEU A 57 8.33 -0.08 -1.88
CA LEU A 57 9.16 -1.27 -1.73
C LEU A 57 8.35 -2.41 -1.09
N VAL A 58 7.87 -3.32 -1.93
CA VAL A 58 7.09 -4.46 -1.46
C VAL A 58 8.00 -5.57 -0.95
N TRP A 59 7.62 -6.16 0.18
CA TRP A 59 8.40 -7.24 0.77
C TRP A 59 7.55 -8.49 0.95
N GLY A 60 6.57 -8.67 0.07
CA GLY A 60 5.70 -9.82 0.15
C GLY A 60 5.89 -10.76 -1.03
N LEU A 61 5.02 -11.76 -1.12
CA LEU A 61 5.09 -12.74 -2.21
C LEU A 61 4.65 -12.12 -3.53
N SER A 62 4.03 -10.93 -3.45
CA SER A 62 3.57 -10.23 -4.63
C SER A 62 4.74 -9.81 -5.52
N VAL A 63 5.95 -10.03 -5.02
CA VAL A 63 7.15 -9.68 -5.77
C VAL A 63 8.11 -10.87 -5.86
N LYS A 64 9.05 -10.78 -6.78
CA LYS A 64 10.03 -11.85 -6.98
C LYS A 64 11.29 -11.58 -6.16
N HIS A 65 11.80 -10.37 -6.24
CA HIS A 65 13.01 -9.99 -5.51
C HIS A 65 12.83 -8.63 -4.83
N ASN A 66 12.85 -8.63 -3.50
CA ASN A 66 12.69 -7.41 -2.73
C ASN A 66 13.98 -7.03 -2.01
N PRO A 67 14.11 -5.75 -1.64
CA PRO A 67 13.07 -4.76 -1.88
C PRO A 67 12.95 -4.40 -3.36
N GLN A 68 11.73 -4.51 -3.90
CA GLN A 68 11.48 -4.21 -5.30
C GLN A 68 10.85 -2.83 -5.45
N LYS A 69 11.29 -2.09 -6.47
CA LYS A 69 10.77 -0.75 -6.72
C LYS A 69 9.52 -0.82 -7.60
N VAL A 70 8.38 -0.45 -7.05
CA VAL A 70 7.12 -0.48 -7.78
C VAL A 70 6.55 0.94 -7.93
N GLY A 71 5.53 1.07 -8.78
CA GLY A 71 4.92 2.37 -8.99
C GLY A 71 3.62 2.52 -8.24
N LYS A 72 2.68 3.27 -8.83
CA LYS A 72 1.38 3.50 -8.20
C LYS A 72 0.33 2.55 -8.78
N ASP A 73 0.67 1.88 -9.88
CA ASP A 73 -0.24 0.95 -10.52
C ASP A 73 -0.06 -0.46 -9.97
N HIS A 74 1.05 -0.67 -9.27
CA HIS A 74 1.34 -1.98 -8.69
C HIS A 74 0.25 -2.39 -7.70
N THR A 75 -0.39 -3.52 -7.98
CA THR A 75 -1.45 -4.02 -7.12
C THR A 75 -0.90 -4.50 -5.78
N LEU A 76 -1.61 -4.17 -4.71
CA LEU A 76 -1.19 -4.55 -3.37
C LEU A 76 -1.75 -5.93 -3.00
N GLU A 77 -0.99 -6.67 -2.20
CA GLU A 77 -1.42 -8.00 -1.78
C GLU A 77 -1.51 -8.07 -0.25
N ASP A 78 -2.39 -8.94 0.24
CA ASP A 78 -2.58 -9.12 1.67
C ASP A 78 -1.27 -9.53 2.35
N GLU A 79 -1.24 -9.43 3.68
CA GLU A 79 -0.06 -9.80 4.44
C GLU A 79 1.22 -9.38 3.70
N ASP A 80 1.24 -8.13 3.24
CA ASP A 80 2.39 -7.60 2.53
C ASP A 80 2.80 -6.24 3.08
N VAL A 81 4.10 -5.98 3.07
CA VAL A 81 4.63 -4.71 3.58
C VAL A 81 5.03 -3.78 2.44
N ILE A 82 4.71 -2.50 2.60
CA ILE A 82 5.04 -1.51 1.58
C ILE A 82 5.69 -0.28 2.20
N GLN A 83 6.59 0.35 1.44
CA GLN A 83 7.28 1.54 1.92
C GLN A 83 6.98 2.74 1.03
N ILE A 84 6.20 3.68 1.56
CA ILE A 84 5.83 4.88 0.82
C ILE A 84 6.92 5.94 0.92
N VAL A 85 7.61 6.18 -0.19
CA VAL A 85 8.68 7.18 -0.23
C VAL A 85 8.29 8.37 -1.10
N LYS A 86 8.28 9.55 -0.50
CA LYS A 86 7.92 10.76 -1.21
C LYS A 86 9.12 11.31 -1.98
N LYS A 87 8.86 11.97 -3.11
CA LYS A 87 9.92 12.55 -3.92
C LYS A 87 10.96 13.24 -3.06
N SER A 88 12.10 13.57 -3.65
CA SER A 88 13.17 14.23 -2.94
C SER A 88 13.22 15.72 -3.29
N GLY A 89 13.37 16.01 -4.58
CA GLY A 89 13.42 17.39 -5.02
C GLY A 89 12.05 18.01 -5.19
N PRO A 90 11.99 19.35 -5.29
CA PRO A 90 10.74 20.08 -5.44
C PRO A 90 10.10 19.86 -6.81
N SER A 91 8.83 19.47 -6.82
CA SER A 91 8.12 19.22 -8.06
C SER A 91 8.23 20.42 -9.00
N SER A 92 7.88 21.59 -8.50
CA SER A 92 7.94 22.81 -9.29
C SER A 92 9.39 23.25 -9.51
N GLY A 93 9.57 24.24 -10.38
CA GLY A 93 10.91 24.74 -10.67
C GLY A 93 10.90 25.95 -11.56
N GLY A 1 -18.83 1.03 7.90
CA GLY A 1 -20.05 0.28 8.02
C GLY A 1 -20.87 0.29 6.74
N SER A 2 -21.62 -0.80 6.51
CA SER A 2 -22.44 -0.91 5.31
C SER A 2 -23.74 -1.65 5.61
N SER A 3 -24.78 -1.33 4.85
CA SER A 3 -26.09 -1.97 5.04
C SER A 3 -26.09 -3.38 4.49
N GLY A 4 -25.89 -4.36 5.38
CA GLY A 4 -25.87 -5.75 4.96
C GLY A 4 -24.63 -6.49 5.44
N SER A 5 -23.91 -7.09 4.51
CA SER A 5 -22.70 -7.84 4.85
C SER A 5 -21.89 -8.15 3.60
N SER A 6 -20.71 -8.72 3.80
CA SER A 6 -19.82 -9.07 2.68
C SER A 6 -19.75 -10.58 2.50
N GLY A 7 -19.20 -11.00 1.37
CA GLY A 7 -19.07 -12.42 1.10
C GLY A 7 -18.01 -12.72 0.06
N TYR A 8 -18.00 -11.94 -1.02
CA TYR A 8 -17.03 -12.12 -2.10
C TYR A 8 -15.97 -11.03 -2.06
N LEU A 9 -16.06 -10.16 -1.06
CA LEU A 9 -15.10 -9.06 -0.92
C LEU A 9 -13.95 -9.47 0.00
N LYS A 10 -12.93 -10.08 -0.58
CA LYS A 10 -11.76 -10.51 0.18
C LYS A 10 -11.09 -9.33 0.88
N LEU A 11 -10.34 -9.61 1.93
CA LEU A 11 -9.64 -8.57 2.67
C LEU A 11 -8.15 -8.57 2.36
N VAL A 12 -7.56 -7.39 2.26
CA VAL A 12 -6.14 -7.25 1.97
C VAL A 12 -5.47 -6.28 2.94
N ARG A 13 -4.75 -6.84 3.92
CA ARG A 13 -4.06 -6.03 4.91
C ARG A 13 -2.69 -5.60 4.41
N ILE A 14 -2.41 -4.31 4.45
CA ILE A 14 -1.14 -3.77 4.01
C ILE A 14 -0.38 -3.12 5.15
N TYR A 15 0.76 -3.71 5.51
CA TYR A 15 1.58 -3.18 6.60
C TYR A 15 2.44 -2.02 6.11
N THR A 16 2.01 -0.80 6.42
CA THR A 16 2.74 0.40 6.01
C THR A 16 4.05 0.53 6.79
N LYS A 17 5.08 1.03 6.12
CA LYS A 17 6.38 1.22 6.76
C LYS A 17 6.90 2.64 6.55
N PRO A 18 7.04 3.40 7.64
CA PRO A 18 7.53 4.78 7.60
C PRO A 18 9.00 4.86 7.23
N LYS A 19 9.59 6.04 7.42
CA LYS A 19 11.00 6.25 7.12
C LYS A 19 11.83 6.31 8.38
N GLY A 20 11.21 5.96 9.51
CA GLY A 20 11.92 5.98 10.78
C GLY A 20 11.47 4.86 11.71
N GLN A 21 10.19 4.86 12.06
CA GLN A 21 9.63 3.85 12.94
C GLN A 21 9.52 2.50 12.23
N LEU A 22 9.06 1.49 12.95
CA LEU A 22 8.91 0.16 12.39
C LEU A 22 7.51 -0.03 11.81
N PRO A 23 7.40 -0.92 10.81
CA PRO A 23 6.12 -1.20 10.15
C PRO A 23 5.16 -1.96 11.06
N ASP A 24 3.99 -1.36 11.29
CA ASP A 24 2.97 -1.98 12.15
C ASP A 24 2.54 -3.33 11.59
N TYR A 25 2.22 -4.26 12.48
CA TYR A 25 1.80 -5.60 12.08
C TYR A 25 0.54 -6.01 12.84
N THR A 26 -0.05 -5.08 13.57
CA THR A 26 -1.26 -5.35 14.34
C THR A 26 -2.37 -4.37 13.98
N SER A 27 -1.98 -3.18 13.52
CA SER A 27 -2.94 -2.15 13.16
C SER A 27 -2.76 -1.72 11.71
N PRO A 28 -2.70 -2.72 10.80
CA PRO A 28 -2.52 -2.47 9.37
C PRO A 28 -3.75 -1.83 8.73
N VAL A 29 -3.64 -1.47 7.46
CA VAL A 29 -4.74 -0.84 6.73
C VAL A 29 -5.55 -1.88 5.97
N VAL A 30 -6.82 -2.03 6.36
CA VAL A 30 -7.70 -2.98 5.72
C VAL A 30 -8.34 -2.40 4.46
N LEU A 31 -7.86 -2.82 3.30
CA LEU A 31 -8.37 -2.33 2.03
C LEU A 31 -9.20 -3.41 1.33
N PRO A 32 -10.27 -2.99 0.65
CA PRO A 32 -11.15 -3.90 -0.09
C PRO A 32 -10.48 -4.49 -1.32
N TYR A 33 -10.51 -5.81 -1.42
CA TYR A 33 -9.90 -6.50 -2.56
C TYR A 33 -10.26 -5.81 -3.87
N SER A 34 -11.55 -5.71 -4.15
CA SER A 34 -12.02 -5.08 -5.38
C SER A 34 -11.17 -3.85 -5.72
N ARG A 35 -10.69 -3.18 -4.68
CA ARG A 35 -9.86 -1.99 -4.87
C ARG A 35 -8.56 -2.10 -4.07
N THR A 36 -7.49 -2.52 -4.74
CA THR A 36 -6.20 -2.66 -4.10
C THR A 36 -5.08 -2.19 -5.02
N THR A 37 -4.44 -1.08 -4.63
CA THR A 37 -3.35 -0.52 -5.42
C THR A 37 -2.58 0.52 -4.62
N VAL A 38 -1.27 0.59 -4.84
CA VAL A 38 -0.42 1.54 -4.14
C VAL A 38 -1.09 2.91 -4.02
N GLU A 39 -1.75 3.33 -5.10
CA GLU A 39 -2.44 4.61 -5.12
C GLU A 39 -3.62 4.60 -4.17
N ASP A 40 -4.34 3.48 -4.12
CA ASP A 40 -5.50 3.34 -3.26
C ASP A 40 -5.10 3.45 -1.78
N PHE A 41 -3.91 2.97 -1.48
CA PHE A 41 -3.40 3.01 -0.11
C PHE A 41 -3.03 4.42 0.30
N CYS A 42 -2.33 5.13 -0.58
CA CYS A 42 -1.92 6.50 -0.33
C CYS A 42 -3.11 7.36 0.06
N MET A 43 -4.26 7.10 -0.56
CA MET A 43 -5.47 7.85 -0.27
C MET A 43 -5.89 7.69 1.18
N LYS A 44 -5.82 6.46 1.68
CA LYS A 44 -6.20 6.16 3.05
C LYS A 44 -5.39 7.01 4.03
N ILE A 45 -4.10 7.16 3.74
CA ILE A 45 -3.22 7.95 4.60
C ILE A 45 -3.43 9.44 4.38
N HIS A 46 -2.98 9.93 3.22
CA HIS A 46 -3.12 11.34 2.90
C HIS A 46 -3.58 11.52 1.45
N LYS A 47 -4.65 12.28 1.27
CA LYS A 47 -5.21 12.52 -0.06
C LYS A 47 -4.21 13.29 -0.93
N ASN A 48 -3.12 13.74 -0.31
CA ASN A 48 -2.09 14.49 -1.03
C ASN A 48 -0.74 13.80 -0.90
N LEU A 49 -0.76 12.47 -0.88
CA LEU A 49 0.47 11.69 -0.77
C LEU A 49 0.89 11.12 -2.12
N ILE A 50 -0.10 10.79 -2.94
CA ILE A 50 0.16 10.24 -4.27
C ILE A 50 0.96 11.22 -5.11
N LYS A 51 0.84 12.51 -4.80
CA LYS A 51 1.56 13.54 -5.53
C LYS A 51 3.06 13.47 -5.25
N GLU A 52 3.41 13.16 -4.01
CA GLU A 52 4.81 13.06 -3.61
C GLU A 52 5.33 11.63 -3.79
N PHE A 53 4.40 10.67 -3.77
CA PHE A 53 4.76 9.27 -3.91
C PHE A 53 5.71 9.08 -5.08
N LYS A 54 6.89 8.50 -4.79
CA LYS A 54 7.89 8.26 -5.81
C LYS A 54 7.95 6.78 -6.17
N TYR A 55 7.81 5.92 -5.16
CA TYR A 55 7.85 4.48 -5.37
C TYR A 55 7.41 3.73 -4.12
N ALA A 56 7.26 2.42 -4.24
CA ALA A 56 6.85 1.59 -3.12
C ALA A 56 7.64 0.30 -3.07
N LEU A 57 8.07 -0.09 -1.87
CA LEU A 57 8.85 -1.31 -1.69
C LEU A 57 7.98 -2.43 -1.11
N VAL A 58 7.73 -3.45 -1.92
CA VAL A 58 6.93 -4.58 -1.49
C VAL A 58 7.80 -5.72 -0.97
N TRP A 59 7.38 -6.31 0.15
CA TRP A 59 8.13 -7.41 0.76
C TRP A 59 7.25 -8.65 0.92
N GLY A 60 6.29 -8.81 0.00
CA GLY A 60 5.40 -9.95 0.06
C GLY A 60 5.62 -10.91 -1.09
N LEU A 61 4.83 -11.99 -1.11
CA LEU A 61 4.95 -12.99 -2.17
C LEU A 61 4.58 -12.40 -3.53
N SER A 62 3.73 -11.38 -3.52
CA SER A 62 3.31 -10.72 -4.75
C SER A 62 4.50 -10.44 -5.65
N VAL A 63 5.65 -10.17 -5.03
CA VAL A 63 6.87 -9.87 -5.77
C VAL A 63 7.86 -11.03 -5.69
N LYS A 64 8.37 -11.44 -6.84
CA LYS A 64 9.33 -12.53 -6.91
C LYS A 64 10.51 -12.27 -5.98
N HIS A 65 11.15 -11.11 -6.15
CA HIS A 65 12.29 -10.74 -5.33
C HIS A 65 12.07 -9.38 -4.66
N ASN A 66 12.61 -9.22 -3.47
CA ASN A 66 12.48 -7.97 -2.73
C ASN A 66 13.76 -7.64 -1.98
N PRO A 67 13.91 -6.36 -1.61
CA PRO A 67 12.92 -5.32 -1.90
C PRO A 67 12.85 -4.99 -3.40
N GLN A 68 11.63 -4.80 -3.90
CA GLN A 68 11.43 -4.48 -5.31
C GLN A 68 10.80 -3.11 -5.47
N LYS A 69 11.27 -2.36 -6.46
CA LYS A 69 10.75 -1.03 -6.72
C LYS A 69 9.48 -1.08 -7.56
N VAL A 70 8.37 -0.62 -7.00
CA VAL A 70 7.09 -0.62 -7.70
C VAL A 70 6.53 0.79 -7.80
N GLY A 71 5.66 1.00 -8.79
CA GLY A 71 5.05 2.31 -8.99
C GLY A 71 3.69 2.42 -8.33
N LYS A 72 2.90 3.39 -8.77
CA LYS A 72 1.57 3.60 -8.23
C LYS A 72 0.55 2.71 -8.92
N ASP A 73 0.98 2.02 -9.98
CA ASP A 73 0.11 1.12 -10.72
C ASP A 73 0.26 -0.31 -10.26
N HIS A 74 1.14 -0.52 -9.28
CA HIS A 74 1.38 -1.85 -8.75
C HIS A 74 0.26 -2.28 -7.80
N THR A 75 -0.28 -3.46 -8.02
CA THR A 75 -1.35 -3.98 -7.19
C THR A 75 -0.83 -4.41 -5.81
N LEU A 76 -1.64 -4.18 -4.78
CA LEU A 76 -1.26 -4.54 -3.42
C LEU A 76 -1.79 -5.92 -3.05
N GLU A 77 -0.98 -6.70 -2.35
CA GLU A 77 -1.37 -8.04 -1.94
C GLU A 77 -1.60 -8.10 -0.43
N ASP A 78 -2.34 -9.11 0.00
CA ASP A 78 -2.64 -9.29 1.42
C ASP A 78 -1.38 -9.64 2.21
N GLU A 79 -1.30 -9.16 3.44
CA GLU A 79 -0.15 -9.42 4.30
C GLU A 79 1.15 -9.02 3.60
N ASP A 80 1.21 -7.78 3.13
CA ASP A 80 2.38 -7.28 2.44
C ASP A 80 2.81 -5.93 3.02
N VAL A 81 4.12 -5.73 3.15
CA VAL A 81 4.66 -4.49 3.69
C VAL A 81 5.06 -3.53 2.56
N ILE A 82 4.60 -2.29 2.66
CA ILE A 82 4.91 -1.28 1.67
C ILE A 82 5.56 -0.06 2.30
N GLN A 83 6.60 0.46 1.64
CA GLN A 83 7.30 1.64 2.15
C GLN A 83 7.08 2.84 1.24
N ILE A 84 6.10 3.68 1.60
CA ILE A 84 5.79 4.86 0.82
C ILE A 84 6.91 5.90 0.91
N VAL A 85 7.57 6.13 -0.22
CA VAL A 85 8.67 7.10 -0.26
C VAL A 85 8.25 8.35 -1.03
N LYS A 86 8.67 9.50 -0.52
CA LYS A 86 8.34 10.78 -1.15
C LYS A 86 9.58 11.38 -1.83
N LYS A 87 9.46 11.62 -3.14
CA LYS A 87 10.55 12.19 -3.91
C LYS A 87 11.07 13.47 -3.26
N SER A 88 12.39 13.54 -3.06
CA SER A 88 13.01 14.71 -2.44
C SER A 88 14.34 15.02 -3.10
N GLY A 89 14.45 16.22 -3.67
CA GLY A 89 15.68 16.62 -4.32
C GLY A 89 16.15 17.99 -3.87
N PRO A 90 16.85 18.02 -2.73
CA PRO A 90 17.38 19.27 -2.16
C PRO A 90 18.52 19.85 -2.99
N SER A 91 19.06 19.03 -3.90
CA SER A 91 20.16 19.46 -4.75
C SER A 91 19.72 20.57 -5.70
N SER A 92 18.43 20.57 -6.05
CA SER A 92 17.88 21.57 -6.95
C SER A 92 16.85 22.44 -6.22
N GLY A 93 17.06 23.75 -6.25
CA GLY A 93 16.15 24.67 -5.60
C GLY A 93 16.13 26.04 -6.26
N GLY A 1 -36.57 -6.18 -3.67
CA GLY A 1 -36.61 -5.04 -2.78
C GLY A 1 -35.32 -4.24 -2.78
N SER A 2 -35.18 -3.37 -1.78
CA SER A 2 -33.98 -2.53 -1.68
C SER A 2 -33.08 -3.01 -0.54
N SER A 3 -32.92 -4.32 -0.43
CA SER A 3 -32.10 -4.91 0.61
C SER A 3 -30.89 -5.63 0.02
N GLY A 4 -29.87 -5.85 0.84
CA GLY A 4 -28.68 -6.53 0.37
C GLY A 4 -27.61 -6.63 1.45
N SER A 5 -27.70 -7.68 2.28
CA SER A 5 -26.75 -7.88 3.35
C SER A 5 -25.77 -9.00 3.01
N SER A 6 -24.71 -8.65 2.30
CA SER A 6 -23.71 -9.62 1.89
C SER A 6 -22.32 -8.99 1.84
N GLY A 7 -21.32 -9.79 1.50
CA GLY A 7 -19.96 -9.29 1.42
C GLY A 7 -18.95 -10.38 1.09
N TYR A 8 -18.61 -10.50 -0.19
CA TYR A 8 -17.67 -11.51 -0.63
C TYR A 8 -16.34 -10.87 -1.03
N LEU A 9 -16.16 -9.61 -0.65
CA LEU A 9 -14.94 -8.88 -0.96
C LEU A 9 -13.81 -9.28 0.00
N LYS A 10 -12.80 -9.96 -0.53
CA LYS A 10 -11.67 -10.39 0.28
C LYS A 10 -11.00 -9.20 0.96
N LEU A 11 -10.49 -9.43 2.17
CA LEU A 11 -9.82 -8.38 2.92
C LEU A 11 -8.31 -8.42 2.69
N VAL A 12 -7.77 -7.32 2.16
CA VAL A 12 -6.34 -7.23 1.89
C VAL A 12 -5.67 -6.22 2.82
N ARG A 13 -5.11 -6.70 3.92
CA ARG A 13 -4.44 -5.84 4.87
C ARG A 13 -3.02 -5.53 4.43
N ILE A 14 -2.60 -4.27 4.62
CA ILE A 14 -1.27 -3.84 4.23
C ILE A 14 -0.54 -3.19 5.41
N TYR A 15 0.71 -3.59 5.62
CA TYR A 15 1.51 -3.05 6.70
C TYR A 15 2.48 -2.00 6.19
N THR A 16 2.18 -0.73 6.49
CA THR A 16 3.03 0.38 6.06
C THR A 16 4.37 0.36 6.78
N LYS A 17 5.43 0.66 6.05
CA LYS A 17 6.77 0.68 6.62
C LYS A 17 7.28 2.12 6.77
N PRO A 18 7.55 2.53 8.01
CA PRO A 18 8.04 3.88 8.32
C PRO A 18 9.48 4.09 7.84
N LYS A 19 9.73 5.26 7.27
CA LYS A 19 11.06 5.59 6.77
C LYS A 19 12.10 5.51 7.88
N GLY A 20 12.89 4.43 7.86
CA GLY A 20 13.92 4.26 8.87
C GLY A 20 13.51 3.26 9.94
N GLN A 21 12.33 3.45 10.51
CA GLN A 21 11.82 2.57 11.55
C GLN A 21 11.20 1.32 10.94
N LEU A 22 10.74 0.41 11.80
CA LEU A 22 10.12 -0.83 11.34
C LEU A 22 8.63 -0.63 11.09
N PRO A 23 8.05 -1.49 10.24
CA PRO A 23 6.63 -1.44 9.90
C PRO A 23 5.73 -1.83 11.07
N ASP A 24 4.54 -1.24 11.12
CA ASP A 24 3.59 -1.53 12.19
C ASP A 24 2.68 -2.69 11.81
N TYR A 25 2.60 -3.68 12.69
CA TYR A 25 1.77 -4.85 12.44
C TYR A 25 0.62 -4.93 13.44
N THR A 26 0.33 -3.81 14.09
CA THR A 26 -0.74 -3.75 15.08
C THR A 26 -1.95 -3.00 14.52
N SER A 27 -1.69 -1.90 13.82
CA SER A 27 -2.75 -1.09 13.25
C SER A 27 -2.58 -0.95 11.74
N PRO A 28 -2.68 -2.08 11.03
CA PRO A 28 -2.53 -2.12 9.58
C PRO A 28 -3.71 -1.46 8.87
N VAL A 29 -3.64 -1.43 7.53
CA VAL A 29 -4.71 -0.83 6.73
C VAL A 29 -5.51 -1.89 5.99
N VAL A 30 -6.80 -1.98 6.29
CA VAL A 30 -7.67 -2.96 5.66
C VAL A 30 -8.22 -2.43 4.35
N LEU A 31 -7.66 -2.90 3.24
CA LEU A 31 -8.10 -2.47 1.91
C LEU A 31 -8.91 -3.56 1.23
N PRO A 32 -9.94 -3.14 0.47
CA PRO A 32 -10.82 -4.07 -0.26
C PRO A 32 -10.10 -4.76 -1.41
N TYR A 33 -10.48 -6.01 -1.68
CA TYR A 33 -9.88 -6.78 -2.76
C TYR A 33 -10.17 -6.13 -4.11
N SER A 34 -11.45 -6.00 -4.43
CA SER A 34 -11.86 -5.41 -5.69
C SER A 34 -10.99 -4.22 -6.05
N ARG A 35 -10.61 -3.45 -5.03
CA ARG A 35 -9.77 -2.28 -5.23
C ARG A 35 -8.48 -2.38 -4.42
N THR A 36 -7.42 -2.85 -5.05
CA THR A 36 -6.13 -3.00 -4.38
C THR A 36 -4.99 -2.49 -5.26
N THR A 37 -4.33 -1.43 -4.80
CA THR A 37 -3.22 -0.85 -5.55
C THR A 37 -2.44 0.15 -4.70
N VAL A 38 -1.17 0.34 -5.01
CA VAL A 38 -0.32 1.26 -4.27
C VAL A 38 -1.01 2.60 -4.07
N GLU A 39 -1.79 3.01 -5.06
CA GLU A 39 -2.51 4.28 -4.98
C GLU A 39 -3.64 4.21 -3.97
N ASP A 40 -4.39 3.10 -4.00
CA ASP A 40 -5.49 2.90 -3.08
C ASP A 40 -5.06 3.11 -1.64
N PHE A 41 -3.80 2.76 -1.35
CA PHE A 41 -3.26 2.93 0.00
C PHE A 41 -2.93 4.38 0.29
N CYS A 42 -2.22 5.01 -0.65
CA CYS A 42 -1.82 6.41 -0.49
C CYS A 42 -3.01 7.25 -0.04
N MET A 43 -4.18 6.98 -0.61
CA MET A 43 -5.39 7.72 -0.25
C MET A 43 -5.73 7.55 1.22
N LYS A 44 -5.68 6.31 1.69
CA LYS A 44 -5.97 6.00 3.09
C LYS A 44 -5.18 6.91 4.02
N ILE A 45 -3.96 7.24 3.61
CA ILE A 45 -3.10 8.10 4.42
C ILE A 45 -3.37 9.57 4.13
N HIS A 46 -3.01 10.01 2.93
CA HIS A 46 -3.22 11.40 2.52
C HIS A 46 -3.71 11.47 1.08
N LYS A 47 -4.68 12.35 0.83
CA LYS A 47 -5.22 12.53 -0.51
C LYS A 47 -4.22 13.22 -1.42
N ASN A 48 -3.22 13.86 -0.82
CA ASN A 48 -2.19 14.56 -1.58
C ASN A 48 -0.84 13.88 -1.42
N LEU A 49 -0.85 12.56 -1.30
CA LEU A 49 0.37 11.79 -1.13
C LEU A 49 0.88 11.27 -2.48
N ILE A 50 -0.03 10.66 -3.25
CA ILE A 50 0.33 10.13 -4.56
C ILE A 50 1.16 11.13 -5.36
N LYS A 51 0.89 12.41 -5.15
CA LYS A 51 1.61 13.47 -5.85
C LYS A 51 3.08 13.47 -5.45
N GLU A 52 3.35 13.21 -4.17
CA GLU A 52 4.72 13.18 -3.67
C GLU A 52 5.28 11.76 -3.72
N PHE A 53 4.41 10.79 -3.89
CA PHE A 53 4.81 9.39 -3.96
C PHE A 53 5.73 9.15 -5.15
N LYS A 54 6.93 8.63 -4.86
CA LYS A 54 7.91 8.35 -5.92
C LYS A 54 7.95 6.87 -6.24
N TYR A 55 7.91 6.04 -5.21
CA TYR A 55 7.95 4.59 -5.39
C TYR A 55 7.55 3.87 -4.10
N ALA A 56 7.27 2.58 -4.21
CA ALA A 56 6.88 1.78 -3.06
C ALA A 56 7.63 0.45 -3.03
N LEU A 57 8.12 0.08 -1.86
CA LEU A 57 8.86 -1.16 -1.70
C LEU A 57 7.98 -2.24 -1.07
N VAL A 58 7.50 -3.17 -1.90
CA VAL A 58 6.64 -4.24 -1.41
C VAL A 58 7.48 -5.45 -0.98
N TRP A 59 7.06 -6.09 0.11
CA TRP A 59 7.77 -7.26 0.63
C TRP A 59 6.81 -8.42 0.85
N GLY A 60 6.69 -9.26 -0.17
CA GLY A 60 5.80 -10.42 -0.08
C GLY A 60 5.87 -11.30 -1.30
N LEU A 61 4.76 -11.95 -1.62
CA LEU A 61 4.69 -12.84 -2.78
C LEU A 61 4.38 -12.06 -4.05
N SER A 62 3.74 -10.90 -3.89
CA SER A 62 3.38 -10.06 -5.02
C SER A 62 4.62 -9.78 -5.89
N VAL A 63 5.79 -9.97 -5.31
CA VAL A 63 7.04 -9.75 -6.03
C VAL A 63 7.95 -10.96 -5.95
N LYS A 64 8.87 -11.06 -6.90
CA LYS A 64 9.81 -12.18 -6.94
C LYS A 64 11.06 -11.88 -6.13
N HIS A 65 11.53 -10.63 -6.21
CA HIS A 65 12.72 -10.22 -5.48
C HIS A 65 12.49 -8.87 -4.80
N ASN A 66 12.47 -8.88 -3.47
CA ASN A 66 12.25 -7.66 -2.70
C ASN A 66 13.52 -7.26 -1.95
N PRO A 67 13.64 -5.96 -1.63
CA PRO A 67 12.62 -4.97 -1.97
C PRO A 67 12.55 -4.69 -3.46
N GLN A 68 11.33 -4.57 -3.99
CA GLN A 68 11.14 -4.31 -5.41
C GLN A 68 10.54 -2.92 -5.62
N LYS A 69 11.20 -2.12 -6.48
CA LYS A 69 10.74 -0.77 -6.76
C LYS A 69 9.48 -0.81 -7.64
N VAL A 70 8.39 -0.27 -7.11
CA VAL A 70 7.13 -0.23 -7.85
C VAL A 70 6.56 1.18 -7.88
N GLY A 71 5.52 1.37 -8.68
CA GLY A 71 4.89 2.68 -8.80
C GLY A 71 3.51 2.71 -8.19
N LYS A 72 2.57 3.35 -8.89
CA LYS A 72 1.20 3.46 -8.41
C LYS A 72 0.29 2.49 -9.17
N ASP A 73 0.82 1.88 -10.21
CA ASP A 73 0.06 0.93 -11.02
C ASP A 73 0.26 -0.50 -10.50
N HIS A 74 1.09 -0.64 -9.48
CA HIS A 74 1.36 -1.95 -8.90
C HIS A 74 0.20 -2.41 -8.03
N THR A 75 -0.06 -3.72 -8.03
CA THR A 75 -1.14 -4.29 -7.25
C THR A 75 -0.63 -4.82 -5.91
N LEU A 76 -1.32 -4.45 -4.83
CA LEU A 76 -0.93 -4.89 -3.50
C LEU A 76 -1.52 -6.26 -3.19
N GLU A 77 -1.00 -6.89 -2.13
CA GLU A 77 -1.47 -8.21 -1.73
C GLU A 77 -1.79 -8.25 -0.24
N ASP A 78 -2.50 -9.29 0.18
CA ASP A 78 -2.87 -9.43 1.58
C ASP A 78 -1.64 -9.72 2.44
N GLU A 79 -1.64 -9.19 3.66
CA GLU A 79 -0.52 -9.38 4.58
C GLU A 79 0.80 -9.00 3.92
N ASP A 80 0.80 -7.88 3.22
CA ASP A 80 2.00 -7.41 2.53
C ASP A 80 2.46 -6.08 3.09
N VAL A 81 3.77 -5.88 3.15
CA VAL A 81 4.34 -4.64 3.67
C VAL A 81 4.79 -3.72 2.54
N ILE A 82 4.57 -2.42 2.72
CA ILE A 82 4.94 -1.44 1.71
C ILE A 82 5.72 -0.28 2.34
N GLN A 83 6.49 0.43 1.52
CA GLN A 83 7.28 1.56 1.99
C GLN A 83 7.04 2.78 1.12
N ILE A 84 6.16 3.67 1.59
CA ILE A 84 5.84 4.89 0.86
C ILE A 84 6.99 5.89 0.93
N VAL A 85 7.64 6.12 -0.22
CA VAL A 85 8.75 7.05 -0.29
C VAL A 85 8.36 8.33 -1.02
N LYS A 86 8.78 9.47 -0.49
CA LYS A 86 8.47 10.77 -1.08
C LYS A 86 9.71 11.39 -1.69
N LYS A 87 9.59 11.87 -2.93
CA LYS A 87 10.70 12.50 -3.62
C LYS A 87 11.49 13.39 -2.68
N SER A 88 12.82 13.39 -2.82
CA SER A 88 13.69 14.20 -1.98
C SER A 88 14.74 14.92 -2.81
N GLY A 89 14.85 16.23 -2.62
CA GLY A 89 15.82 17.00 -3.37
C GLY A 89 16.68 17.87 -2.47
N PRO A 90 17.34 18.88 -3.07
CA PRO A 90 18.21 19.79 -2.34
C PRO A 90 17.43 20.73 -1.41
N SER A 91 16.25 21.15 -1.88
CA SER A 91 15.40 22.04 -1.10
C SER A 91 14.01 22.14 -1.71
N SER A 92 12.99 22.02 -0.86
CA SER A 92 11.61 22.08 -1.31
C SER A 92 11.01 23.47 -1.05
N GLY A 93 10.21 23.95 -1.98
CA GLY A 93 9.59 25.25 -1.83
C GLY A 93 9.49 26.00 -3.15
N GLY A 1 -38.19 -15.33 2.37
CA GLY A 1 -37.83 -16.73 2.54
C GLY A 1 -37.29 -17.34 1.27
N SER A 2 -36.33 -16.67 0.64
CA SER A 2 -35.72 -17.15 -0.59
C SER A 2 -34.20 -17.15 -0.50
N SER A 3 -33.62 -18.35 -0.46
CA SER A 3 -32.17 -18.49 -0.35
C SER A 3 -31.47 -17.44 -1.19
N GLY A 4 -30.42 -16.84 -0.63
CA GLY A 4 -29.67 -15.82 -1.34
C GLY A 4 -28.63 -15.14 -0.46
N SER A 5 -27.44 -14.94 -1.00
CA SER A 5 -26.36 -14.30 -0.26
C SER A 5 -25.36 -13.64 -1.21
N SER A 6 -24.83 -12.49 -0.80
CA SER A 6 -23.87 -11.77 -1.61
C SER A 6 -22.91 -10.97 -0.73
N GLY A 7 -21.87 -10.41 -1.35
CA GLY A 7 -20.90 -9.63 -0.62
C GLY A 7 -19.57 -10.35 -0.47
N TYR A 8 -18.87 -10.55 -1.59
CA TYR A 8 -17.58 -11.23 -1.59
C TYR A 8 -16.44 -10.23 -1.49
N LEU A 9 -16.77 -9.00 -1.09
CA LEU A 9 -15.77 -7.95 -0.95
C LEU A 9 -14.75 -8.30 0.13
N LYS A 10 -13.72 -9.05 -0.26
CA LYS A 10 -12.68 -9.45 0.68
C LYS A 10 -11.81 -8.26 1.05
N LEU A 11 -11.15 -8.36 2.21
CA LEU A 11 -10.28 -7.29 2.69
C LEU A 11 -8.84 -7.78 2.85
N VAL A 12 -7.91 -7.08 2.23
CA VAL A 12 -6.50 -7.45 2.31
C VAL A 12 -5.73 -6.48 3.21
N ARG A 13 -4.87 -7.04 4.06
CA ARG A 13 -4.07 -6.24 4.97
C ARG A 13 -2.79 -5.75 4.30
N ILE A 14 -2.44 -4.50 4.55
CA ILE A 14 -1.24 -3.91 3.97
C ILE A 14 -0.41 -3.19 5.03
N TYR A 15 0.68 -3.83 5.46
CA TYR A 15 1.56 -3.26 6.48
C TYR A 15 2.40 -2.12 5.89
N THR A 16 2.33 -0.95 6.53
CA THR A 16 3.07 0.21 6.07
C THR A 16 4.45 0.27 6.72
N LYS A 17 5.43 0.72 5.95
CA LYS A 17 6.80 0.83 6.45
C LYS A 17 7.23 2.28 6.55
N PRO A 18 7.58 2.72 7.76
CA PRO A 18 8.02 4.10 8.01
C PRO A 18 9.40 4.39 7.41
N LYS A 19 9.61 5.64 7.03
CA LYS A 19 10.88 6.04 6.44
C LYS A 19 12.03 5.82 7.42
N GLY A 20 12.74 4.70 7.24
CA GLY A 20 13.86 4.39 8.11
C GLY A 20 13.51 3.34 9.14
N GLN A 21 12.49 3.61 9.94
CA GLN A 21 12.06 2.66 10.97
C GLN A 21 11.46 1.41 10.35
N LEU A 22 11.19 0.42 11.19
CA LEU A 22 10.61 -0.84 10.72
C LEU A 22 9.10 -0.73 10.58
N PRO A 23 8.53 -1.52 9.67
CA PRO A 23 7.08 -1.53 9.41
C PRO A 23 6.31 -2.15 10.57
N ASP A 24 5.35 -1.38 11.10
CA ASP A 24 4.53 -1.86 12.21
C ASP A 24 3.50 -2.87 11.73
N TYR A 25 3.16 -3.82 12.60
CA TYR A 25 2.19 -4.86 12.27
C TYR A 25 1.03 -4.86 13.26
N THR A 26 0.77 -3.69 13.86
CA THR A 26 -0.32 -3.55 14.82
C THR A 26 -1.28 -2.46 14.40
N SER A 27 -0.83 -1.58 13.50
CA SER A 27 -1.66 -0.48 13.03
C SER A 27 -1.65 -0.42 11.50
N PRO A 28 -1.83 -1.58 10.86
CA PRO A 28 -1.84 -1.69 9.40
C PRO A 28 -3.09 -1.04 8.79
N VAL A 29 -3.32 -1.32 7.50
CA VAL A 29 -4.48 -0.78 6.81
C VAL A 29 -5.25 -1.88 6.09
N VAL A 30 -6.57 -1.86 6.25
CA VAL A 30 -7.44 -2.85 5.62
C VAL A 30 -8.05 -2.31 4.34
N LEU A 31 -7.46 -2.64 3.20
CA LEU A 31 -7.96 -2.19 1.91
C LEU A 31 -8.84 -3.25 1.26
N PRO A 32 -9.78 -2.80 0.41
CA PRO A 32 -10.70 -3.70 -0.30
C PRO A 32 -10.00 -4.53 -1.36
N TYR A 33 -10.54 -5.71 -1.65
CA TYR A 33 -9.97 -6.60 -2.64
C TYR A 33 -10.11 -6.02 -4.04
N SER A 34 -11.34 -5.97 -4.53
CA SER A 34 -11.62 -5.44 -5.86
C SER A 34 -10.69 -4.27 -6.18
N ARG A 35 -10.51 -3.38 -5.21
CA ARG A 35 -9.64 -2.22 -5.39
C ARG A 35 -8.36 -2.37 -4.58
N THR A 36 -7.29 -2.79 -5.24
CA THR A 36 -6.01 -2.98 -4.57
C THR A 36 -4.86 -2.42 -5.41
N THR A 37 -4.27 -1.33 -4.96
CA THR A 37 -3.16 -0.70 -5.67
C THR A 37 -2.42 0.28 -4.78
N VAL A 38 -1.11 0.39 -4.99
CA VAL A 38 -0.28 1.30 -4.21
C VAL A 38 -0.98 2.64 -4.01
N GLU A 39 -1.57 3.16 -5.08
CA GLU A 39 -2.27 4.44 -5.02
C GLU A 39 -3.45 4.38 -4.05
N ASP A 40 -4.22 3.31 -4.15
CA ASP A 40 -5.38 3.12 -3.28
C ASP A 40 -4.99 3.27 -1.82
N PHE A 41 -3.82 2.76 -1.47
CA PHE A 41 -3.32 2.84 -0.09
C PHE A 41 -2.99 4.28 0.28
N CYS A 42 -2.29 4.96 -0.62
CA CYS A 42 -1.89 6.36 -0.38
C CYS A 42 -3.10 7.21 -0.04
N MET A 43 -4.23 6.91 -0.65
CA MET A 43 -5.46 7.65 -0.41
C MET A 43 -5.88 7.55 1.06
N LYS A 44 -5.75 6.35 1.62
CA LYS A 44 -6.10 6.13 3.01
C LYS A 44 -5.29 7.03 3.94
N ILE A 45 -4.04 7.30 3.56
CA ILE A 45 -3.17 8.15 4.36
C ILE A 45 -3.47 9.63 4.10
N HIS A 46 -3.12 10.10 2.91
CA HIS A 46 -3.35 11.49 2.54
C HIS A 46 -3.76 11.61 1.08
N LYS A 47 -4.98 12.10 0.85
CA LYS A 47 -5.48 12.27 -0.51
C LYS A 47 -4.49 13.03 -1.37
N ASN A 48 -3.58 13.76 -0.73
CA ASN A 48 -2.57 14.53 -1.45
C ASN A 48 -1.19 13.90 -1.29
N LEU A 49 -1.17 12.58 -1.16
CA LEU A 49 0.09 11.85 -1.00
C LEU A 49 0.58 11.32 -2.34
N ILE A 50 -0.33 10.73 -3.11
CA ILE A 50 0.01 10.16 -4.41
C ILE A 50 0.86 11.13 -5.21
N LYS A 51 0.57 12.42 -5.09
CA LYS A 51 1.31 13.45 -5.80
C LYS A 51 2.79 13.43 -5.40
N GLU A 52 3.05 13.25 -4.11
CA GLU A 52 4.41 13.21 -3.60
C GLU A 52 4.98 11.79 -3.65
N PHE A 53 4.08 10.81 -3.76
CA PHE A 53 4.48 9.41 -3.82
C PHE A 53 5.43 9.16 -4.98
N LYS A 54 6.59 8.58 -4.67
CA LYS A 54 7.59 8.29 -5.69
C LYS A 54 7.57 6.81 -6.07
N TYR A 55 7.87 5.96 -5.11
CA TYR A 55 7.88 4.52 -5.35
C TYR A 55 7.55 3.75 -4.07
N ALA A 56 7.30 2.45 -4.22
CA ALA A 56 6.97 1.61 -3.08
C ALA A 56 7.78 0.32 -3.09
N LEU A 57 8.33 -0.05 -1.92
CA LEU A 57 9.13 -1.25 -1.81
C LEU A 57 8.35 -2.36 -1.11
N VAL A 58 7.79 -3.27 -1.91
CA VAL A 58 7.02 -4.39 -1.36
C VAL A 58 7.93 -5.50 -0.87
N TRP A 59 7.51 -6.18 0.18
CA TRP A 59 8.30 -7.28 0.75
C TRP A 59 7.41 -8.50 1.03
N GLY A 60 7.29 -9.37 0.05
CA GLY A 60 6.48 -10.56 0.21
C GLY A 60 6.45 -11.43 -1.04
N LEU A 61 5.40 -12.23 -1.18
CA LEU A 61 5.25 -13.11 -2.33
C LEU A 61 4.96 -12.30 -3.60
N SER A 62 4.13 -11.28 -3.45
CA SER A 62 3.77 -10.42 -4.58
C SER A 62 4.96 -10.23 -5.52
N VAL A 63 6.15 -10.13 -4.93
CA VAL A 63 7.37 -9.94 -5.72
C VAL A 63 8.29 -11.16 -5.61
N LYS A 64 9.26 -11.24 -6.51
CA LYS A 64 10.21 -12.34 -6.50
C LYS A 64 11.53 -11.93 -5.86
N HIS A 65 11.93 -10.69 -6.11
CA HIS A 65 13.18 -10.16 -5.55
C HIS A 65 12.95 -8.80 -4.91
N ASN A 66 12.93 -8.78 -3.57
CA ASN A 66 12.72 -7.54 -2.83
C ASN A 66 14.02 -7.09 -2.15
N PRO A 67 14.08 -5.79 -1.83
CA PRO A 67 12.99 -4.85 -2.09
C PRO A 67 12.81 -4.56 -3.58
N GLN A 68 11.56 -4.59 -4.03
CA GLN A 68 11.27 -4.33 -5.44
C GLN A 68 10.65 -2.94 -5.62
N LYS A 69 11.28 -2.13 -6.46
CA LYS A 69 10.80 -0.78 -6.71
C LYS A 69 9.54 -0.81 -7.59
N VAL A 70 8.39 -0.53 -6.98
CA VAL A 70 7.13 -0.53 -7.70
C VAL A 70 6.59 0.88 -7.84
N GLY A 71 5.58 1.04 -8.70
CA GLY A 71 4.99 2.36 -8.91
C GLY A 71 3.64 2.50 -8.24
N LYS A 72 2.79 3.35 -8.78
CA LYS A 72 1.46 3.58 -8.23
C LYS A 72 0.44 2.65 -8.87
N ASP A 73 0.80 2.06 -10.00
CA ASP A 73 -0.09 1.15 -10.70
C ASP A 73 0.09 -0.28 -10.20
N HIS A 74 1.08 -0.47 -9.34
CA HIS A 74 1.36 -1.79 -8.78
C HIS A 74 0.21 -2.27 -7.90
N THR A 75 -0.14 -3.54 -8.02
CA THR A 75 -1.23 -4.12 -7.25
C THR A 75 -0.73 -4.63 -5.90
N LEU A 76 -1.46 -4.32 -4.84
CA LEU A 76 -1.09 -4.75 -3.50
C LEU A 76 -1.73 -6.09 -3.16
N GLU A 77 -1.17 -6.77 -2.16
CA GLU A 77 -1.68 -8.07 -1.74
C GLU A 77 -1.86 -8.13 -0.22
N ASP A 78 -2.61 -9.11 0.25
CA ASP A 78 -2.86 -9.27 1.68
C ASP A 78 -1.60 -9.74 2.40
N GLU A 79 -1.38 -9.23 3.60
CA GLU A 79 -0.21 -9.60 4.39
C GLU A 79 1.08 -9.21 3.67
N ASP A 80 1.13 -7.97 3.19
CA ASP A 80 2.31 -7.48 2.49
C ASP A 80 2.78 -6.14 3.08
N VAL A 81 4.09 -5.97 3.16
CA VAL A 81 4.67 -4.74 3.71
C VAL A 81 5.13 -3.82 2.59
N ILE A 82 4.72 -2.56 2.67
CA ILE A 82 5.10 -1.58 1.66
C ILE A 82 5.67 -0.32 2.31
N GLN A 83 6.62 0.32 1.63
CA GLN A 83 7.26 1.52 2.14
C GLN A 83 6.96 2.72 1.23
N ILE A 84 5.92 3.47 1.57
CA ILE A 84 5.53 4.63 0.78
C ILE A 84 6.54 5.77 0.97
N VAL A 85 7.29 6.06 -0.10
CA VAL A 85 8.30 7.12 -0.06
C VAL A 85 7.86 8.30 -0.92
N LYS A 86 8.11 9.51 -0.41
CA LYS A 86 7.75 10.73 -1.13
C LYS A 86 8.99 11.43 -1.66
N LYS A 87 8.91 11.94 -2.88
CA LYS A 87 10.01 12.64 -3.51
C LYS A 87 10.61 13.67 -2.55
N SER A 88 11.94 13.72 -2.50
CA SER A 88 12.63 14.66 -1.62
C SER A 88 13.04 15.91 -2.39
N GLY A 89 12.21 16.95 -2.31
CA GLY A 89 12.51 18.19 -3.00
C GLY A 89 12.07 19.41 -2.20
N PRO A 90 12.84 20.50 -2.33
CA PRO A 90 12.55 21.76 -1.63
C PRO A 90 11.30 22.45 -2.17
N SER A 91 10.23 22.45 -1.38
CA SER A 91 8.97 23.07 -1.78
C SER A 91 9.01 24.57 -1.50
N SER A 92 10.15 25.20 -1.77
CA SER A 92 10.30 26.63 -1.54
C SER A 92 11.31 27.22 -2.51
N GLY A 93 10.92 28.30 -3.18
CA GLY A 93 11.81 28.94 -4.13
C GLY A 93 11.18 30.17 -4.77
N GLY A 1 -22.12 5.73 6.09
CA GLY A 1 -21.38 5.41 7.30
C GLY A 1 -20.43 4.25 7.10
N SER A 2 -20.72 3.13 7.76
CA SER A 2 -19.88 1.94 7.66
C SER A 2 -20.26 1.11 6.43
N SER A 3 -19.36 1.08 5.44
CA SER A 3 -19.61 0.32 4.22
C SER A 3 -18.72 -0.91 4.18
N GLY A 4 -19.28 -2.05 4.59
CA GLY A 4 -18.52 -3.29 4.59
C GLY A 4 -19.38 -4.48 4.23
N SER A 5 -19.80 -4.56 2.97
CA SER A 5 -20.63 -5.67 2.52
C SER A 5 -19.96 -7.02 2.79
N SER A 6 -20.75 -8.08 2.69
CA SER A 6 -20.22 -9.43 2.93
C SER A 6 -20.42 -10.31 1.70
N GLY A 7 -19.48 -11.23 1.49
CA GLY A 7 -19.57 -12.13 0.35
C GLY A 7 -18.21 -12.49 -0.21
N TYR A 8 -17.88 -11.92 -1.36
CA TYR A 8 -16.60 -12.19 -2.00
C TYR A 8 -15.63 -11.02 -1.81
N LEU A 9 -15.99 -10.12 -0.91
CA LEU A 9 -15.16 -8.95 -0.63
C LEU A 9 -13.95 -9.33 0.23
N LYS A 10 -13.00 -10.03 -0.36
CA LYS A 10 -11.80 -10.46 0.34
C LYS A 10 -11.15 -9.28 1.07
N LEU A 11 -10.45 -9.57 2.15
CA LEU A 11 -9.78 -8.54 2.93
C LEU A 11 -8.28 -8.56 2.67
N VAL A 12 -7.73 -7.41 2.29
CA VAL A 12 -6.30 -7.29 2.01
C VAL A 12 -5.65 -6.25 2.92
N ARG A 13 -4.86 -6.73 3.88
CA ARG A 13 -4.18 -5.83 4.82
C ARG A 13 -2.84 -5.36 4.25
N ILE A 14 -2.40 -4.20 4.70
CA ILE A 14 -1.13 -3.63 4.22
C ILE A 14 -0.37 -2.97 5.37
N TYR A 15 0.78 -3.53 5.71
CA TYR A 15 1.60 -2.98 6.79
C TYR A 15 2.56 -1.93 6.26
N THR A 16 2.24 -0.66 6.51
CA THR A 16 3.07 0.44 6.06
C THR A 16 4.39 0.48 6.81
N LYS A 17 5.47 0.80 6.10
CA LYS A 17 6.80 0.87 6.70
C LYS A 17 7.35 2.29 6.61
N PRO A 18 7.51 2.93 7.77
CA PRO A 18 8.04 4.31 7.85
C PRO A 18 9.53 4.37 7.51
N LYS A 19 10.08 5.58 7.54
CA LYS A 19 11.50 5.78 7.23
C LYS A 19 12.34 5.68 8.49
N GLY A 20 12.93 4.51 8.71
CA GLY A 20 13.76 4.30 9.89
C GLY A 20 13.08 3.45 10.94
N GLN A 21 11.84 3.77 11.25
CA GLN A 21 11.07 3.02 12.24
C GLN A 21 10.55 1.72 11.66
N LEU A 22 10.09 0.82 12.53
CA LEU A 22 9.54 -0.46 12.10
C LEU A 22 8.11 -0.30 11.59
N PRO A 23 7.71 -1.21 10.69
CA PRO A 23 6.36 -1.19 10.11
C PRO A 23 5.29 -1.58 11.12
N ASP A 24 4.38 -0.66 11.40
CA ASP A 24 3.30 -0.91 12.35
C ASP A 24 2.59 -2.23 12.04
N TYR A 25 2.82 -3.23 12.89
CA TYR A 25 2.20 -4.54 12.69
C TYR A 25 0.92 -4.67 13.51
N THR A 26 0.59 -3.61 14.26
CA THR A 26 -0.61 -3.60 15.08
C THR A 26 -1.62 -2.59 14.57
N SER A 27 -1.17 -1.73 13.66
CA SER A 27 -2.04 -0.69 13.10
C SER A 27 -2.07 -0.78 11.57
N PRO A 28 -2.32 -2.00 11.06
CA PRO A 28 -2.38 -2.25 9.61
C PRO A 28 -3.61 -1.62 8.97
N VAL A 29 -3.57 -1.47 7.65
CA VAL A 29 -4.67 -0.88 6.91
C VAL A 29 -5.45 -1.94 6.14
N VAL A 30 -6.75 -2.06 6.43
CA VAL A 30 -7.59 -3.03 5.77
C VAL A 30 -8.17 -2.46 4.48
N LEU A 31 -7.62 -2.87 3.35
CA LEU A 31 -8.08 -2.41 2.05
C LEU A 31 -8.97 -3.45 1.38
N PRO A 32 -10.00 -2.99 0.66
CA PRO A 32 -10.93 -3.87 -0.05
C PRO A 32 -10.29 -4.56 -1.24
N TYR A 33 -10.37 -5.89 -1.27
CA TYR A 33 -9.79 -6.67 -2.35
C TYR A 33 -10.12 -6.05 -3.70
N SER A 34 -11.40 -6.09 -4.05
CA SER A 34 -11.86 -5.53 -5.33
C SER A 34 -11.04 -4.31 -5.71
N ARG A 35 -10.75 -3.46 -4.72
CA ARG A 35 -9.98 -2.25 -4.95
C ARG A 35 -8.68 -2.27 -4.15
N THR A 36 -7.59 -2.68 -4.79
CA THR A 36 -6.30 -2.74 -4.14
C THR A 36 -5.18 -2.28 -5.07
N THR A 37 -4.55 -1.17 -4.71
CA THR A 37 -3.46 -0.61 -5.51
C THR A 37 -2.69 0.44 -4.73
N VAL A 38 -1.44 0.66 -5.13
CA VAL A 38 -0.59 1.64 -4.47
C VAL A 38 -1.30 2.99 -4.35
N GLU A 39 -1.99 3.39 -5.41
CA GLU A 39 -2.71 4.66 -5.41
C GLU A 39 -3.94 4.58 -4.51
N ASP A 40 -4.39 3.37 -4.24
CA ASP A 40 -5.56 3.16 -3.38
C ASP A 40 -5.18 3.25 -1.91
N PHE A 41 -3.97 2.80 -1.58
CA PHE A 41 -3.49 2.83 -0.21
C PHE A 41 -3.10 4.25 0.20
N CYS A 42 -2.43 4.96 -0.70
CA CYS A 42 -2.01 6.33 -0.43
C CYS A 42 -3.19 7.18 0.00
N MET A 43 -4.33 7.00 -0.65
CA MET A 43 -5.53 7.75 -0.34
C MET A 43 -5.93 7.56 1.11
N LYS A 44 -5.93 6.31 1.56
CA LYS A 44 -6.29 5.98 2.94
C LYS A 44 -5.57 6.91 3.92
N ILE A 45 -4.27 7.10 3.71
CA ILE A 45 -3.47 7.95 4.57
C ILE A 45 -3.62 9.42 4.17
N HIS A 46 -3.12 9.76 2.99
CA HIS A 46 -3.19 11.12 2.50
C HIS A 46 -3.29 11.15 0.97
N LYS A 47 -4.25 11.92 0.46
CA LYS A 47 -4.45 12.03 -0.98
C LYS A 47 -3.20 12.59 -1.66
N ASN A 48 -2.80 13.78 -1.24
CA ASN A 48 -1.62 14.43 -1.81
C ASN A 48 -0.42 13.48 -1.83
N LEU A 49 -0.44 12.49 -0.93
CA LEU A 49 0.63 11.51 -0.85
C LEU A 49 1.08 11.06 -2.23
N ILE A 50 0.12 10.56 -3.02
CA ILE A 50 0.42 10.10 -4.36
C ILE A 50 1.29 11.11 -5.11
N LYS A 51 1.10 12.39 -4.80
CA LYS A 51 1.88 13.45 -5.44
C LYS A 51 3.34 13.37 -5.05
N GLU A 52 3.60 13.06 -3.79
CA GLU A 52 4.96 12.95 -3.28
C GLU A 52 5.47 11.51 -3.37
N PHE A 53 4.54 10.59 -3.63
CA PHE A 53 4.89 9.17 -3.74
C PHE A 53 5.81 8.93 -4.93
N LYS A 54 7.04 8.54 -4.64
CA LYS A 54 8.02 8.26 -5.69
C LYS A 54 7.99 6.80 -6.10
N TYR A 55 7.99 5.91 -5.12
CA TYR A 55 7.98 4.47 -5.38
C TYR A 55 7.61 3.70 -4.11
N ALA A 56 7.38 2.40 -4.27
CA ALA A 56 7.02 1.55 -3.15
C ALA A 56 7.81 0.24 -3.17
N LEU A 57 8.25 -0.20 -2.00
CA LEU A 57 9.03 -1.43 -1.89
C LEU A 57 8.21 -2.53 -1.21
N VAL A 58 7.55 -3.35 -2.02
CA VAL A 58 6.73 -4.44 -1.49
C VAL A 58 7.61 -5.59 -1.01
N TRP A 59 7.19 -6.24 0.08
CA TRP A 59 7.93 -7.36 0.64
C TRP A 59 7.02 -8.58 0.82
N GLY A 60 7.02 -9.45 -0.19
CA GLY A 60 6.20 -10.65 -0.13
C GLY A 60 5.99 -11.27 -1.50
N LEU A 61 4.96 -12.11 -1.60
CA LEU A 61 4.66 -12.78 -2.86
C LEU A 61 4.41 -11.77 -3.97
N SER A 62 3.79 -10.65 -3.63
CA SER A 62 3.50 -9.61 -4.60
C SER A 62 4.66 -9.43 -5.57
N VAL A 63 5.86 -9.78 -5.11
CA VAL A 63 7.06 -9.66 -5.93
C VAL A 63 7.94 -10.90 -5.81
N LYS A 64 8.73 -11.16 -6.85
CA LYS A 64 9.63 -12.31 -6.86
C LYS A 64 10.88 -12.03 -6.03
N HIS A 65 11.36 -10.79 -6.10
CA HIS A 65 12.56 -10.40 -5.36
C HIS A 65 12.35 -9.04 -4.70
N ASN A 66 12.26 -9.04 -3.37
CA ASN A 66 12.08 -7.82 -2.61
C ASN A 66 13.32 -7.48 -1.80
N PRO A 67 13.47 -6.19 -1.46
CA PRO A 67 12.50 -5.16 -1.83
C PRO A 67 12.52 -4.85 -3.33
N GLN A 68 11.35 -4.61 -3.90
CA GLN A 68 11.23 -4.32 -5.32
C GLN A 68 10.59 -2.95 -5.54
N LYS A 69 11.19 -2.15 -6.41
CA LYS A 69 10.67 -0.82 -6.72
C LYS A 69 9.43 -0.91 -7.57
N VAL A 70 8.29 -0.45 -7.03
CA VAL A 70 7.03 -0.47 -7.76
C VAL A 70 6.48 0.94 -7.96
N GLY A 71 5.51 1.08 -8.86
CA GLY A 71 4.92 2.37 -9.11
C GLY A 71 3.55 2.51 -8.50
N LYS A 72 2.78 3.49 -8.98
CA LYS A 72 1.44 3.73 -8.48
C LYS A 72 0.41 2.86 -9.20
N ASP A 73 0.88 2.08 -10.17
CA ASP A 73 0.02 1.20 -10.95
C ASP A 73 0.19 -0.25 -10.50
N HIS A 74 1.04 -0.47 -9.51
CA HIS A 74 1.29 -1.81 -9.00
C HIS A 74 0.18 -2.25 -8.06
N THR A 75 -0.30 -3.47 -8.25
CA THR A 75 -1.38 -4.02 -7.44
C THR A 75 -0.84 -4.53 -6.10
N LEU A 76 -1.52 -4.17 -5.02
CA LEU A 76 -1.11 -4.60 -3.68
C LEU A 76 -1.65 -5.99 -3.36
N GLU A 77 -1.10 -6.60 -2.31
CA GLU A 77 -1.53 -7.94 -1.91
C GLU A 77 -1.82 -7.97 -0.41
N ASP A 78 -2.37 -9.09 0.05
CA ASP A 78 -2.70 -9.26 1.47
C ASP A 78 -1.45 -9.62 2.28
N GLU A 79 -1.39 -9.13 3.50
CA GLU A 79 -0.24 -9.38 4.38
C GLU A 79 1.06 -8.98 3.70
N ASP A 80 1.07 -7.80 3.09
CA ASP A 80 2.25 -7.29 2.41
C ASP A 80 2.67 -5.95 2.99
N VAL A 81 3.98 -5.74 3.11
CA VAL A 81 4.52 -4.49 3.64
C VAL A 81 4.97 -3.57 2.51
N ILE A 82 4.55 -2.31 2.60
CA ILE A 82 4.90 -1.31 1.58
C ILE A 82 5.48 -0.06 2.23
N GLN A 83 6.59 0.41 1.69
CA GLN A 83 7.25 1.61 2.22
C GLN A 83 7.05 2.80 1.27
N ILE A 84 6.15 3.70 1.64
CA ILE A 84 5.88 4.88 0.83
C ILE A 84 6.97 5.92 0.97
N VAL A 85 7.78 6.08 -0.08
CA VAL A 85 8.87 7.04 -0.07
C VAL A 85 8.45 8.35 -0.73
N LYS A 86 9.00 9.46 -0.24
CA LYS A 86 8.68 10.78 -0.78
C LYS A 86 9.82 11.30 -1.64
N LYS A 87 9.51 11.65 -2.88
CA LYS A 87 10.51 12.17 -3.81
C LYS A 87 11.11 13.47 -3.28
N SER A 88 12.44 13.55 -3.33
CA SER A 88 13.14 14.75 -2.86
C SER A 88 13.31 15.76 -3.98
N GLY A 89 12.98 17.02 -3.69
CA GLY A 89 13.10 18.07 -4.69
C GLY A 89 12.67 19.42 -4.15
N PRO A 90 13.36 20.48 -4.61
CA PRO A 90 13.07 21.85 -4.19
C PRO A 90 11.74 22.37 -4.74
N SER A 91 10.96 23.02 -3.89
CA SER A 91 9.67 23.54 -4.30
C SER A 91 9.31 24.78 -3.48
N SER A 92 9.14 25.92 -4.16
CA SER A 92 8.81 27.17 -3.50
C SER A 92 7.39 27.12 -2.92
N GLY A 93 7.19 27.82 -1.81
CA GLY A 93 5.89 27.85 -1.17
C GLY A 93 4.76 27.97 -2.17
N GLY A 1 -37.44 -15.16 4.78
CA GLY A 1 -36.80 -14.48 3.67
C GLY A 1 -35.74 -15.33 3.01
N SER A 2 -36.05 -15.85 1.82
CA SER A 2 -35.12 -16.69 1.09
C SER A 2 -34.17 -15.85 0.24
N SER A 3 -32.94 -15.69 0.73
CA SER A 3 -31.93 -14.90 0.03
C SER A 3 -30.53 -15.37 0.39
N GLY A 4 -29.64 -15.37 -0.59
CA GLY A 4 -28.27 -15.79 -0.36
C GLY A 4 -27.27 -14.67 -0.52
N SER A 5 -26.85 -14.09 0.60
CA SER A 5 -25.90 -12.98 0.57
C SER A 5 -24.64 -13.37 -0.20
N SER A 6 -24.04 -12.39 -0.86
CA SER A 6 -22.83 -12.61 -1.64
C SER A 6 -21.65 -11.83 -1.08
N GLY A 7 -20.57 -12.54 -0.76
CA GLY A 7 -19.39 -11.89 -0.21
C GLY A 7 -18.17 -12.08 -1.09
N TYR A 8 -18.16 -11.40 -2.23
CA TYR A 8 -17.04 -11.50 -3.17
C TYR A 8 -15.96 -10.47 -2.83
N LEU A 9 -16.18 -9.73 -1.75
CA LEU A 9 -15.22 -8.71 -1.32
C LEU A 9 -14.15 -9.31 -0.42
N LYS A 10 -12.98 -9.56 -1.00
CA LYS A 10 -11.86 -10.12 -0.24
C LYS A 10 -11.13 -9.05 0.54
N LEU A 11 -10.46 -9.46 1.61
CA LEU A 11 -9.71 -8.54 2.45
C LEU A 11 -8.23 -8.52 2.08
N VAL A 12 -7.62 -7.35 2.14
CA VAL A 12 -6.21 -7.19 1.81
C VAL A 12 -5.49 -6.33 2.85
N ARG A 13 -4.82 -6.99 3.79
CA ARG A 13 -4.09 -6.28 4.83
C ARG A 13 -2.72 -5.84 4.34
N ILE A 14 -2.40 -4.57 4.57
CA ILE A 14 -1.11 -4.03 4.15
C ILE A 14 -0.40 -3.33 5.29
N TYR A 15 0.76 -3.85 5.67
CA TYR A 15 1.54 -3.27 6.77
C TYR A 15 2.42 -2.13 6.27
N THR A 16 2.00 -0.91 6.55
CA THR A 16 2.75 0.27 6.12
C THR A 16 4.12 0.31 6.78
N LYS A 17 5.14 0.67 6.01
CA LYS A 17 6.50 0.75 6.52
C LYS A 17 7.04 2.18 6.41
N PRO A 18 6.87 2.96 7.47
CA PRO A 18 7.34 4.36 7.52
C PRO A 18 8.86 4.46 7.56
N LYS A 19 9.41 5.29 6.69
CA LYS A 19 10.86 5.47 6.63
C LYS A 19 11.42 5.85 7.99
N GLY A 20 12.27 4.99 8.54
CA GLY A 20 12.86 5.26 9.84
C GLY A 20 12.34 4.33 10.91
N GLN A 21 11.02 4.31 11.10
CA GLN A 21 10.40 3.46 12.10
C GLN A 21 10.07 2.09 11.52
N LEU A 22 9.55 1.20 12.36
CA LEU A 22 9.20 -0.15 11.94
C LEU A 22 7.74 -0.22 11.52
N PRO A 23 7.44 -1.12 10.57
CA PRO A 23 6.07 -1.31 10.06
C PRO A 23 5.15 -1.95 11.10
N ASP A 24 4.15 -1.20 11.53
CA ASP A 24 3.20 -1.68 12.52
C ASP A 24 2.65 -3.04 12.11
N TYR A 25 2.22 -3.82 13.09
CA TYR A 25 1.68 -5.15 12.85
C TYR A 25 0.35 -5.34 13.57
N THR A 26 -0.15 -4.26 14.17
CA THR A 26 -1.42 -4.31 14.90
C THR A 26 -2.40 -3.29 14.35
N SER A 27 -1.88 -2.27 13.65
CA SER A 27 -2.72 -1.23 13.08
C SER A 27 -2.54 -1.17 11.56
N PRO A 28 -2.61 -2.34 10.91
CA PRO A 28 -2.46 -2.44 9.45
C PRO A 28 -3.64 -1.83 8.71
N VAL A 29 -3.45 -1.58 7.41
CA VAL A 29 -4.50 -1.00 6.59
C VAL A 29 -5.11 -2.05 5.67
N VAL A 30 -6.28 -2.54 6.03
CA VAL A 30 -6.98 -3.55 5.24
C VAL A 30 -7.93 -2.90 4.23
N LEU A 31 -7.48 -2.81 2.98
CA LEU A 31 -8.29 -2.21 1.92
C LEU A 31 -9.14 -3.26 1.22
N PRO A 32 -10.28 -2.84 0.66
CA PRO A 32 -11.20 -3.73 -0.05
C PRO A 32 -10.62 -4.21 -1.38
N TYR A 33 -10.57 -5.52 -1.55
CA TYR A 33 -10.04 -6.11 -2.78
C TYR A 33 -10.44 -5.29 -4.00
N SER A 34 -11.74 -5.16 -4.22
CA SER A 34 -12.26 -4.39 -5.35
C SER A 34 -11.38 -3.19 -5.64
N ARG A 35 -10.90 -2.54 -4.58
CA ARG A 35 -10.04 -1.37 -4.71
C ARG A 35 -8.75 -1.55 -3.93
N THR A 36 -7.74 -2.10 -4.59
CA THR A 36 -6.44 -2.33 -3.96
C THR A 36 -5.29 -1.97 -4.90
N THR A 37 -4.58 -0.90 -4.58
CA THR A 37 -3.46 -0.46 -5.40
C THR A 37 -2.60 0.56 -4.67
N VAL A 38 -1.29 0.48 -4.86
CA VAL A 38 -0.36 1.39 -4.21
C VAL A 38 -0.97 2.77 -4.04
N GLU A 39 -1.79 3.18 -5.01
CA GLU A 39 -2.44 4.47 -4.98
C GLU A 39 -3.56 4.50 -3.93
N ASP A 40 -4.46 3.52 -4.02
CA ASP A 40 -5.57 3.42 -3.08
C ASP A 40 -5.08 3.56 -1.64
N PHE A 41 -3.92 2.99 -1.35
CA PHE A 41 -3.35 3.06 -0.01
C PHE A 41 -2.91 4.48 0.32
N CYS A 42 -2.24 5.12 -0.64
CA CYS A 42 -1.75 6.49 -0.44
C CYS A 42 -2.88 7.40 0.05
N MET A 43 -4.08 7.20 -0.49
CA MET A 43 -5.23 8.00 -0.11
C MET A 43 -5.50 7.88 1.39
N LYS A 44 -5.43 6.65 1.90
CA LYS A 44 -5.67 6.40 3.32
C LYS A 44 -4.83 7.33 4.18
N ILE A 45 -3.71 7.80 3.64
CA ILE A 45 -2.82 8.70 4.37
C ILE A 45 -3.12 10.15 4.02
N HIS A 46 -2.84 10.53 2.78
CA HIS A 46 -3.07 11.89 2.32
C HIS A 46 -3.58 11.90 0.88
N LYS A 47 -4.81 12.36 0.69
CA LYS A 47 -5.40 12.43 -0.64
C LYS A 47 -4.47 13.15 -1.61
N ASN A 48 -3.55 13.93 -1.08
CA ASN A 48 -2.60 14.67 -1.90
C ASN A 48 -1.20 14.08 -1.79
N LEU A 49 -1.13 12.78 -1.54
CA LEU A 49 0.14 12.09 -1.41
C LEU A 49 0.60 11.50 -2.74
N ILE A 50 -0.29 10.73 -3.37
CA ILE A 50 0.02 10.12 -4.66
C ILE A 50 0.85 11.06 -5.54
N LYS A 51 0.59 12.36 -5.41
CA LYS A 51 1.31 13.35 -6.19
C LYS A 51 2.79 13.31 -5.88
N GLU A 52 3.13 13.26 -4.59
CA GLU A 52 4.52 13.22 -4.17
C GLU A 52 5.05 11.79 -4.19
N PHE A 53 4.14 10.82 -4.13
CA PHE A 53 4.52 9.42 -4.14
C PHE A 53 5.54 9.14 -5.23
N LYS A 54 6.62 8.47 -4.86
CA LYS A 54 7.68 8.14 -5.81
C LYS A 54 7.65 6.65 -6.18
N TYR A 55 7.89 5.80 -5.18
CA TYR A 55 7.88 4.36 -5.40
C TYR A 55 7.48 3.63 -4.11
N ALA A 56 7.32 2.31 -4.23
CA ALA A 56 6.95 1.49 -3.08
C ALA A 56 7.81 0.23 -3.00
N LEU A 57 8.27 -0.09 -1.80
CA LEU A 57 9.10 -1.26 -1.59
C LEU A 57 8.31 -2.38 -0.91
N VAL A 58 7.62 -3.19 -1.73
CA VAL A 58 6.83 -4.29 -1.21
C VAL A 58 7.71 -5.41 -0.68
N TRP A 59 7.33 -5.98 0.45
CA TRP A 59 8.09 -7.06 1.06
C TRP A 59 7.20 -8.28 1.32
N GLY A 60 7.14 -9.18 0.34
CA GLY A 60 6.32 -10.37 0.48
C GLY A 60 6.33 -11.22 -0.77
N LEU A 61 5.32 -12.09 -0.90
CA LEU A 61 5.22 -12.97 -2.05
C LEU A 61 4.98 -12.17 -3.34
N SER A 62 4.11 -11.17 -3.24
CA SER A 62 3.78 -10.33 -4.39
C SER A 62 5.01 -10.13 -5.27
N VAL A 63 6.17 -9.99 -4.64
CA VAL A 63 7.43 -9.80 -5.37
C VAL A 63 8.36 -10.97 -5.17
N LYS A 64 9.12 -11.30 -6.22
CA LYS A 64 10.06 -12.41 -6.16
C LYS A 64 11.31 -12.03 -5.38
N HIS A 65 11.81 -10.82 -5.62
CA HIS A 65 13.00 -10.33 -4.93
C HIS A 65 12.73 -8.98 -4.27
N ASN A 66 12.73 -8.96 -2.94
CA ASN A 66 12.49 -7.73 -2.20
C ASN A 66 13.76 -7.25 -1.50
N PRO A 67 13.83 -5.94 -1.25
CA PRO A 67 12.77 -5.00 -1.61
C PRO A 67 12.66 -4.79 -3.11
N GLN A 68 11.42 -4.64 -3.60
CA GLN A 68 11.18 -4.43 -5.02
C GLN A 68 10.58 -3.06 -5.28
N LYS A 69 11.13 -2.35 -6.25
CA LYS A 69 10.64 -1.02 -6.61
C LYS A 69 9.35 -1.11 -7.42
N VAL A 70 8.28 -0.56 -6.86
CA VAL A 70 6.98 -0.57 -7.54
C VAL A 70 6.45 0.84 -7.75
N GLY A 71 5.38 0.96 -8.53
CA GLY A 71 4.79 2.26 -8.79
C GLY A 71 3.46 2.45 -8.09
N LYS A 72 2.55 3.15 -8.75
CA LYS A 72 1.23 3.40 -8.18
C LYS A 72 0.20 2.39 -8.70
N ASP A 73 0.50 1.82 -9.86
CA ASP A 73 -0.40 0.85 -10.47
C ASP A 73 -0.19 -0.54 -9.86
N HIS A 74 0.98 -0.74 -9.25
CA HIS A 74 1.30 -2.01 -8.62
C HIS A 74 0.20 -2.44 -7.66
N THR A 75 -0.47 -3.55 -7.98
CA THR A 75 -1.54 -4.06 -7.14
C THR A 75 -1.01 -4.59 -5.81
N LEU A 76 -1.60 -4.11 -4.72
CA LEU A 76 -1.19 -4.54 -3.38
C LEU A 76 -1.68 -5.95 -3.08
N GLU A 77 -0.90 -6.69 -2.29
CA GLU A 77 -1.26 -8.05 -1.93
C GLU A 77 -1.51 -8.16 -0.43
N ASP A 78 -2.52 -8.95 -0.06
CA ASP A 78 -2.86 -9.15 1.35
C ASP A 78 -1.64 -9.61 2.14
N GLU A 79 -1.59 -9.23 3.41
CA GLU A 79 -0.49 -9.59 4.29
C GLU A 79 0.85 -9.24 3.64
N ASP A 80 0.99 -7.99 3.23
CA ASP A 80 2.22 -7.52 2.60
C ASP A 80 2.61 -6.15 3.12
N VAL A 81 3.91 -5.92 3.28
CA VAL A 81 4.41 -4.64 3.76
C VAL A 81 4.87 -3.76 2.62
N ILE A 82 4.55 -2.48 2.70
CA ILE A 82 4.93 -1.52 1.65
C ILE A 82 5.45 -0.23 2.27
N GLN A 83 6.35 0.45 1.55
CA GLN A 83 6.92 1.70 2.02
C GLN A 83 6.63 2.83 1.05
N ILE A 84 5.90 3.84 1.52
CA ILE A 84 5.55 4.98 0.68
C ILE A 84 6.60 6.07 0.78
N VAL A 85 7.36 6.26 -0.30
CA VAL A 85 8.41 7.27 -0.34
C VAL A 85 8.00 8.44 -1.22
N LYS A 86 8.08 9.64 -0.67
CA LYS A 86 7.73 10.85 -1.41
C LYS A 86 8.96 11.49 -2.03
N LYS A 87 8.84 11.89 -3.29
CA LYS A 87 9.94 12.53 -4.01
C LYS A 87 10.75 13.42 -3.07
N SER A 88 12.03 13.60 -3.40
CA SER A 88 12.91 14.42 -2.59
C SER A 88 12.22 15.72 -2.18
N GLY A 89 12.76 16.36 -1.14
CA GLY A 89 12.17 17.61 -0.67
C GLY A 89 12.99 18.82 -1.06
N PRO A 90 12.32 19.94 -1.32
CA PRO A 90 12.97 21.19 -1.72
C PRO A 90 13.76 21.82 -0.58
N SER A 91 14.85 22.51 -0.92
CA SER A 91 15.69 23.15 0.08
C SER A 91 15.35 24.63 0.20
N SER A 92 15.34 25.33 -0.93
CA SER A 92 15.03 26.76 -0.96
C SER A 92 13.80 27.03 -1.81
N GLY A 93 13.85 26.60 -3.06
CA GLY A 93 12.73 26.81 -3.97
C GLY A 93 13.12 26.62 -5.42
N GLY A 1 -26.28 -3.42 -2.23
CA GLY A 1 -26.02 -2.87 -0.92
C GLY A 1 -24.98 -3.66 -0.15
N SER A 2 -25.04 -3.59 1.17
CA SER A 2 -24.11 -4.30 2.03
C SER A 2 -24.31 -5.80 1.92
N SER A 3 -25.45 -6.20 1.35
CA SER A 3 -25.77 -7.62 1.19
C SER A 3 -26.48 -7.86 -0.14
N GLY A 4 -26.77 -9.13 -0.42
CA GLY A 4 -27.46 -9.47 -1.65
C GLY A 4 -26.70 -10.51 -2.45
N SER A 5 -25.50 -10.16 -2.90
CA SER A 5 -24.69 -11.08 -3.69
C SER A 5 -23.73 -11.86 -2.80
N SER A 6 -22.96 -12.77 -3.40
CA SER A 6 -22.02 -13.58 -2.66
C SER A 6 -21.02 -12.71 -1.90
N GLY A 7 -20.45 -11.74 -2.60
CA GLY A 7 -19.48 -10.84 -1.99
C GLY A 7 -18.09 -11.01 -2.55
N TYR A 8 -17.52 -12.20 -2.38
CA TYR A 8 -16.18 -12.48 -2.88
C TYR A 8 -15.26 -11.30 -2.64
N LEU A 9 -15.55 -10.51 -1.62
CA LEU A 9 -14.74 -9.34 -1.28
C LEU A 9 -13.71 -9.69 -0.22
N LYS A 10 -12.62 -10.32 -0.64
CA LYS A 10 -11.55 -10.71 0.28
C LYS A 10 -10.98 -9.49 0.99
N LEU A 11 -10.24 -9.72 2.06
CA LEU A 11 -9.63 -8.65 2.83
C LEU A 11 -8.12 -8.60 2.61
N VAL A 12 -7.64 -7.46 2.11
CA VAL A 12 -6.22 -7.28 1.85
C VAL A 12 -5.63 -6.21 2.74
N ARG A 13 -5.05 -6.63 3.87
CA ARG A 13 -4.45 -5.70 4.82
C ARG A 13 -3.00 -5.41 4.45
N ILE A 14 -2.64 -4.13 4.46
CA ILE A 14 -1.27 -3.72 4.13
C ILE A 14 -0.57 -3.11 5.34
N TYR A 15 0.62 -3.61 5.63
CA TYR A 15 1.40 -3.11 6.76
C TYR A 15 2.35 -2.00 6.32
N THR A 16 1.96 -0.75 6.62
CA THR A 16 2.76 0.41 6.26
C THR A 16 4.12 0.36 6.94
N LYS A 17 5.13 0.91 6.28
CA LYS A 17 6.49 0.94 6.83
C LYS A 17 6.93 2.37 7.11
N PRO A 18 7.21 2.67 8.38
CA PRO A 18 7.66 4.00 8.80
C PRO A 18 9.07 4.33 8.32
N LYS A 19 9.17 5.35 7.48
CA LYS A 19 10.46 5.76 6.94
C LYS A 19 11.57 5.56 7.96
N GLY A 20 12.47 4.62 7.67
CA GLY A 20 13.57 4.35 8.58
C GLY A 20 13.25 3.22 9.56
N GLN A 21 12.18 3.40 10.32
CA GLN A 21 11.77 2.41 11.30
C GLN A 21 11.15 1.19 10.62
N LEU A 22 10.81 0.19 11.41
CA LEU A 22 10.21 -1.04 10.88
C LEU A 22 8.69 -0.90 10.79
N PRO A 23 8.09 -1.64 9.84
CA PRO A 23 6.64 -1.62 9.63
C PRO A 23 5.89 -2.30 10.76
N ASP A 24 4.93 -1.60 11.34
CA ASP A 24 4.13 -2.13 12.44
C ASP A 24 3.11 -3.13 11.92
N TYR A 25 2.72 -4.08 12.78
CA TYR A 25 1.75 -5.10 12.41
C TYR A 25 0.62 -5.18 13.43
N THR A 26 0.42 -4.09 14.17
CA THR A 26 -0.62 -4.05 15.18
C THR A 26 -1.92 -3.46 14.62
N SER A 27 -1.80 -2.33 13.93
CA SER A 27 -2.96 -1.68 13.34
C SER A 27 -2.74 -1.41 11.86
N PRO A 28 -2.78 -2.49 11.05
CA PRO A 28 -2.59 -2.40 9.60
C PRO A 28 -3.76 -1.69 8.90
N VAL A 29 -3.62 -1.51 7.59
CA VAL A 29 -4.66 -0.85 6.80
C VAL A 29 -5.51 -1.88 6.05
N VAL A 30 -6.78 -1.97 6.41
CA VAL A 30 -7.70 -2.89 5.76
C VAL A 30 -8.21 -2.33 4.43
N LEU A 31 -7.68 -2.87 3.34
CA LEU A 31 -8.08 -2.42 2.00
C LEU A 31 -8.94 -3.48 1.31
N PRO A 32 -9.93 -3.02 0.54
CA PRO A 32 -10.84 -3.90 -0.19
C PRO A 32 -10.15 -4.63 -1.35
N TYR A 33 -10.24 -5.96 -1.34
CA TYR A 33 -9.62 -6.77 -2.38
C TYR A 33 -9.93 -6.21 -3.76
N SER A 34 -11.21 -6.22 -4.12
CA SER A 34 -11.64 -5.71 -5.43
C SER A 34 -10.79 -4.53 -5.86
N ARG A 35 -10.38 -3.71 -4.89
CA ARG A 35 -9.55 -2.54 -5.17
C ARG A 35 -8.26 -2.58 -4.36
N THR A 36 -7.20 -3.10 -4.97
CA THR A 36 -5.91 -3.20 -4.31
C THR A 36 -4.79 -2.66 -5.19
N THR A 37 -4.22 -1.53 -4.78
CA THR A 37 -3.14 -0.90 -5.53
C THR A 37 -2.39 0.11 -4.68
N VAL A 38 -1.16 0.41 -5.08
CA VAL A 38 -0.33 1.36 -4.35
C VAL A 38 -1.07 2.68 -4.14
N GLU A 39 -1.84 3.09 -5.14
CA GLU A 39 -2.59 4.33 -5.07
C GLU A 39 -3.78 4.19 -4.12
N ASP A 40 -4.24 2.96 -3.94
CA ASP A 40 -5.37 2.68 -3.05
C ASP A 40 -4.98 2.88 -1.59
N PHE A 41 -3.70 2.64 -1.30
CA PHE A 41 -3.20 2.77 0.07
C PHE A 41 -2.88 4.24 0.38
N CYS A 42 -2.13 4.87 -0.51
CA CYS A 42 -1.76 6.27 -0.32
C CYS A 42 -2.97 7.12 0.05
N MET A 43 -4.11 6.82 -0.58
CA MET A 43 -5.34 7.55 -0.33
C MET A 43 -5.75 7.43 1.14
N LYS A 44 -5.66 6.22 1.67
CA LYS A 44 -6.03 5.97 3.06
C LYS A 44 -5.29 6.92 4.00
N ILE A 45 -4.03 7.20 3.66
CA ILE A 45 -3.21 8.11 4.48
C ILE A 45 -3.50 9.57 4.13
N HIS A 46 -3.15 9.95 2.90
CA HIS A 46 -3.37 11.32 2.44
C HIS A 46 -3.74 11.33 0.96
N LYS A 47 -4.82 12.04 0.64
CA LYS A 47 -5.29 12.15 -0.73
C LYS A 47 -4.27 12.90 -1.60
N ASN A 48 -3.41 13.66 -0.95
CA ASN A 48 -2.39 14.44 -1.65
C ASN A 48 -1.00 13.84 -1.42
N LEU A 49 -0.94 12.53 -1.27
CA LEU A 49 0.33 11.85 -1.04
C LEU A 49 0.89 11.29 -2.35
N ILE A 50 0.05 10.57 -3.10
CA ILE A 50 0.47 10.00 -4.37
C ILE A 50 1.31 10.98 -5.17
N LYS A 51 1.09 12.27 -4.94
CA LYS A 51 1.84 13.31 -5.64
C LYS A 51 3.31 13.28 -5.25
N GLU A 52 3.58 13.10 -3.97
CA GLU A 52 4.95 13.04 -3.47
C GLU A 52 5.50 11.62 -3.55
N PHE A 53 4.60 10.66 -3.72
CA PHE A 53 4.99 9.25 -3.81
C PHE A 53 5.87 9.02 -5.04
N LYS A 54 7.09 8.54 -4.81
CA LYS A 54 8.02 8.26 -5.90
C LYS A 54 8.02 6.78 -6.26
N TYR A 55 7.94 5.93 -5.24
CA TYR A 55 7.93 4.49 -5.44
C TYR A 55 7.55 3.75 -4.16
N ALA A 56 7.22 2.47 -4.30
CA ALA A 56 6.83 1.66 -3.15
C ALA A 56 7.60 0.34 -3.13
N LEU A 57 8.04 -0.07 -1.94
CA LEU A 57 8.78 -1.32 -1.79
C LEU A 57 7.90 -2.41 -1.21
N VAL A 58 7.32 -3.23 -2.08
CA VAL A 58 6.45 -4.32 -1.65
C VAL A 58 7.27 -5.51 -1.16
N TRP A 59 6.87 -6.09 -0.03
CA TRP A 59 7.56 -7.24 0.54
C TRP A 59 6.61 -8.41 0.72
N GLY A 60 6.51 -9.25 -0.31
CA GLY A 60 5.64 -10.41 -0.24
C GLY A 60 5.75 -11.28 -1.48
N LEU A 61 4.61 -11.76 -1.96
CA LEU A 61 4.57 -12.61 -3.14
C LEU A 61 4.46 -11.78 -4.42
N SER A 62 3.55 -10.81 -4.41
CA SER A 62 3.36 -9.94 -5.57
C SER A 62 4.68 -9.64 -6.26
N VAL A 63 5.74 -9.55 -5.46
CA VAL A 63 7.06 -9.26 -6.00
C VAL A 63 7.98 -10.48 -5.90
N LYS A 64 8.74 -10.73 -6.96
CA LYS A 64 9.66 -11.86 -6.99
C LYS A 64 10.86 -11.62 -6.11
N HIS A 65 11.45 -10.42 -6.21
CA HIS A 65 12.60 -10.05 -5.41
C HIS A 65 12.40 -8.70 -4.74
N ASN A 66 12.26 -8.70 -3.42
CA ASN A 66 12.06 -7.48 -2.66
C ASN A 66 13.30 -7.13 -1.85
N PRO A 67 13.44 -5.84 -1.50
CA PRO A 67 12.46 -4.82 -1.86
C PRO A 67 12.46 -4.51 -3.35
N GLN A 68 11.26 -4.39 -3.93
CA GLN A 68 11.13 -4.10 -5.35
C GLN A 68 10.50 -2.71 -5.56
N LYS A 69 11.17 -1.89 -6.35
CA LYS A 69 10.68 -0.55 -6.64
C LYS A 69 9.48 -0.59 -7.59
N VAL A 70 8.29 -0.38 -7.04
CA VAL A 70 7.07 -0.39 -7.83
C VAL A 70 6.49 1.01 -7.98
N GLY A 71 5.53 1.16 -8.88
CA GLY A 71 4.91 2.46 -9.10
C GLY A 71 3.60 2.61 -8.35
N LYS A 72 2.62 3.22 -9.01
CA LYS A 72 1.32 3.42 -8.40
C LYS A 72 0.28 2.45 -8.97
N ASP A 73 0.60 1.85 -10.11
CA ASP A 73 -0.29 0.89 -10.75
C ASP A 73 -0.12 -0.50 -10.17
N HIS A 74 1.05 -0.74 -9.55
CA HIS A 74 1.34 -2.03 -8.95
C HIS A 74 0.21 -2.47 -8.03
N THR A 75 -0.16 -3.74 -8.11
CA THR A 75 -1.23 -4.29 -7.29
C THR A 75 -0.70 -4.74 -5.94
N LEU A 76 -1.42 -4.39 -4.88
CA LEU A 76 -1.02 -4.76 -3.52
C LEU A 76 -1.72 -6.03 -3.08
N GLU A 77 -0.96 -6.96 -2.49
CA GLU A 77 -1.51 -8.22 -2.03
C GLU A 77 -1.73 -8.20 -0.52
N ASP A 78 -2.50 -9.15 -0.02
CA ASP A 78 -2.79 -9.24 1.41
C ASP A 78 -1.51 -9.50 2.19
N GLU A 79 -1.56 -9.18 3.49
CA GLU A 79 -0.40 -9.38 4.35
C GLU A 79 0.89 -8.95 3.66
N ASP A 80 0.90 -7.72 3.18
CA ASP A 80 2.07 -7.18 2.49
C ASP A 80 2.49 -5.83 3.09
N VAL A 81 3.79 -5.56 3.05
CA VAL A 81 4.32 -4.32 3.59
C VAL A 81 4.75 -3.37 2.48
N ILE A 82 4.35 -2.11 2.58
CA ILE A 82 4.69 -1.10 1.59
C ILE A 82 5.40 0.09 2.22
N GLN A 83 6.53 0.49 1.63
CA GLN A 83 7.29 1.62 2.15
C GLN A 83 7.10 2.85 1.27
N ILE A 84 6.21 3.75 1.68
CA ILE A 84 5.94 4.96 0.93
C ILE A 84 7.14 5.90 0.96
N VAL A 85 7.74 6.13 -0.21
CA VAL A 85 8.90 7.00 -0.32
C VAL A 85 8.52 8.31 -1.01
N LYS A 86 8.97 9.43 -0.45
CA LYS A 86 8.69 10.74 -1.02
C LYS A 86 9.85 11.23 -1.87
N LYS A 87 9.54 11.99 -2.91
CA LYS A 87 10.57 12.52 -3.81
C LYS A 87 11.62 13.31 -3.03
N SER A 88 12.88 12.94 -3.22
CA SER A 88 13.98 13.60 -2.52
C SER A 88 13.87 13.43 -1.01
N GLY A 89 13.44 12.24 -0.60
CA GLY A 89 13.30 11.95 0.82
C GLY A 89 12.12 12.69 1.44
N PRO A 90 11.48 12.05 2.43
CA PRO A 90 10.32 12.64 3.13
C PRO A 90 10.71 13.81 4.00
N SER A 91 9.79 14.77 4.15
CA SER A 91 10.05 15.95 4.96
C SER A 91 9.55 15.74 6.39
N SER A 92 8.33 15.23 6.51
CA SER A 92 7.74 14.98 7.82
C SER A 92 8.75 14.32 8.76
N GLY A 93 8.71 14.71 10.03
CA GLY A 93 9.62 14.16 11.01
C GLY A 93 10.10 15.18 12.02
N GLY A 1 -35.28 -11.64 2.83
CA GLY A 1 -34.43 -10.63 2.21
C GLY A 1 -33.25 -11.23 1.50
N SER A 2 -33.36 -11.37 0.18
CA SER A 2 -32.29 -11.94 -0.63
C SER A 2 -31.04 -11.07 -0.57
N SER A 3 -29.96 -11.61 -0.02
CA SER A 3 -28.71 -10.87 0.09
C SER A 3 -27.87 -11.00 -1.19
N GLY A 4 -27.05 -10.01 -1.46
CA GLY A 4 -26.21 -10.03 -2.64
C GLY A 4 -25.21 -11.16 -2.62
N SER A 5 -23.93 -10.81 -2.72
CA SER A 5 -22.86 -11.81 -2.72
C SER A 5 -22.65 -12.37 -1.32
N SER A 6 -22.06 -13.56 -1.25
CA SER A 6 -21.80 -14.21 0.03
C SER A 6 -20.35 -13.99 0.47
N GLY A 7 -20.14 -12.97 1.29
CA GLY A 7 -18.79 -12.68 1.77
C GLY A 7 -17.73 -12.96 0.74
N TYR A 8 -17.90 -12.40 -0.46
CA TYR A 8 -16.94 -12.61 -1.53
C TYR A 8 -15.94 -11.45 -1.61
N LEU A 9 -16.06 -10.52 -0.68
CA LEU A 9 -15.17 -9.37 -0.63
C LEU A 9 -13.92 -9.67 0.17
N LYS A 10 -12.93 -10.28 -0.48
CA LYS A 10 -11.67 -10.63 0.17
C LYS A 10 -11.08 -9.42 0.90
N LEU A 11 -10.12 -9.68 1.77
CA LEU A 11 -9.47 -8.61 2.52
C LEU A 11 -7.98 -8.54 2.21
N VAL A 12 -7.46 -7.33 2.09
CA VAL A 12 -6.04 -7.12 1.79
C VAL A 12 -5.40 -6.20 2.82
N ARG A 13 -4.66 -6.79 3.76
CA ARG A 13 -3.98 -6.02 4.79
C ARG A 13 -2.63 -5.53 4.30
N ILE A 14 -2.30 -4.28 4.63
CA ILE A 14 -1.04 -3.68 4.22
C ILE A 14 -0.32 -3.04 5.41
N TYR A 15 0.88 -3.54 5.69
CA TYR A 15 1.67 -3.02 6.81
C TYR A 15 2.61 -1.91 6.34
N THR A 16 2.21 -0.66 6.54
CA THR A 16 3.02 0.48 6.14
C THR A 16 4.40 0.41 6.76
N LYS A 17 5.40 0.94 6.04
CA LYS A 17 6.77 0.94 6.53
C LYS A 17 7.36 2.35 6.48
N PRO A 18 7.25 3.07 7.61
CA PRO A 18 7.77 4.43 7.73
C PRO A 18 9.30 4.48 7.73
N LYS A 19 9.84 5.50 7.07
CA LYS A 19 11.29 5.66 7.00
C LYS A 19 11.89 5.85 8.39
N GLY A 20 12.94 5.07 8.69
CA GLY A 20 13.59 5.16 9.98
C GLY A 20 12.97 4.24 11.01
N GLN A 21 11.64 4.22 11.06
CA GLN A 21 10.93 3.37 12.01
C GLN A 21 10.48 2.07 11.34
N LEU A 22 10.12 1.10 12.17
CA LEU A 22 9.66 -0.20 11.66
C LEU A 22 8.17 -0.16 11.32
N PRO A 23 7.76 -1.01 10.38
CA PRO A 23 6.36 -1.11 9.94
C PRO A 23 5.46 -1.70 11.03
N ASP A 24 4.52 -0.89 11.51
CA ASP A 24 3.58 -1.33 12.54
C ASP A 24 2.74 -2.51 12.05
N TYR A 25 2.39 -3.40 12.96
CA TYR A 25 1.59 -4.57 12.62
C TYR A 25 0.38 -4.70 13.54
N THR A 26 -0.03 -3.57 14.12
CA THR A 26 -1.16 -3.55 15.03
C THR A 26 -2.35 -2.83 14.40
N SER A 27 -2.07 -1.71 13.74
CA SER A 27 -3.12 -0.92 13.09
C SER A 27 -2.89 -0.84 11.59
N PRO A 28 -2.86 -2.01 10.94
CA PRO A 28 -2.66 -2.11 9.48
C PRO A 28 -3.85 -1.58 8.70
N VAL A 29 -3.64 -1.37 7.40
CA VAL A 29 -4.70 -0.87 6.53
C VAL A 29 -5.23 -1.97 5.61
N VAL A 30 -6.41 -2.48 5.94
CA VAL A 30 -7.03 -3.54 5.14
C VAL A 30 -7.96 -2.95 4.09
N LEU A 31 -7.48 -2.86 2.85
CA LEU A 31 -8.27 -2.32 1.76
C LEU A 31 -9.13 -3.42 1.12
N PRO A 32 -10.27 -3.01 0.54
CA PRO A 32 -11.20 -3.94 -0.10
C PRO A 32 -10.63 -4.52 -1.40
N TYR A 33 -10.53 -5.83 -1.46
CA TYR A 33 -10.00 -6.51 -2.65
C TYR A 33 -10.39 -5.76 -3.92
N SER A 34 -11.68 -5.70 -4.19
CA SER A 34 -12.18 -5.01 -5.39
C SER A 34 -11.32 -3.79 -5.70
N ARG A 35 -10.97 -3.04 -4.67
CA ARG A 35 -10.15 -1.84 -4.84
C ARG A 35 -8.88 -1.93 -4.00
N THR A 36 -7.82 -2.45 -4.60
CA THR A 36 -6.54 -2.59 -3.91
C THR A 36 -5.38 -2.21 -4.82
N THR A 37 -4.71 -1.12 -4.47
CA THR A 37 -3.58 -0.64 -5.25
C THR A 37 -2.76 0.39 -4.47
N VAL A 38 -1.52 0.61 -4.91
CA VAL A 38 -0.65 1.57 -4.24
C VAL A 38 -1.31 2.93 -4.12
N GLU A 39 -2.15 3.27 -5.10
CA GLU A 39 -2.84 4.55 -5.09
C GLU A 39 -4.01 4.53 -4.09
N ASP A 40 -4.50 3.33 -3.81
CA ASP A 40 -5.61 3.18 -2.87
C ASP A 40 -5.14 3.37 -1.43
N PHE A 41 -3.93 2.89 -1.15
CA PHE A 41 -3.36 3.02 0.19
C PHE A 41 -2.97 4.45 0.49
N CYS A 42 -2.45 5.14 -0.52
CA CYS A 42 -2.03 6.53 -0.37
C CYS A 42 -3.20 7.41 0.05
N MET A 43 -4.34 7.22 -0.60
CA MET A 43 -5.54 8.00 -0.30
C MET A 43 -5.92 7.84 1.17
N LYS A 44 -5.85 6.62 1.67
CA LYS A 44 -6.19 6.34 3.07
C LYS A 44 -5.45 7.29 4.01
N ILE A 45 -4.21 7.62 3.65
CA ILE A 45 -3.41 8.53 4.46
C ILE A 45 -3.55 9.97 3.98
N HIS A 46 -3.02 10.25 2.80
CA HIS A 46 -3.08 11.58 2.24
C HIS A 46 -3.21 11.53 0.71
N LYS A 47 -4.36 11.93 0.20
CA LYS A 47 -4.61 11.91 -1.24
C LYS A 47 -3.42 12.51 -1.99
N ASN A 48 -2.95 13.67 -1.54
CA ASN A 48 -1.82 14.34 -2.18
C ASN A 48 -0.60 13.43 -2.19
N LEU A 49 -0.51 12.53 -1.21
CA LEU A 49 0.60 11.60 -1.12
C LEU A 49 1.03 11.11 -2.50
N ILE A 50 0.10 10.49 -3.21
CA ILE A 50 0.37 9.97 -4.54
C ILE A 50 1.28 10.92 -5.32
N LYS A 51 1.06 12.22 -5.15
CA LYS A 51 1.86 13.22 -5.83
C LYS A 51 3.33 13.13 -5.41
N GLU A 52 3.55 13.00 -4.11
CA GLU A 52 4.91 12.91 -3.58
C GLU A 52 5.40 11.47 -3.60
N PHE A 53 4.48 10.55 -3.90
CA PHE A 53 4.82 9.13 -3.94
C PHE A 53 5.75 8.82 -5.12
N LYS A 54 6.99 8.43 -4.80
CA LYS A 54 7.97 8.12 -5.83
C LYS A 54 7.92 6.64 -6.19
N TYR A 55 8.00 5.78 -5.17
CA TYR A 55 7.98 4.34 -5.38
C TYR A 55 7.64 3.62 -4.08
N ALA A 56 7.35 2.32 -4.20
CA ALA A 56 7.02 1.50 -3.04
C ALA A 56 7.81 0.21 -3.03
N LEU A 57 8.25 -0.21 -1.83
CA LEU A 57 9.02 -1.44 -1.69
C LEU A 57 8.19 -2.52 -1.01
N VAL A 58 7.56 -3.37 -1.81
CA VAL A 58 6.73 -4.46 -1.27
C VAL A 58 7.60 -5.61 -0.78
N TRP A 59 7.24 -6.16 0.37
CA TRP A 59 7.98 -7.26 0.96
C TRP A 59 7.07 -8.46 1.21
N GLY A 60 6.99 -9.36 0.24
CA GLY A 60 6.14 -10.53 0.38
C GLY A 60 5.99 -11.29 -0.92
N LEU A 61 5.26 -12.40 -0.87
CA LEU A 61 5.04 -13.23 -2.05
C LEU A 61 4.65 -12.37 -3.25
N SER A 62 3.90 -11.31 -2.99
CA SER A 62 3.46 -10.40 -4.05
C SER A 62 4.54 -10.24 -5.11
N VAL A 63 5.78 -10.06 -4.66
CA VAL A 63 6.90 -9.88 -5.56
C VAL A 63 7.85 -11.09 -5.50
N LYS A 64 8.63 -11.27 -6.56
CA LYS A 64 9.57 -12.37 -6.64
C LYS A 64 10.83 -12.07 -5.83
N HIS A 65 11.40 -10.90 -6.05
CA HIS A 65 12.60 -10.48 -5.34
C HIS A 65 12.40 -9.12 -4.67
N ASN A 66 12.30 -9.14 -3.34
CA ASN A 66 12.10 -7.91 -2.58
C ASN A 66 13.38 -7.52 -1.84
N PRO A 67 13.52 -6.22 -1.55
CA PRO A 67 12.52 -5.22 -1.91
C PRO A 67 12.46 -4.97 -3.42
N GLN A 68 11.25 -4.76 -3.93
CA GLN A 68 11.06 -4.52 -5.36
C GLN A 68 10.46 -3.13 -5.59
N LYS A 69 11.01 -2.42 -6.57
CA LYS A 69 10.53 -1.08 -6.89
C LYS A 69 9.26 -1.15 -7.73
N VAL A 70 8.17 -0.62 -7.18
CA VAL A 70 6.89 -0.62 -7.87
C VAL A 70 6.35 0.80 -8.03
N GLY A 71 5.32 0.95 -8.86
CA GLY A 71 4.73 2.25 -9.09
C GLY A 71 3.44 2.44 -8.32
N LYS A 72 2.52 3.22 -8.90
CA LYS A 72 1.23 3.48 -8.26
C LYS A 72 0.17 2.52 -8.77
N ASP A 73 0.38 1.98 -9.98
CA ASP A 73 -0.56 1.04 -10.57
C ASP A 73 -0.35 -0.37 -10.02
N HIS A 74 0.76 -0.56 -9.32
CA HIS A 74 1.08 -1.86 -8.73
C HIS A 74 -0.02 -2.30 -7.76
N THR A 75 -0.45 -3.55 -7.91
CA THR A 75 -1.50 -4.10 -7.06
C THR A 75 -0.93 -4.57 -5.72
N LEU A 76 -1.64 -4.26 -4.65
CA LEU A 76 -1.21 -4.66 -3.31
C LEU A 76 -1.75 -6.04 -2.95
N GLU A 77 -0.98 -6.78 -2.15
CA GLU A 77 -1.38 -8.12 -1.73
C GLU A 77 -1.65 -8.16 -0.23
N ASP A 78 -2.39 -9.17 0.20
CA ASP A 78 -2.73 -9.33 1.61
C ASP A 78 -1.47 -9.67 2.43
N GLU A 79 -1.39 -9.10 3.63
CA GLU A 79 -0.25 -9.34 4.50
C GLU A 79 1.06 -8.95 3.83
N ASP A 80 1.11 -7.72 3.33
CA ASP A 80 2.30 -7.22 2.64
C ASP A 80 2.71 -5.86 3.20
N VAL A 81 4.01 -5.67 3.37
CA VAL A 81 4.53 -4.40 3.89
C VAL A 81 5.00 -3.50 2.76
N ILE A 82 4.48 -2.27 2.74
CA ILE A 82 4.84 -1.31 1.71
C ILE A 82 5.51 -0.08 2.33
N GLN A 83 6.53 0.43 1.64
CA GLN A 83 7.25 1.62 2.12
C GLN A 83 7.04 2.80 1.18
N ILE A 84 6.08 3.65 1.51
CA ILE A 84 5.78 4.82 0.69
C ILE A 84 6.85 5.89 0.87
N VAL A 85 7.68 6.07 -0.16
CA VAL A 85 8.74 7.06 -0.12
C VAL A 85 8.29 8.36 -0.78
N LYS A 86 8.74 9.49 -0.23
CA LYS A 86 8.38 10.80 -0.75
C LYS A 86 9.59 11.46 -1.40
N LYS A 87 9.44 11.84 -2.67
CA LYS A 87 10.51 12.48 -3.41
C LYS A 87 11.35 13.38 -2.49
N SER A 88 12.65 13.12 -2.44
CA SER A 88 13.55 13.89 -1.60
C SER A 88 13.62 15.34 -2.07
N GLY A 89 13.41 16.27 -1.14
CA GLY A 89 13.45 17.68 -1.48
C GLY A 89 12.79 18.55 -0.42
N PRO A 90 12.60 19.84 -0.73
CA PRO A 90 11.99 20.80 0.18
C PRO A 90 10.49 20.53 0.36
N SER A 91 10.00 19.47 -0.27
CA SER A 91 8.59 19.11 -0.17
C SER A 91 7.71 20.20 -0.79
N SER A 92 8.07 20.63 -1.99
CA SER A 92 7.31 21.67 -2.69
C SER A 92 7.12 22.90 -1.79
N GLY A 93 8.19 23.31 -1.13
CA GLY A 93 8.12 24.46 -0.25
C GLY A 93 6.90 24.42 0.66
N GLY A 1 -35.05 -8.55 -6.24
CA GLY A 1 -34.77 -8.67 -4.82
C GLY A 1 -33.59 -9.57 -4.52
N SER A 2 -32.67 -9.09 -3.70
CA SER A 2 -31.48 -9.86 -3.35
C SER A 2 -31.86 -11.29 -2.96
N SER A 3 -31.38 -12.25 -3.74
CA SER A 3 -31.66 -13.66 -3.48
C SER A 3 -30.42 -14.51 -3.70
N GLY A 4 -30.32 -15.61 -2.96
CA GLY A 4 -29.18 -16.50 -3.10
C GLY A 4 -28.04 -16.12 -2.16
N SER A 5 -26.82 -16.24 -2.65
CA SER A 5 -25.64 -15.92 -1.86
C SER A 5 -24.44 -15.61 -2.75
N SER A 6 -23.59 -14.71 -2.30
CA SER A 6 -22.41 -14.32 -3.06
C SER A 6 -21.33 -13.74 -2.14
N GLY A 7 -20.08 -13.89 -2.55
CA GLY A 7 -18.97 -13.38 -1.75
C GLY A 7 -17.69 -13.25 -2.54
N TYR A 8 -17.51 -12.10 -3.19
CA TYR A 8 -16.33 -11.84 -3.98
C TYR A 8 -15.55 -10.64 -3.46
N LEU A 9 -15.98 -10.13 -2.31
CA LEU A 9 -15.33 -8.97 -1.70
C LEU A 9 -14.24 -9.42 -0.73
N LYS A 10 -13.06 -9.70 -1.26
CA LYS A 10 -11.94 -10.13 -0.43
C LYS A 10 -11.37 -8.96 0.38
N LEU A 11 -10.64 -9.28 1.43
CA LEU A 11 -10.05 -8.26 2.29
C LEU A 11 -8.55 -8.50 2.47
N VAL A 12 -7.74 -7.57 1.98
CA VAL A 12 -6.30 -7.67 2.08
C VAL A 12 -5.74 -6.64 3.05
N ARG A 13 -4.85 -7.09 3.95
CA ARG A 13 -4.25 -6.20 4.93
C ARG A 13 -2.83 -5.84 4.53
N ILE A 14 -2.52 -4.55 4.57
CA ILE A 14 -1.19 -4.07 4.22
C ILE A 14 -0.49 -3.42 5.41
N TYR A 15 0.77 -3.77 5.61
CA TYR A 15 1.55 -3.23 6.73
C TYR A 15 2.43 -2.08 6.26
N THR A 16 1.99 -0.85 6.55
CA THR A 16 2.75 0.33 6.16
C THR A 16 4.10 0.39 6.87
N LYS A 17 5.12 0.86 6.16
CA LYS A 17 6.46 0.96 6.71
C LYS A 17 6.91 2.42 6.76
N PRO A 18 6.68 3.08 7.90
CA PRO A 18 7.07 4.48 8.11
C PRO A 18 8.58 4.66 8.19
N LYS A 19 9.11 5.55 7.35
CA LYS A 19 10.55 5.82 7.33
C LYS A 19 11.06 6.12 8.74
N GLY A 20 12.09 5.39 9.14
CA GLY A 20 12.67 5.59 10.47
C GLY A 20 12.13 4.61 11.49
N GLN A 21 10.80 4.48 11.54
CA GLN A 21 10.16 3.57 12.49
C GLN A 21 9.86 2.22 11.83
N LEU A 22 9.35 1.29 12.62
CA LEU A 22 9.02 -0.03 12.12
C LEU A 22 7.57 -0.10 11.65
N PRO A 23 7.30 -1.00 10.69
CA PRO A 23 5.96 -1.17 10.13
C PRO A 23 4.99 -1.82 11.14
N ASP A 24 3.93 -1.10 11.48
CA ASP A 24 2.94 -1.60 12.42
C ASP A 24 2.35 -2.93 11.93
N TYR A 25 1.97 -3.77 12.88
CA TYR A 25 1.40 -5.08 12.55
C TYR A 25 0.03 -5.26 13.22
N THR A 26 -0.24 -4.41 14.21
CA THR A 26 -1.50 -4.48 14.93
C THR A 26 -2.52 -3.50 14.34
N SER A 27 -2.03 -2.44 13.72
CA SER A 27 -2.90 -1.43 13.12
C SER A 27 -2.68 -1.36 11.62
N PRO A 28 -2.78 -2.52 10.95
CA PRO A 28 -2.60 -2.61 9.49
C PRO A 28 -3.74 -1.96 8.72
N VAL A 29 -3.49 -1.64 7.45
CA VAL A 29 -4.49 -1.01 6.61
C VAL A 29 -5.12 -2.02 5.67
N VAL A 30 -6.34 -2.45 5.99
CA VAL A 30 -7.05 -3.42 5.16
C VAL A 30 -7.96 -2.72 4.15
N LEU A 31 -7.56 -2.76 2.88
CA LEU A 31 -8.34 -2.14 1.82
C LEU A 31 -9.23 -3.15 1.13
N PRO A 32 -10.36 -2.67 0.58
CA PRO A 32 -11.32 -3.52 -0.13
C PRO A 32 -10.78 -4.04 -1.45
N TYR A 33 -10.80 -5.35 -1.63
CA TYR A 33 -10.31 -5.97 -2.86
C TYR A 33 -10.70 -5.14 -4.08
N SER A 34 -12.00 -4.99 -4.29
CA SER A 34 -12.50 -4.23 -5.42
C SER A 34 -11.59 -3.05 -5.74
N ARG A 35 -11.05 -2.43 -4.69
CA ARG A 35 -10.16 -1.29 -4.85
C ARG A 35 -8.88 -1.49 -4.06
N THR A 36 -7.92 -2.19 -4.66
CA THR A 36 -6.65 -2.46 -4.00
C THR A 36 -5.47 -2.11 -4.92
N THR A 37 -4.72 -1.10 -4.54
CA THR A 37 -3.56 -0.66 -5.32
C THR A 37 -2.75 0.39 -4.56
N VAL A 38 -1.43 0.33 -4.73
CA VAL A 38 -0.54 1.27 -4.07
C VAL A 38 -1.16 2.67 -4.00
N GLU A 39 -1.79 3.07 -5.09
CA GLU A 39 -2.42 4.39 -5.15
C GLU A 39 -3.57 4.48 -4.14
N ASP A 40 -4.39 3.45 -4.08
CA ASP A 40 -5.52 3.41 -3.16
C ASP A 40 -5.04 3.52 -1.71
N PHE A 41 -3.88 2.93 -1.44
CA PHE A 41 -3.31 2.95 -0.09
C PHE A 41 -2.80 4.34 0.25
N CYS A 42 -2.22 5.01 -0.74
CA CYS A 42 -1.68 6.35 -0.53
C CYS A 42 -2.76 7.31 -0.04
N MET A 43 -3.99 7.07 -0.47
CA MET A 43 -5.12 7.91 -0.08
C MET A 43 -5.37 7.80 1.42
N LYS A 44 -5.44 6.58 1.92
CA LYS A 44 -5.69 6.34 3.35
C LYS A 44 -4.85 7.29 4.20
N ILE A 45 -3.63 7.57 3.75
CA ILE A 45 -2.73 8.46 4.47
C ILE A 45 -3.06 9.92 4.19
N HIS A 46 -2.84 10.33 2.95
CA HIS A 46 -3.12 11.71 2.54
C HIS A 46 -3.67 11.76 1.12
N LYS A 47 -4.76 12.51 0.94
CA LYS A 47 -5.39 12.64 -0.36
C LYS A 47 -4.41 13.24 -1.37
N ASN A 48 -3.45 14.01 -0.89
CA ASN A 48 -2.46 14.64 -1.74
C ASN A 48 -1.08 13.99 -1.57
N LEU A 49 -1.08 12.67 -1.42
CA LEU A 49 0.16 11.93 -1.25
C LEU A 49 0.65 11.35 -2.57
N ILE A 50 -0.25 10.66 -3.27
CA ILE A 50 0.09 10.06 -4.55
C ILE A 50 0.85 11.04 -5.43
N LYS A 51 0.50 12.32 -5.33
CA LYS A 51 1.16 13.35 -6.13
C LYS A 51 2.65 13.38 -5.85
N GLU A 52 3.01 13.27 -4.58
CA GLU A 52 4.42 13.28 -4.19
C GLU A 52 5.01 11.87 -4.21
N PHE A 53 4.12 10.88 -4.18
CA PHE A 53 4.55 9.48 -4.20
C PHE A 53 5.52 9.22 -5.34
N LYS A 54 6.60 8.51 -5.04
CA LYS A 54 7.62 8.20 -6.04
C LYS A 54 7.61 6.70 -6.37
N TYR A 55 7.78 5.88 -5.34
CA TYR A 55 7.80 4.43 -5.52
C TYR A 55 7.42 3.72 -4.23
N ALA A 56 7.30 2.40 -4.30
CA ALA A 56 6.95 1.60 -3.12
C ALA A 56 7.80 0.33 -3.06
N LEU A 57 8.30 0.04 -1.87
CA LEU A 57 9.13 -1.14 -1.67
C LEU A 57 8.35 -2.26 -0.98
N VAL A 58 7.94 -3.26 -1.75
CA VAL A 58 7.18 -4.38 -1.22
C VAL A 58 8.11 -5.45 -0.65
N TRP A 59 7.73 -6.00 0.50
CA TRP A 59 8.53 -7.04 1.14
C TRP A 59 7.68 -8.26 1.46
N GLY A 60 7.62 -9.20 0.53
CA GLY A 60 6.84 -10.41 0.73
C GLY A 60 6.94 -11.36 -0.44
N LEU A 61 5.96 -12.24 -0.58
CA LEU A 61 5.93 -13.22 -1.66
C LEU A 61 5.49 -12.57 -2.97
N SER A 62 4.56 -11.62 -2.86
CA SER A 62 4.04 -10.93 -4.04
C SER A 62 5.15 -10.70 -5.06
N VAL A 63 6.34 -10.37 -4.57
CA VAL A 63 7.48 -10.12 -5.44
C VAL A 63 8.51 -11.24 -5.34
N LYS A 64 9.25 -11.46 -6.42
CA LYS A 64 10.27 -12.51 -6.45
C LYS A 64 11.53 -12.06 -5.72
N HIS A 65 12.02 -10.87 -6.07
CA HIS A 65 13.22 -10.32 -5.45
C HIS A 65 12.94 -8.97 -4.79
N ASN A 66 13.12 -8.91 -3.48
CA ASN A 66 12.88 -7.68 -2.74
C ASN A 66 14.16 -7.20 -2.03
N PRO A 67 14.19 -5.91 -1.70
CA PRO A 67 13.09 -4.98 -1.97
C PRO A 67 12.94 -4.69 -3.46
N GLN A 68 11.69 -4.61 -3.92
CA GLN A 68 11.41 -4.33 -5.32
C GLN A 68 10.68 -3.00 -5.48
N LYS A 69 11.16 -2.17 -6.41
CA LYS A 69 10.55 -0.88 -6.66
C LYS A 69 9.25 -1.02 -7.45
N VAL A 70 8.14 -0.71 -6.81
CA VAL A 70 6.83 -0.81 -7.45
C VAL A 70 6.25 0.57 -7.73
N GLY A 71 5.19 0.61 -8.53
CA GLY A 71 4.55 1.88 -8.85
C GLY A 71 3.18 2.02 -8.22
N LYS A 72 2.51 3.12 -8.52
CA LYS A 72 1.18 3.38 -7.96
C LYS A 72 0.16 2.38 -8.52
N ASP A 73 0.45 1.85 -9.69
CA ASP A 73 -0.43 0.87 -10.32
C ASP A 73 -0.26 -0.50 -9.69
N HIS A 74 0.90 -0.75 -9.11
CA HIS A 74 1.19 -2.02 -8.46
C HIS A 74 0.04 -2.45 -7.56
N THR A 75 -0.34 -3.71 -7.65
CA THR A 75 -1.43 -4.24 -6.84
C THR A 75 -0.92 -4.71 -5.48
N LEU A 76 -1.59 -4.27 -4.41
CA LEU A 76 -1.20 -4.65 -3.06
C LEU A 76 -1.77 -6.01 -2.69
N GLU A 77 -0.95 -6.87 -2.10
CA GLU A 77 -1.36 -8.20 -1.70
C GLU A 77 -1.59 -8.26 -0.19
N ASP A 78 -2.49 -9.14 0.23
CA ASP A 78 -2.78 -9.31 1.66
C ASP A 78 -1.55 -9.76 2.42
N GLU A 79 -1.37 -9.23 3.62
CA GLU A 79 -0.23 -9.56 4.45
C GLU A 79 1.08 -9.17 3.77
N ASP A 80 1.15 -7.92 3.33
CA ASP A 80 2.34 -7.41 2.66
C ASP A 80 2.75 -6.06 3.25
N VAL A 81 4.06 -5.84 3.36
CA VAL A 81 4.58 -4.58 3.89
C VAL A 81 5.03 -3.65 2.78
N ILE A 82 4.54 -2.42 2.81
CA ILE A 82 4.89 -1.43 1.81
C ILE A 82 5.53 -0.20 2.43
N GLN A 83 6.34 0.51 1.65
CA GLN A 83 7.01 1.71 2.14
C GLN A 83 6.80 2.88 1.18
N ILE A 84 5.83 3.73 1.49
CA ILE A 84 5.53 4.89 0.66
C ILE A 84 6.57 5.98 0.84
N VAL A 85 7.33 6.24 -0.23
CA VAL A 85 8.37 7.26 -0.20
C VAL A 85 7.92 8.52 -0.94
N LYS A 86 8.34 9.68 -0.44
CA LYS A 86 7.99 10.95 -1.05
C LYS A 86 9.20 11.57 -1.74
N LYS A 87 9.05 11.87 -3.03
CA LYS A 87 10.13 12.47 -3.80
C LYS A 87 10.91 13.48 -2.97
N SER A 88 12.20 13.63 -3.28
CA SER A 88 13.05 14.56 -2.56
C SER A 88 13.43 15.75 -3.43
N GLY A 89 12.83 16.90 -3.15
CA GLY A 89 13.11 18.10 -3.92
C GLY A 89 13.40 19.30 -3.05
N PRO A 90 13.19 20.50 -3.60
CA PRO A 90 13.43 21.76 -2.87
C PRO A 90 12.41 21.99 -1.78
N SER A 91 11.46 21.07 -1.65
CA SER A 91 10.42 21.18 -0.63
C SER A 91 10.80 20.41 0.63
N SER A 92 10.90 21.13 1.74
CA SER A 92 11.27 20.52 3.02
C SER A 92 10.55 19.20 3.21
N GLY A 93 11.06 18.37 4.11
CA GLY A 93 10.46 17.08 4.38
C GLY A 93 10.56 16.68 5.84
N GLY A 1 -36.06 -6.19 3.92
CA GLY A 1 -34.67 -6.42 4.30
C GLY A 1 -33.73 -6.31 3.12
N SER A 2 -32.65 -7.08 3.17
CA SER A 2 -31.66 -7.07 2.09
C SER A 2 -31.51 -8.45 1.47
N SER A 3 -30.75 -8.53 0.38
CA SER A 3 -30.54 -9.79 -0.31
C SER A 3 -29.23 -9.77 -1.10
N GLY A 4 -28.67 -10.94 -1.35
CA GLY A 4 -27.42 -11.03 -2.09
C GLY A 4 -26.22 -10.74 -1.23
N SER A 5 -25.95 -11.62 -0.27
CA SER A 5 -24.80 -11.45 0.63
C SER A 5 -23.52 -11.25 -0.16
N SER A 6 -22.46 -10.85 0.54
CA SER A 6 -21.16 -10.62 -0.09
C SER A 6 -20.65 -11.90 -0.75
N GLY A 7 -20.09 -11.77 -1.95
CA GLY A 7 -19.56 -12.92 -2.66
C GLY A 7 -18.14 -13.23 -2.28
N TYR A 8 -17.21 -12.99 -3.18
CA TYR A 8 -15.79 -13.26 -2.94
C TYR A 8 -15.10 -12.04 -2.35
N LEU A 9 -15.85 -11.26 -1.57
CA LEU A 9 -15.31 -10.06 -0.94
C LEU A 9 -14.13 -10.40 -0.03
N LYS A 10 -12.96 -10.55 -0.63
CA LYS A 10 -11.75 -10.88 0.13
C LYS A 10 -11.17 -9.63 0.80
N LEU A 11 -10.35 -9.83 1.82
CA LEU A 11 -9.73 -8.73 2.53
C LEU A 11 -8.24 -8.66 2.25
N VAL A 12 -7.73 -7.46 2.03
CA VAL A 12 -6.31 -7.26 1.75
C VAL A 12 -5.75 -6.10 2.55
N ARG A 13 -5.04 -6.40 3.63
CA ARG A 13 -4.45 -5.37 4.48
C ARG A 13 -2.96 -5.23 4.20
N ILE A 14 -2.46 -4.00 4.27
CA ILE A 14 -1.05 -3.73 4.02
C ILE A 14 -0.38 -3.12 5.25
N TYR A 15 0.86 -3.52 5.49
CA TYR A 15 1.61 -3.02 6.65
C TYR A 15 2.50 -1.85 6.25
N THR A 16 2.02 -0.64 6.50
CA THR A 16 2.78 0.56 6.17
C THR A 16 4.11 0.60 6.91
N LYS A 17 5.17 1.00 6.21
CA LYS A 17 6.50 1.08 6.81
C LYS A 17 6.94 2.53 6.95
N PRO A 18 6.99 3.01 8.19
CA PRO A 18 7.40 4.39 8.51
C PRO A 18 8.88 4.62 8.25
N LYS A 19 9.21 5.78 7.70
CA LYS A 19 10.60 6.13 7.40
C LYS A 19 11.42 6.22 8.69
N GLY A 20 12.47 5.41 8.77
CA GLY A 20 13.32 5.42 9.95
C GLY A 20 12.87 4.43 10.99
N GLN A 21 11.55 4.26 11.12
CA GLN A 21 10.99 3.33 12.10
C GLN A 21 10.64 2.00 11.44
N LEU A 22 10.23 1.04 12.25
CA LEU A 22 9.86 -0.29 11.76
C LEU A 22 8.38 -0.33 11.39
N PRO A 23 8.03 -1.22 10.45
CA PRO A 23 6.65 -1.39 9.99
C PRO A 23 5.75 -2.02 11.06
N ASP A 24 4.75 -1.27 11.51
CA ASP A 24 3.83 -1.75 12.53
C ASP A 24 2.96 -2.88 11.98
N TYR A 25 2.64 -3.84 12.83
CA TYR A 25 1.83 -4.98 12.44
C TYR A 25 0.69 -5.21 13.44
N THR A 26 0.36 -4.18 14.19
CA THR A 26 -0.71 -4.26 15.19
C THR A 26 -2.04 -3.81 14.60
N SER A 27 -2.04 -2.64 13.96
CA SER A 27 -3.25 -2.10 13.37
C SER A 27 -2.97 -1.56 11.97
N PRO A 28 -2.76 -2.48 11.01
CA PRO A 28 -2.47 -2.12 9.62
C PRO A 28 -3.69 -1.53 8.91
N VAL A 29 -3.58 -1.36 7.60
CA VAL A 29 -4.67 -0.80 6.80
C VAL A 29 -5.34 -1.89 5.97
N VAL A 30 -6.56 -2.26 6.37
CA VAL A 30 -7.32 -3.29 5.66
C VAL A 30 -8.15 -2.67 4.54
N LEU A 31 -7.72 -2.90 3.30
CA LEU A 31 -8.43 -2.38 2.14
C LEU A 31 -9.21 -3.49 1.43
N PRO A 32 -10.30 -3.10 0.76
CA PRO A 32 -11.15 -4.04 0.03
C PRO A 32 -10.47 -4.60 -1.22
N TYR A 33 -10.47 -5.92 -1.34
CA TYR A 33 -9.84 -6.58 -2.47
C TYR A 33 -10.18 -5.86 -3.77
N SER A 34 -11.47 -5.86 -4.12
CA SER A 34 -11.93 -5.20 -5.34
C SER A 34 -11.09 -3.96 -5.65
N ARG A 35 -10.74 -3.22 -4.60
CA ARG A 35 -9.94 -2.01 -4.75
C ARG A 35 -8.63 -2.12 -3.97
N THR A 36 -7.58 -2.56 -4.65
CA THR A 36 -6.27 -2.71 -4.02
C THR A 36 -5.16 -2.25 -4.96
N THR A 37 -4.45 -1.19 -4.55
CA THR A 37 -3.36 -0.64 -5.35
C THR A 37 -2.55 0.37 -4.54
N VAL A 38 -1.25 0.42 -4.83
CA VAL A 38 -0.36 1.34 -4.14
C VAL A 38 -1.00 2.72 -3.97
N GLU A 39 -1.67 3.17 -5.03
CA GLU A 39 -2.34 4.47 -5.00
C GLU A 39 -3.55 4.44 -4.07
N ASP A 40 -4.24 3.31 -4.03
CA ASP A 40 -5.41 3.16 -3.18
C ASP A 40 -5.04 3.28 -1.71
N PHE A 41 -3.87 2.75 -1.36
CA PHE A 41 -3.40 2.78 0.02
C PHE A 41 -2.96 4.19 0.40
N CYS A 42 -2.34 4.88 -0.54
CA CYS A 42 -1.86 6.24 -0.32
C CYS A 42 -3.01 7.17 0.07
N MET A 43 -4.18 6.92 -0.50
CA MET A 43 -5.36 7.73 -0.21
C MET A 43 -5.78 7.58 1.26
N LYS A 44 -5.79 6.35 1.73
CA LYS A 44 -6.16 6.07 3.12
C LYS A 44 -5.45 7.02 4.08
N ILE A 45 -4.20 7.34 3.76
CA ILE A 45 -3.40 8.24 4.59
C ILE A 45 -3.66 9.70 4.22
N HIS A 46 -3.40 10.05 2.97
CA HIS A 46 -3.61 11.41 2.49
C HIS A 46 -3.95 11.42 1.00
N LYS A 47 -4.75 12.39 0.59
CA LYS A 47 -5.15 12.51 -0.82
C LYS A 47 -4.10 13.29 -1.60
N ASN A 48 -2.93 13.50 -1.00
CA ASN A 48 -1.85 14.22 -1.66
C ASN A 48 -0.54 13.45 -1.56
N LEU A 49 -0.58 12.31 -0.88
CA LEU A 49 0.60 11.47 -0.72
C LEU A 49 1.00 10.83 -2.04
N ILE A 50 0.02 10.62 -2.91
CA ILE A 50 0.26 10.02 -4.22
C ILE A 50 1.07 10.95 -5.12
N LYS A 51 0.87 12.26 -4.93
CA LYS A 51 1.58 13.26 -5.72
C LYS A 51 3.06 13.27 -5.37
N GLU A 52 3.36 13.08 -4.09
CA GLU A 52 4.75 13.08 -3.62
C GLU A 52 5.34 11.67 -3.69
N PHE A 53 4.47 10.67 -3.68
CA PHE A 53 4.91 9.28 -3.74
C PHE A 53 5.76 9.03 -4.99
N LYS A 54 6.99 8.55 -4.78
CA LYS A 54 7.90 8.28 -5.88
C LYS A 54 7.88 6.79 -6.23
N TYR A 55 7.90 5.94 -5.21
CA TYR A 55 7.89 4.49 -5.41
C TYR A 55 7.51 3.77 -4.12
N ALA A 56 7.20 2.48 -4.25
CA ALA A 56 6.83 1.67 -3.10
C ALA A 56 7.61 0.36 -3.08
N LEU A 57 8.05 -0.04 -1.88
CA LEU A 57 8.80 -1.28 -1.73
C LEU A 57 7.95 -2.37 -1.08
N VAL A 58 7.64 -3.40 -1.84
CA VAL A 58 6.83 -4.51 -1.34
C VAL A 58 7.71 -5.63 -0.82
N TRP A 59 7.26 -6.28 0.25
CA TRP A 59 8.01 -7.38 0.85
C TRP A 59 7.12 -8.61 1.02
N GLY A 60 6.14 -8.75 0.13
CA GLY A 60 5.24 -9.89 0.19
C GLY A 60 5.38 -10.81 -1.00
N LEU A 61 4.53 -11.82 -1.08
CA LEU A 61 4.56 -12.78 -2.18
C LEU A 61 4.35 -12.08 -3.52
N SER A 62 3.53 -11.02 -3.50
CA SER A 62 3.24 -10.27 -4.71
C SER A 62 4.50 -10.06 -5.54
N VAL A 63 5.61 -9.78 -4.87
CA VAL A 63 6.88 -9.56 -5.54
C VAL A 63 7.77 -10.78 -5.44
N LYS A 64 8.51 -11.06 -6.52
CA LYS A 64 9.40 -12.21 -6.56
C LYS A 64 10.68 -11.94 -5.76
N HIS A 65 11.30 -10.79 -6.03
CA HIS A 65 12.52 -10.41 -5.34
C HIS A 65 12.39 -9.03 -4.72
N ASN A 66 12.34 -8.98 -3.39
CA ASN A 66 12.21 -7.71 -2.68
C ASN A 66 13.49 -7.38 -1.91
N PRO A 67 13.66 -6.10 -1.58
CA PRO A 67 12.70 -5.04 -1.92
C PRO A 67 12.67 -4.76 -3.42
N GLN A 68 11.47 -4.61 -3.96
CA GLN A 68 11.30 -4.33 -5.39
C GLN A 68 10.67 -2.97 -5.60
N LYS A 69 11.24 -2.19 -6.53
CA LYS A 69 10.72 -0.86 -6.83
C LYS A 69 9.47 -0.94 -7.70
N VAL A 70 8.33 -0.55 -7.12
CA VAL A 70 7.07 -0.59 -7.85
C VAL A 70 6.51 0.83 -8.04
N GLY A 71 5.50 0.94 -8.90
CA GLY A 71 4.90 2.24 -9.15
C GLY A 71 3.65 2.48 -8.33
N LYS A 72 2.65 3.12 -8.93
CA LYS A 72 1.40 3.41 -8.24
C LYS A 72 0.28 2.51 -8.75
N ASP A 73 0.55 1.80 -9.84
CA ASP A 73 -0.43 0.90 -10.43
C ASP A 73 -0.26 -0.52 -9.90
N HIS A 74 0.88 -0.76 -9.25
CA HIS A 74 1.18 -2.07 -8.70
C HIS A 74 0.09 -2.51 -7.71
N THR A 75 -0.50 -3.67 -7.97
CA THR A 75 -1.56 -4.19 -7.10
C THR A 75 -0.99 -4.62 -5.75
N LEU A 76 -1.75 -4.35 -4.69
CA LEU A 76 -1.33 -4.72 -3.34
C LEU A 76 -1.90 -6.07 -2.94
N GLU A 77 -1.08 -6.87 -2.26
CA GLU A 77 -1.51 -8.20 -1.82
C GLU A 77 -1.83 -8.19 -0.33
N ASP A 78 -2.47 -9.26 0.14
CA ASP A 78 -2.85 -9.38 1.54
C ASP A 78 -1.63 -9.73 2.39
N GLU A 79 -1.52 -9.08 3.56
CA GLU A 79 -0.40 -9.32 4.46
C GLU A 79 0.92 -8.95 3.80
N ASP A 80 0.98 -7.75 3.24
CA ASP A 80 2.19 -7.28 2.57
C ASP A 80 2.62 -5.93 3.12
N VAL A 81 3.93 -5.73 3.24
CA VAL A 81 4.47 -4.48 3.75
C VAL A 81 4.87 -3.54 2.62
N ILE A 82 4.59 -2.26 2.77
CA ILE A 82 4.92 -1.27 1.76
C ILE A 82 5.56 -0.04 2.39
N GLN A 83 6.56 0.52 1.71
CA GLN A 83 7.25 1.70 2.19
C GLN A 83 7.10 2.87 1.23
N ILE A 84 6.11 3.72 1.50
CA ILE A 84 5.85 4.88 0.65
C ILE A 84 6.97 5.91 0.76
N VAL A 85 7.72 6.08 -0.32
CA VAL A 85 8.82 7.04 -0.34
C VAL A 85 8.41 8.34 -1.02
N LYS A 86 8.88 9.46 -0.50
CA LYS A 86 8.57 10.77 -1.07
C LYS A 86 9.74 11.30 -1.89
N LYS A 87 9.47 11.62 -3.15
CA LYS A 87 10.50 12.15 -4.04
C LYS A 87 11.03 13.48 -3.53
N SER A 88 12.04 13.42 -2.67
CA SER A 88 12.65 14.62 -2.10
C SER A 88 14.16 14.59 -2.26
N GLY A 89 14.75 15.76 -2.51
CA GLY A 89 16.18 15.85 -2.68
C GLY A 89 16.58 16.15 -4.11
N PRO A 90 16.38 17.41 -4.54
CA PRO A 90 16.72 17.84 -5.89
C PRO A 90 18.22 17.90 -6.13
N SER A 91 18.63 17.64 -7.37
CA SER A 91 20.04 17.65 -7.73
C SER A 91 20.86 16.79 -6.77
N SER A 92 20.31 15.62 -6.43
CA SER A 92 20.98 14.70 -5.53
C SER A 92 22.01 13.85 -6.28
N GLY A 93 23.26 13.95 -5.86
CA GLY A 93 24.32 13.19 -6.50
C GLY A 93 24.82 12.04 -5.64
N GLY A 1 -23.94 -19.38 6.15
CA GLY A 1 -24.26 -18.96 4.80
C GLY A 1 -25.35 -19.79 4.18
N SER A 2 -26.32 -19.13 3.53
CA SER A 2 -27.43 -19.82 2.90
C SER A 2 -27.06 -20.26 1.48
N SER A 3 -26.51 -21.47 1.36
CA SER A 3 -26.11 -22.00 0.08
C SER A 3 -25.05 -21.11 -0.57
N GLY A 4 -24.10 -20.64 0.24
CA GLY A 4 -23.04 -19.79 -0.27
C GLY A 4 -21.66 -20.35 0.02
N SER A 5 -20.86 -20.51 -1.03
CA SER A 5 -19.51 -21.03 -0.88
C SER A 5 -18.48 -19.99 -1.28
N SER A 6 -18.57 -19.49 -2.51
CA SER A 6 -17.65 -18.49 -3.01
C SER A 6 -17.67 -17.24 -2.14
N GLY A 7 -16.50 -16.64 -1.95
CA GLY A 7 -16.41 -15.43 -1.14
C GLY A 7 -16.34 -14.17 -1.98
N TYR A 8 -16.61 -13.03 -1.34
CA TYR A 8 -16.59 -11.75 -2.04
C TYR A 8 -16.10 -10.64 -1.12
N LEU A 9 -15.44 -9.64 -1.70
CA LEU A 9 -14.93 -8.51 -0.93
C LEU A 9 -13.82 -8.97 0.02
N LYS A 10 -12.90 -9.78 -0.48
CA LYS A 10 -11.80 -10.28 0.32
C LYS A 10 -11.15 -9.16 1.12
N LEU A 11 -10.56 -9.50 2.26
CA LEU A 11 -9.90 -8.52 3.11
C LEU A 11 -8.38 -8.59 2.94
N VAL A 12 -7.79 -7.48 2.51
CA VAL A 12 -6.34 -7.41 2.32
C VAL A 12 -5.71 -6.39 3.26
N ARG A 13 -4.75 -6.85 4.06
CA ARG A 13 -4.06 -5.98 5.01
C ARG A 13 -2.68 -5.62 4.50
N ILE A 14 -2.37 -4.32 4.50
CA ILE A 14 -1.08 -3.85 4.03
C ILE A 14 -0.30 -3.19 5.17
N TYR A 15 0.82 -3.81 5.55
CA TYR A 15 1.65 -3.28 6.63
C TYR A 15 2.56 -2.17 6.12
N THR A 16 2.16 -0.93 6.35
CA THR A 16 2.93 0.23 5.92
C THR A 16 4.22 0.36 6.72
N LYS A 17 5.31 0.68 6.04
CA LYS A 17 6.61 0.83 6.68
C LYS A 17 7.10 2.28 6.59
N PRO A 18 6.97 3.02 7.70
CA PRO A 18 7.40 4.42 7.76
C PRO A 18 8.92 4.56 7.72
N LYS A 19 9.38 5.62 7.04
CA LYS A 19 10.81 5.88 6.92
C LYS A 19 11.48 5.92 8.29
N GLY A 20 12.27 4.89 8.58
CA GLY A 20 12.96 4.83 9.87
C GLY A 20 12.29 3.87 10.83
N GLN A 21 11.08 4.22 11.26
CA GLN A 21 10.33 3.38 12.20
C GLN A 21 9.98 2.04 11.57
N LEU A 22 9.51 1.11 12.39
CA LEU A 22 9.14 -0.22 11.92
C LEU A 22 7.71 -0.22 11.38
N PRO A 23 7.42 -1.17 10.48
CA PRO A 23 6.09 -1.30 9.87
C PRO A 23 5.04 -1.78 10.87
N ASP A 24 4.05 -0.94 11.14
CA ASP A 24 2.99 -1.29 12.08
C ASP A 24 2.36 -2.64 11.71
N TYR A 25 2.58 -3.63 12.56
CA TYR A 25 2.03 -4.96 12.33
C TYR A 25 0.77 -5.19 13.15
N THR A 26 0.40 -4.18 13.93
CA THR A 26 -0.80 -4.26 14.75
C THR A 26 -1.87 -3.29 14.28
N SER A 27 -1.44 -2.21 13.64
CA SER A 27 -2.36 -1.20 13.15
C SER A 27 -2.28 -1.09 11.63
N PRO A 28 -2.43 -2.24 10.94
CA PRO A 28 -2.39 -2.30 9.48
C PRO A 28 -3.59 -1.63 8.83
N VAL A 29 -3.51 -1.42 7.52
CA VAL A 29 -4.60 -0.79 6.77
C VAL A 29 -5.39 -1.83 5.99
N VAL A 30 -6.62 -2.05 6.42
CA VAL A 30 -7.50 -3.02 5.75
C VAL A 30 -8.11 -2.43 4.48
N LEU A 31 -7.58 -2.83 3.34
CA LEU A 31 -8.08 -2.35 2.06
C LEU A 31 -8.96 -3.38 1.38
N PRO A 32 -10.01 -2.91 0.69
CA PRO A 32 -10.96 -3.79 -0.01
C PRO A 32 -10.32 -4.45 -1.24
N TYR A 33 -10.29 -5.78 -1.23
CA TYR A 33 -9.72 -6.54 -2.34
C TYR A 33 -10.09 -5.90 -3.68
N SER A 34 -11.39 -5.82 -3.94
CA SER A 34 -11.87 -5.25 -5.19
C SER A 34 -11.05 -4.03 -5.59
N ARG A 35 -10.66 -3.23 -4.60
CA ARG A 35 -9.87 -2.03 -4.84
C ARG A 35 -8.57 -2.07 -4.02
N THR A 36 -7.54 -2.68 -4.59
CA THR A 36 -6.25 -2.79 -3.91
C THR A 36 -5.12 -2.36 -4.84
N THR A 37 -4.48 -1.24 -4.51
CA THR A 37 -3.38 -0.72 -5.31
C THR A 37 -2.58 0.32 -4.53
N VAL A 38 -1.37 0.59 -5.00
CA VAL A 38 -0.50 1.57 -4.35
C VAL A 38 -1.18 2.93 -4.27
N GLU A 39 -1.92 3.28 -5.31
CA GLU A 39 -2.62 4.56 -5.36
C GLU A 39 -3.85 4.54 -4.45
N ASP A 40 -4.35 3.34 -4.17
CA ASP A 40 -5.52 3.19 -3.31
C ASP A 40 -5.14 3.35 -1.85
N PHE A 41 -3.92 2.92 -1.51
CA PHE A 41 -3.44 3.02 -0.13
C PHE A 41 -3.10 4.46 0.23
N CYS A 42 -2.46 5.16 -0.70
CA CYS A 42 -2.08 6.55 -0.48
C CYS A 42 -3.29 7.39 -0.08
N MET A 43 -4.42 7.12 -0.72
CA MET A 43 -5.65 7.86 -0.44
C MET A 43 -6.06 7.68 1.03
N LYS A 44 -6.00 6.45 1.51
CA LYS A 44 -6.36 6.14 2.88
C LYS A 44 -5.66 7.09 3.86
N ILE A 45 -4.46 7.53 3.48
CA ILE A 45 -3.70 8.45 4.31
C ILE A 45 -3.83 9.88 3.83
N HIS A 46 -3.25 10.18 2.67
CA HIS A 46 -3.32 11.52 2.09
C HIS A 46 -3.34 11.45 0.57
N LYS A 47 -4.48 11.80 -0.02
CA LYS A 47 -4.63 11.78 -1.47
C LYS A 47 -3.41 12.39 -2.16
N ASN A 48 -3.04 13.60 -1.73
CA ASN A 48 -1.88 14.28 -2.29
C ASN A 48 -0.66 13.37 -2.30
N LEU A 49 -0.58 12.48 -1.31
CA LEU A 49 0.55 11.56 -1.20
C LEU A 49 0.98 11.06 -2.57
N ILE A 50 0.03 10.50 -3.32
CA ILE A 50 0.32 9.98 -4.65
C ILE A 50 1.25 10.91 -5.42
N LYS A 51 0.99 12.21 -5.31
CA LYS A 51 1.80 13.21 -5.99
C LYS A 51 3.25 13.17 -5.49
N GLU A 52 3.40 13.04 -4.17
CA GLU A 52 4.73 12.99 -3.57
C GLU A 52 5.25 11.56 -3.53
N PHE A 53 4.39 10.61 -3.89
CA PHE A 53 4.76 9.20 -3.89
C PHE A 53 5.77 8.91 -5.00
N LYS A 54 7.00 8.59 -4.59
CA LYS A 54 8.06 8.28 -5.55
C LYS A 54 8.00 6.83 -5.99
N TYR A 55 8.07 5.93 -5.01
CA TYR A 55 8.01 4.49 -5.29
C TYR A 55 7.62 3.71 -4.05
N ALA A 56 7.41 2.40 -4.22
CA ALA A 56 7.03 1.53 -3.12
C ALA A 56 7.85 0.24 -3.13
N LEU A 57 8.38 -0.12 -1.97
CA LEU A 57 9.17 -1.34 -1.84
C LEU A 57 8.38 -2.44 -1.15
N VAL A 58 7.75 -3.30 -1.95
CA VAL A 58 6.96 -4.40 -1.42
C VAL A 58 7.86 -5.53 -0.91
N TRP A 59 7.43 -6.17 0.17
CA TRP A 59 8.20 -7.26 0.76
C TRP A 59 7.31 -8.47 1.02
N GLY A 60 7.22 -9.36 0.04
CA GLY A 60 6.40 -10.55 0.19
C GLY A 60 6.35 -11.38 -1.09
N LEU A 61 5.38 -12.27 -1.16
CA LEU A 61 5.23 -13.14 -2.33
C LEU A 61 4.81 -12.33 -3.56
N SER A 62 4.16 -11.19 -3.31
CA SER A 62 3.72 -10.32 -4.39
C SER A 62 4.83 -10.09 -5.41
N VAL A 63 6.07 -10.25 -4.96
CA VAL A 63 7.23 -10.07 -5.82
C VAL A 63 8.23 -11.21 -5.67
N LYS A 64 9.04 -11.42 -6.70
CA LYS A 64 10.04 -12.48 -6.67
C LYS A 64 11.27 -12.05 -5.90
N HIS A 65 11.84 -10.91 -6.28
CA HIS A 65 13.03 -10.38 -5.62
C HIS A 65 12.71 -9.06 -4.91
N ASN A 66 12.87 -9.06 -3.58
CA ASN A 66 12.60 -7.87 -2.79
C ASN A 66 13.86 -7.40 -2.07
N PRO A 67 13.92 -6.10 -1.77
CA PRO A 67 12.85 -5.16 -2.10
C PRO A 67 12.74 -4.91 -3.60
N GLN A 68 11.55 -4.53 -4.06
CA GLN A 68 11.32 -4.26 -5.47
C GLN A 68 10.67 -2.89 -5.65
N LYS A 69 11.22 -2.10 -6.57
CA LYS A 69 10.68 -0.77 -6.86
C LYS A 69 9.41 -0.86 -7.68
N VAL A 70 8.28 -0.58 -7.05
CA VAL A 70 6.99 -0.62 -7.73
C VAL A 70 6.42 0.78 -7.92
N GLY A 71 5.42 0.89 -8.80
CA GLY A 71 4.81 2.18 -9.06
C GLY A 71 3.45 2.32 -8.39
N LYS A 72 2.63 3.22 -8.91
CA LYS A 72 1.30 3.45 -8.36
C LYS A 72 0.28 2.48 -8.98
N ASP A 73 0.67 1.85 -10.07
CA ASP A 73 -0.21 0.90 -10.75
C ASP A 73 -0.10 -0.48 -10.12
N HIS A 74 0.99 -0.72 -9.40
CA HIS A 74 1.22 -2.00 -8.75
C HIS A 74 0.01 -2.41 -7.91
N THR A 75 -0.21 -3.71 -7.79
CA THR A 75 -1.32 -4.22 -7.01
C THR A 75 -0.87 -4.74 -5.66
N LEU A 76 -1.61 -4.39 -4.61
CA LEU A 76 -1.27 -4.81 -3.25
C LEU A 76 -2.06 -6.07 -2.87
N GLU A 77 -1.41 -6.96 -2.12
CA GLU A 77 -2.05 -8.19 -1.68
C GLU A 77 -2.14 -8.26 -0.17
N ASP A 78 -2.62 -9.39 0.35
CA ASP A 78 -2.75 -9.57 1.80
C ASP A 78 -1.40 -9.75 2.45
N GLU A 79 -1.31 -9.39 3.72
CA GLU A 79 -0.06 -9.51 4.47
C GLU A 79 1.12 -9.02 3.62
N ASP A 80 1.00 -7.82 3.09
CA ASP A 80 2.06 -7.24 2.26
C ASP A 80 2.58 -5.94 2.87
N VAL A 81 3.90 -5.82 2.96
CA VAL A 81 4.52 -4.63 3.52
C VAL A 81 5.01 -3.69 2.42
N ILE A 82 4.64 -2.43 2.51
CA ILE A 82 5.04 -1.43 1.52
C ILE A 82 5.57 -0.17 2.20
N GLN A 83 6.72 0.30 1.76
CA GLN A 83 7.33 1.50 2.32
C GLN A 83 7.11 2.70 1.40
N ILE A 84 6.15 3.54 1.75
CA ILE A 84 5.84 4.73 0.96
C ILE A 84 6.92 5.80 1.13
N VAL A 85 7.71 6.00 0.08
CA VAL A 85 8.76 7.00 0.11
C VAL A 85 8.35 8.27 -0.61
N LYS A 86 8.83 9.41 -0.12
CA LYS A 86 8.50 10.70 -0.72
C LYS A 86 9.69 11.25 -1.50
N LYS A 87 9.45 11.70 -2.72
CA LYS A 87 10.49 12.26 -3.57
C LYS A 87 10.83 13.67 -3.15
N SER A 88 11.16 13.85 -1.87
CA SER A 88 11.51 15.16 -1.34
C SER A 88 12.79 15.69 -1.98
N GLY A 89 12.65 16.76 -2.76
CA GLY A 89 13.80 17.35 -3.43
C GLY A 89 14.40 18.50 -2.65
N PRO A 90 15.73 18.65 -2.73
CA PRO A 90 16.45 19.71 -2.03
C PRO A 90 16.16 21.09 -2.62
N SER A 91 16.17 21.17 -3.94
CA SER A 91 15.93 22.44 -4.63
C SER A 91 14.50 22.92 -4.36
N SER A 92 14.39 24.17 -3.92
CA SER A 92 13.08 24.75 -3.62
C SER A 92 13.08 26.26 -3.92
N GLY A 93 12.41 26.64 -5.00
CA GLY A 93 12.35 28.04 -5.37
C GLY A 93 12.05 28.94 -4.19
N GLY A 1 -37.14 -6.20 -5.12
CA GLY A 1 -35.89 -5.55 -4.74
C GLY A 1 -34.85 -6.53 -4.25
N SER A 2 -34.65 -7.61 -5.00
CA SER A 2 -33.67 -8.63 -4.63
C SER A 2 -32.39 -8.00 -4.12
N SER A 3 -31.76 -8.65 -3.14
CA SER A 3 -30.52 -8.15 -2.57
C SER A 3 -29.66 -9.29 -2.05
N GLY A 4 -28.34 -9.09 -2.08
CA GLY A 4 -27.43 -10.13 -1.61
C GLY A 4 -26.21 -9.54 -0.93
N SER A 5 -26.25 -9.49 0.41
CA SER A 5 -25.14 -8.95 1.18
C SER A 5 -23.85 -9.72 0.91
N SER A 6 -23.93 -11.05 1.11
CA SER A 6 -22.76 -11.91 0.89
C SER A 6 -22.18 -11.69 -0.50
N GLY A 7 -20.95 -11.17 -0.54
CA GLY A 7 -20.30 -10.92 -1.82
C GLY A 7 -18.88 -11.46 -1.86
N TYR A 8 -18.17 -11.17 -2.94
CA TYR A 8 -16.80 -11.65 -3.10
C TYR A 8 -15.81 -10.60 -2.60
N LEU A 9 -16.33 -9.52 -2.02
CA LEU A 9 -15.49 -8.44 -1.50
C LEU A 9 -14.49 -8.97 -0.49
N LYS A 10 -13.26 -9.23 -0.95
CA LYS A 10 -12.21 -9.73 -0.09
C LYS A 10 -11.49 -8.59 0.62
N LEU A 11 -10.68 -8.95 1.61
CA LEU A 11 -9.93 -7.94 2.37
C LEU A 11 -8.46 -8.33 2.47
N VAL A 12 -7.58 -7.36 2.28
CA VAL A 12 -6.14 -7.60 2.36
C VAL A 12 -5.48 -6.64 3.34
N ARG A 13 -4.54 -7.17 4.13
CA ARG A 13 -3.83 -6.36 5.11
C ARG A 13 -2.48 -5.89 4.55
N ILE A 14 -2.33 -4.58 4.41
CA ILE A 14 -1.09 -4.01 3.88
C ILE A 14 -0.30 -3.33 4.99
N TYR A 15 0.77 -4.00 5.43
CA TYR A 15 1.62 -3.47 6.50
C TYR A 15 2.38 -2.24 6.02
N THR A 16 1.94 -1.07 6.47
CA THR A 16 2.57 0.19 6.09
C THR A 16 3.88 0.40 6.86
N LYS A 17 4.96 0.63 6.13
CA LYS A 17 6.26 0.86 6.75
C LYS A 17 6.70 2.30 6.58
N PRO A 18 6.75 3.05 7.69
CA PRO A 18 7.16 4.46 7.69
C PRO A 18 8.64 4.63 7.40
N LYS A 19 9.06 5.88 7.21
CA LYS A 19 10.46 6.18 6.93
C LYS A 19 11.25 6.33 8.22
N GLY A 20 10.83 5.62 9.26
CA GLY A 20 11.52 5.69 10.54
C GLY A 20 11.10 4.59 11.48
N GLN A 21 9.89 4.70 12.03
CA GLN A 21 9.37 3.70 12.96
C GLN A 21 9.24 2.35 12.28
N LEU A 22 8.80 1.35 13.04
CA LEU A 22 8.62 0.00 12.50
C LEU A 22 7.22 -0.17 11.94
N PRO A 23 7.10 -1.05 10.92
CA PRO A 23 5.82 -1.34 10.27
C PRO A 23 4.87 -2.12 11.18
N ASP A 24 3.73 -1.51 11.48
CA ASP A 24 2.74 -2.14 12.34
C ASP A 24 2.26 -3.46 11.73
N TYR A 25 2.28 -4.53 12.53
CA TYR A 25 1.85 -5.84 12.07
C TYR A 25 0.59 -6.29 12.80
N THR A 26 0.04 -5.40 13.63
CA THR A 26 -1.17 -5.70 14.38
C THR A 26 -2.28 -4.69 14.06
N SER A 27 -1.89 -3.56 13.49
CA SER A 27 -2.86 -2.52 13.14
C SER A 27 -2.66 -2.07 11.70
N PRO A 28 -2.60 -3.03 10.77
CA PRO A 28 -2.42 -2.76 9.34
C PRO A 28 -3.65 -2.10 8.72
N VAL A 29 -3.52 -1.72 7.45
CA VAL A 29 -4.63 -1.08 6.74
C VAL A 29 -5.41 -2.10 5.92
N VAL A 30 -6.69 -2.25 6.24
CA VAL A 30 -7.55 -3.20 5.53
C VAL A 30 -8.26 -2.52 4.36
N LEU A 31 -7.72 -2.68 3.16
CA LEU A 31 -8.30 -2.09 1.97
C LEU A 31 -9.21 -3.08 1.25
N PRO A 32 -10.25 -2.56 0.59
CA PRO A 32 -11.22 -3.38 -0.15
C PRO A 32 -10.60 -4.01 -1.40
N TYR A 33 -10.76 -5.32 -1.54
CA TYR A 33 -10.23 -6.04 -2.68
C TYR A 33 -10.55 -5.31 -3.98
N SER A 34 -11.85 -5.16 -4.27
CA SER A 34 -12.28 -4.48 -5.48
C SER A 34 -11.36 -3.32 -5.83
N ARG A 35 -10.88 -2.63 -4.79
CA ARG A 35 -9.99 -1.50 -4.98
C ARG A 35 -8.70 -1.68 -4.19
N THR A 36 -7.70 -2.30 -4.81
CA THR A 36 -6.42 -2.54 -4.17
C THR A 36 -5.26 -2.13 -5.07
N THR A 37 -4.53 -1.09 -4.66
CA THR A 37 -3.40 -0.60 -5.44
C THR A 37 -2.58 0.40 -4.64
N VAL A 38 -1.29 0.45 -4.91
CA VAL A 38 -0.40 1.38 -4.22
C VAL A 38 -1.04 2.76 -4.08
N GLU A 39 -1.71 3.20 -5.13
CA GLU A 39 -2.37 4.50 -5.13
C GLU A 39 -3.52 4.52 -4.14
N ASP A 40 -4.37 3.50 -4.22
CA ASP A 40 -5.53 3.39 -3.33
C ASP A 40 -5.09 3.48 -1.87
N PHE A 41 -3.88 3.03 -1.59
CA PHE A 41 -3.35 3.05 -0.22
C PHE A 41 -2.91 4.46 0.16
N CYS A 42 -2.21 5.13 -0.75
CA CYS A 42 -1.72 6.48 -0.50
C CYS A 42 -2.86 7.39 -0.02
N MET A 43 -4.07 7.12 -0.51
CA MET A 43 -5.23 7.91 -0.13
C MET A 43 -5.56 7.73 1.34
N LYS A 44 -5.61 6.47 1.78
CA LYS A 44 -5.90 6.16 3.17
C LYS A 44 -5.11 7.06 4.11
N ILE A 45 -3.91 7.43 3.69
CA ILE A 45 -3.05 8.29 4.49
C ILE A 45 -3.29 9.76 4.18
N HIS A 46 -2.91 10.17 2.96
CA HIS A 46 -3.09 11.55 2.54
C HIS A 46 -3.64 11.61 1.11
N LYS A 47 -4.68 12.41 0.93
CA LYS A 47 -5.30 12.56 -0.38
C LYS A 47 -4.40 13.35 -1.32
N ASN A 48 -3.24 13.76 -0.82
CA ASN A 48 -2.28 14.52 -1.63
C ASN A 48 -0.91 13.85 -1.62
N LEU A 49 -0.88 12.59 -1.18
CA LEU A 49 0.37 11.83 -1.13
C LEU A 49 0.76 11.32 -2.51
N ILE A 50 -0.22 10.81 -3.25
CA ILE A 50 0.02 10.29 -4.59
C ILE A 50 0.82 11.28 -5.43
N LYS A 51 0.69 12.56 -5.09
CA LYS A 51 1.41 13.61 -5.81
C LYS A 51 2.91 13.55 -5.51
N GLU A 52 3.24 13.34 -4.24
CA GLU A 52 4.64 13.25 -3.82
C GLU A 52 5.13 11.81 -3.85
N PHE A 53 4.21 10.89 -4.07
CA PHE A 53 4.55 9.46 -4.11
C PHE A 53 5.48 9.17 -5.28
N LYS A 54 6.66 8.63 -4.98
CA LYS A 54 7.64 8.29 -6.00
C LYS A 54 7.61 6.80 -6.31
N TYR A 55 7.73 5.98 -5.26
CA TYR A 55 7.72 4.53 -5.43
C TYR A 55 7.39 3.84 -4.11
N ALA A 56 7.08 2.55 -4.19
CA ALA A 56 6.76 1.77 -3.01
C ALA A 56 7.56 0.47 -2.96
N LEU A 57 8.17 0.20 -1.82
CA LEU A 57 8.96 -1.01 -1.65
C LEU A 57 8.15 -2.12 -1.00
N VAL A 58 7.88 -3.18 -1.74
CA VAL A 58 7.11 -4.31 -1.24
C VAL A 58 8.02 -5.44 -0.78
N TRP A 59 7.57 -6.19 0.22
CA TRP A 59 8.35 -7.31 0.74
C TRP A 59 7.49 -8.56 0.87
N GLY A 60 7.47 -9.37 -0.19
CA GLY A 60 6.68 -10.58 -0.17
C GLY A 60 6.65 -11.27 -1.52
N LEU A 61 5.56 -11.99 -1.80
CA LEU A 61 5.42 -12.70 -3.07
C LEU A 61 4.97 -11.75 -4.18
N SER A 62 4.31 -10.67 -3.78
CA SER A 62 3.82 -9.68 -4.74
C SER A 62 4.90 -9.32 -5.75
N VAL A 63 6.16 -9.58 -5.38
CA VAL A 63 7.28 -9.29 -6.26
C VAL A 63 8.22 -10.48 -6.37
N LYS A 64 9.33 -10.29 -7.07
CA LYS A 64 10.31 -11.36 -7.25
C LYS A 64 11.53 -11.15 -6.36
N HIS A 65 12.19 -10.01 -6.54
CA HIS A 65 13.37 -9.69 -5.74
C HIS A 65 13.10 -8.50 -4.82
N ASN A 66 13.21 -8.72 -3.52
CA ASN A 66 12.98 -7.66 -2.54
C ASN A 66 14.28 -7.25 -1.86
N PRO A 67 14.35 -5.97 -1.47
CA PRO A 67 13.26 -5.01 -1.65
C PRO A 67 13.07 -4.65 -3.12
N GLN A 68 11.83 -4.74 -3.59
CA GLN A 68 11.51 -4.42 -4.98
C GLN A 68 10.96 -3.00 -5.09
N LYS A 69 11.00 -2.45 -6.30
CA LYS A 69 10.50 -1.10 -6.54
C LYS A 69 9.25 -1.14 -7.43
N VAL A 70 8.12 -0.74 -6.86
CA VAL A 70 6.87 -0.73 -7.60
C VAL A 70 6.32 0.69 -7.74
N GLY A 71 5.40 0.88 -8.68
CA GLY A 71 4.82 2.19 -8.90
C GLY A 71 3.44 2.33 -8.29
N LYS A 72 2.66 3.27 -8.81
CA LYS A 72 1.31 3.50 -8.31
C LYS A 72 0.30 2.59 -9.01
N ASP A 73 0.79 1.83 -9.99
CA ASP A 73 -0.07 0.92 -10.73
C ASP A 73 0.14 -0.52 -10.29
N HIS A 74 0.89 -0.70 -9.20
CA HIS A 74 1.18 -2.03 -8.67
C HIS A 74 0.08 -2.46 -7.69
N THR A 75 -0.45 -3.66 -7.92
CA THR A 75 -1.50 -4.19 -7.06
C THR A 75 -0.94 -4.76 -5.76
N LEU A 76 -1.46 -4.28 -4.64
CA LEU A 76 -1.00 -4.73 -3.34
C LEU A 76 -1.54 -6.12 -3.02
N GLU A 77 -0.86 -6.82 -2.11
CA GLU A 77 -1.28 -8.17 -1.72
C GLU A 77 -1.40 -8.28 -0.20
N ASP A 78 -2.28 -9.18 0.25
CA ASP A 78 -2.49 -9.38 1.67
C ASP A 78 -1.22 -9.88 2.35
N GLU A 79 -1.03 -9.48 3.60
CA GLU A 79 0.15 -9.89 4.36
C GLU A 79 1.43 -9.42 3.67
N ASP A 80 1.42 -8.17 3.21
CA ASP A 80 2.58 -7.60 2.53
C ASP A 80 2.94 -6.24 3.11
N VAL A 81 4.23 -5.95 3.19
CA VAL A 81 4.70 -4.68 3.72
C VAL A 81 5.08 -3.71 2.60
N ILE A 82 4.53 -2.50 2.67
CA ILE A 82 4.80 -1.49 1.66
C ILE A 82 5.33 -0.22 2.30
N GLN A 83 6.38 0.35 1.70
CA GLN A 83 6.99 1.57 2.22
C GLN A 83 6.83 2.71 1.22
N ILE A 84 5.96 3.66 1.56
CA ILE A 84 5.71 4.82 0.69
C ILE A 84 6.84 5.82 0.79
N VAL A 85 7.43 6.16 -0.36
CA VAL A 85 8.52 7.12 -0.41
C VAL A 85 8.10 8.42 -1.09
N LYS A 86 8.43 9.54 -0.48
CA LYS A 86 8.08 10.84 -1.03
C LYS A 86 9.28 11.50 -1.70
N LYS A 87 9.09 11.98 -2.93
CA LYS A 87 10.15 12.62 -3.68
C LYS A 87 10.90 13.64 -2.81
N SER A 88 12.10 14.01 -3.23
CA SER A 88 12.91 14.97 -2.49
C SER A 88 13.74 15.82 -3.44
N GLY A 89 13.45 17.13 -3.46
CA GLY A 89 14.18 18.03 -4.31
C GLY A 89 13.30 18.66 -5.38
N PRO A 90 13.81 19.70 -6.05
CA PRO A 90 13.08 20.41 -7.10
C PRO A 90 12.91 19.56 -8.35
N SER A 91 11.82 19.78 -9.08
CA SER A 91 11.54 19.04 -10.30
C SER A 91 10.96 19.96 -11.37
N SER A 92 11.66 20.05 -12.49
CA SER A 92 11.22 20.90 -13.60
C SER A 92 11.36 20.17 -14.93
N GLY A 93 10.22 19.93 -15.58
CA GLY A 93 10.23 19.23 -16.86
C GLY A 93 8.90 19.32 -17.57
N GLY A 1 -23.33 -16.65 -11.15
CA GLY A 1 -23.82 -16.72 -9.79
C GLY A 1 -23.80 -18.12 -9.23
N SER A 2 -24.90 -18.84 -9.39
CA SER A 2 -25.01 -20.20 -8.88
C SER A 2 -24.31 -20.34 -7.53
N SER A 3 -24.49 -19.34 -6.68
CA SER A 3 -23.88 -19.34 -5.36
C SER A 3 -24.93 -19.15 -4.27
N GLY A 4 -24.81 -19.92 -3.19
CA GLY A 4 -25.75 -19.81 -2.10
C GLY A 4 -25.64 -18.50 -1.35
N SER A 5 -24.52 -18.30 -0.67
CA SER A 5 -24.30 -17.08 0.08
C SER A 5 -23.59 -16.02 -0.77
N SER A 6 -24.36 -15.07 -1.27
CA SER A 6 -23.82 -14.00 -2.11
C SER A 6 -22.88 -13.11 -1.31
N GLY A 7 -21.74 -12.79 -1.90
CA GLY A 7 -20.76 -11.95 -1.23
C GLY A 7 -19.40 -12.60 -1.12
N TYR A 8 -18.43 -12.08 -1.85
CA TYR A 8 -17.07 -12.62 -1.84
C TYR A 8 -16.04 -11.52 -1.63
N LEU A 9 -16.46 -10.45 -0.96
CA LEU A 9 -15.57 -9.32 -0.69
C LEU A 9 -14.41 -9.75 0.19
N LYS A 10 -13.25 -9.94 -0.43
CA LYS A 10 -12.05 -10.34 0.30
C LYS A 10 -11.39 -9.15 0.97
N LEU A 11 -10.73 -9.39 2.10
CA LEU A 11 -10.05 -8.32 2.84
C LEU A 11 -8.54 -8.56 2.87
N VAL A 12 -7.78 -7.53 2.53
CA VAL A 12 -6.33 -7.62 2.52
C VAL A 12 -5.70 -6.58 3.44
N ARG A 13 -4.71 -7.01 4.21
CA ARG A 13 -4.02 -6.11 5.14
C ARG A 13 -2.68 -5.66 4.57
N ILE A 14 -2.39 -4.37 4.71
CA ILE A 14 -1.13 -3.81 4.22
C ILE A 14 -0.36 -3.12 5.34
N TYR A 15 0.85 -3.61 5.61
CA TYR A 15 1.68 -3.04 6.66
C TYR A 15 2.62 -1.97 6.08
N THR A 16 2.24 -0.70 6.27
CA THR A 16 3.04 0.41 5.78
C THR A 16 4.34 0.55 6.58
N LYS A 17 5.43 0.85 5.88
CA LYS A 17 6.73 1.02 6.53
C LYS A 17 7.17 2.48 6.48
N PRO A 18 6.87 3.23 7.57
CA PRO A 18 7.23 4.64 7.66
C PRO A 18 8.73 4.85 7.81
N LYS A 19 9.29 5.72 6.96
CA LYS A 19 10.71 6.00 7.00
C LYS A 19 11.15 6.42 8.40
N GLY A 20 12.03 5.62 9.00
CA GLY A 20 12.52 5.91 10.33
C GLY A 20 11.98 4.94 11.37
N GLN A 21 10.67 4.75 11.38
CA GLN A 21 10.04 3.83 12.33
C GLN A 21 9.78 2.47 11.69
N LEU A 22 9.27 1.54 12.49
CA LEU A 22 8.97 0.20 12.01
C LEU A 22 7.53 0.12 11.50
N PRO A 23 7.28 -0.84 10.59
CA PRO A 23 5.95 -1.05 10.01
C PRO A 23 4.96 -1.62 11.03
N ASP A 24 3.91 -0.85 11.33
CA ASP A 24 2.90 -1.27 12.29
C ASP A 24 2.26 -2.59 11.84
N TYR A 25 2.44 -3.62 12.66
CA TYR A 25 1.88 -4.94 12.36
C TYR A 25 0.61 -5.19 13.15
N THR A 26 0.20 -4.19 13.93
CA THR A 26 -1.01 -4.30 14.75
C THR A 26 -2.07 -3.30 14.30
N SER A 27 -1.63 -2.25 13.63
CA SER A 27 -2.54 -1.22 13.14
C SER A 27 -2.46 -1.08 11.62
N PRO A 28 -2.57 -2.23 10.93
CA PRO A 28 -2.52 -2.27 9.46
C PRO A 28 -3.75 -1.63 8.82
N VAL A 29 -3.80 -1.67 7.49
CA VAL A 29 -4.92 -1.10 6.75
C VAL A 29 -5.64 -2.17 5.93
N VAL A 30 -6.95 -2.26 6.09
CA VAL A 30 -7.75 -3.24 5.36
C VAL A 30 -8.41 -2.60 4.15
N LEU A 31 -7.83 -2.85 2.97
CA LEU A 31 -8.36 -2.30 1.73
C LEU A 31 -9.26 -3.31 1.03
N PRO A 32 -10.25 -2.80 0.29
CA PRO A 32 -11.21 -3.64 -0.44
C PRO A 32 -10.56 -4.37 -1.62
N TYR A 33 -10.77 -5.67 -1.69
CA TYR A 33 -10.20 -6.48 -2.77
C TYR A 33 -10.52 -5.86 -4.13
N SER A 34 -11.81 -5.68 -4.41
CA SER A 34 -12.25 -5.10 -5.68
C SER A 34 -11.35 -3.94 -6.08
N ARG A 35 -10.80 -3.25 -5.09
CA ARG A 35 -9.92 -2.11 -5.35
C ARG A 35 -8.65 -2.21 -4.52
N THR A 36 -7.59 -2.75 -5.12
CA THR A 36 -6.31 -2.90 -4.43
C THR A 36 -5.15 -2.38 -5.29
N THR A 37 -4.53 -1.30 -4.84
CA THR A 37 -3.42 -0.71 -5.56
C THR A 37 -2.68 0.31 -4.70
N VAL A 38 -1.39 0.48 -4.96
CA VAL A 38 -0.57 1.41 -4.21
C VAL A 38 -1.27 2.77 -4.09
N GLU A 39 -1.94 3.18 -5.16
CA GLU A 39 -2.66 4.45 -5.18
C GLU A 39 -3.85 4.41 -4.24
N ASP A 40 -4.44 3.23 -4.06
CA ASP A 40 -5.59 3.06 -3.19
C ASP A 40 -5.21 3.31 -1.74
N PHE A 41 -3.97 2.99 -1.38
CA PHE A 41 -3.48 3.18 -0.03
C PHE A 41 -3.11 4.64 0.22
N CYS A 42 -2.24 5.17 -0.61
CA CYS A 42 -1.80 6.56 -0.49
C CYS A 42 -2.96 7.46 -0.09
N MET A 43 -4.16 7.11 -0.54
CA MET A 43 -5.35 7.90 -0.23
C MET A 43 -5.74 7.73 1.24
N LYS A 44 -5.68 6.50 1.72
CA LYS A 44 -6.02 6.21 3.12
C LYS A 44 -5.22 7.10 4.07
N ILE A 45 -4.00 7.46 3.65
CA ILE A 45 -3.14 8.29 4.46
C ILE A 45 -3.37 9.77 4.16
N HIS A 46 -3.07 10.18 2.93
CA HIS A 46 -3.25 11.56 2.52
C HIS A 46 -3.50 11.65 1.01
N LYS A 47 -4.61 12.29 0.64
CA LYS A 47 -4.97 12.44 -0.76
C LYS A 47 -3.84 13.12 -1.54
N ASN A 48 -3.09 13.98 -0.85
CA ASN A 48 -1.99 14.70 -1.48
C ASN A 48 -0.70 13.88 -1.39
N LEU A 49 -0.83 12.60 -1.09
CA LEU A 49 0.32 11.71 -0.98
C LEU A 49 0.74 11.20 -2.36
N ILE A 50 -0.20 10.60 -3.08
CA ILE A 50 0.07 10.07 -4.42
C ILE A 50 0.89 11.06 -5.23
N LYS A 51 0.80 12.34 -4.89
CA LYS A 51 1.53 13.38 -5.60
C LYS A 51 3.01 13.33 -5.23
N GLU A 52 3.30 13.09 -3.96
CA GLU A 52 4.67 13.02 -3.48
C GLU A 52 5.20 11.59 -3.55
N PHE A 53 4.30 10.64 -3.75
CA PHE A 53 4.68 9.23 -3.83
C PHE A 53 5.63 8.99 -5.00
N LYS A 54 6.83 8.53 -4.67
CA LYS A 54 7.84 8.27 -5.69
C LYS A 54 7.86 6.78 -6.07
N TYR A 55 7.89 5.93 -5.06
CA TYR A 55 7.90 4.48 -5.29
C TYR A 55 7.54 3.72 -4.00
N ALA A 56 7.40 2.42 -4.13
CA ALA A 56 7.06 1.57 -2.98
C ALA A 56 7.88 0.29 -2.97
N LEU A 57 8.41 -0.07 -1.81
CA LEU A 57 9.22 -1.26 -1.67
C LEU A 57 8.41 -2.40 -1.06
N VAL A 58 7.79 -3.20 -1.93
CA VAL A 58 6.98 -4.33 -1.48
C VAL A 58 7.86 -5.50 -1.04
N TRP A 59 7.46 -6.15 0.04
CA TRP A 59 8.21 -7.29 0.55
C TRP A 59 7.31 -8.51 0.71
N GLY A 60 7.28 -9.34 -0.32
CA GLY A 60 6.46 -10.54 -0.29
C GLY A 60 6.36 -11.22 -1.63
N LEU A 61 5.65 -12.35 -1.68
CA LEU A 61 5.49 -13.10 -2.92
C LEU A 61 5.06 -12.19 -4.06
N SER A 62 4.37 -11.11 -3.72
CA SER A 62 3.90 -10.16 -4.71
C SER A 62 4.99 -9.84 -5.73
N VAL A 63 6.24 -9.88 -5.28
CA VAL A 63 7.37 -9.61 -6.15
C VAL A 63 8.41 -10.72 -6.06
N LYS A 64 8.96 -11.11 -7.20
CA LYS A 64 9.97 -12.17 -7.27
C LYS A 64 11.14 -11.83 -6.36
N HIS A 65 11.65 -10.61 -6.47
CA HIS A 65 12.79 -10.18 -5.66
C HIS A 65 12.37 -9.05 -4.72
N ASN A 66 13.07 -8.94 -3.59
CA ASN A 66 12.77 -7.90 -2.60
C ASN A 66 14.05 -7.42 -1.92
N PRO A 67 14.10 -6.11 -1.63
CA PRO A 67 13.01 -5.19 -1.94
C PRO A 67 12.86 -4.94 -3.43
N GLN A 68 11.65 -4.55 -3.85
CA GLN A 68 11.38 -4.28 -5.25
C GLN A 68 10.76 -2.90 -5.43
N LYS A 69 11.17 -2.20 -6.49
CA LYS A 69 10.65 -0.88 -6.77
C LYS A 69 9.38 -0.95 -7.61
N VAL A 70 8.25 -0.59 -7.01
CA VAL A 70 6.97 -0.61 -7.70
C VAL A 70 6.42 0.80 -7.88
N GLY A 71 5.43 0.93 -8.77
CA GLY A 71 4.83 2.22 -9.03
C GLY A 71 3.51 2.40 -8.31
N LYS A 72 2.69 3.33 -8.80
CA LYS A 72 1.39 3.59 -8.21
C LYS A 72 0.32 2.69 -8.80
N ASP A 73 0.67 1.99 -9.88
CA ASP A 73 -0.26 1.09 -10.54
C ASP A 73 -0.04 -0.35 -10.08
N HIS A 74 1.00 -0.56 -9.28
CA HIS A 74 1.32 -1.89 -8.77
C HIS A 74 0.23 -2.38 -7.82
N THR A 75 -0.33 -3.55 -8.13
CA THR A 75 -1.38 -4.13 -7.30
C THR A 75 -0.86 -4.52 -5.93
N LEU A 76 -1.67 -4.29 -4.90
CA LEU A 76 -1.29 -4.63 -3.54
C LEU A 76 -1.79 -6.01 -3.15
N GLU A 77 -1.01 -6.71 -2.34
CA GLU A 77 -1.37 -8.05 -1.89
C GLU A 77 -1.52 -8.10 -0.37
N ASP A 78 -2.38 -8.99 0.11
CA ASP A 78 -2.61 -9.13 1.55
C ASP A 78 -1.31 -9.52 2.26
N GLU A 79 -1.26 -9.22 3.56
CA GLU A 79 -0.07 -9.52 4.37
C GLU A 79 1.20 -9.13 3.64
N ASP A 80 1.23 -7.90 3.13
CA ASP A 80 2.39 -7.38 2.40
C ASP A 80 2.83 -6.04 2.96
N VAL A 81 4.13 -5.85 3.07
CA VAL A 81 4.68 -4.60 3.60
C VAL A 81 5.08 -3.66 2.46
N ILE A 82 4.65 -2.41 2.55
CA ILE A 82 4.96 -1.41 1.54
C ILE A 82 5.62 -0.18 2.15
N GLN A 83 6.64 0.34 1.47
CA GLN A 83 7.36 1.51 1.94
C GLN A 83 7.07 2.72 1.06
N ILE A 84 6.22 3.62 1.56
CA ILE A 84 5.86 4.82 0.81
C ILE A 84 6.98 5.86 0.87
N VAL A 85 7.61 6.12 -0.27
CA VAL A 85 8.69 7.09 -0.34
C VAL A 85 8.21 8.40 -0.97
N LYS A 86 8.71 9.52 -0.45
CA LYS A 86 8.34 10.83 -0.96
C LYS A 86 9.48 11.43 -1.78
N LYS A 87 9.18 11.77 -3.03
CA LYS A 87 10.17 12.36 -3.92
C LYS A 87 10.52 13.78 -3.48
N SER A 88 11.76 14.19 -3.73
CA SER A 88 12.22 15.52 -3.36
C SER A 88 13.57 15.83 -3.99
N GLY A 89 13.59 16.83 -4.86
CA GLY A 89 14.82 17.21 -5.53
C GLY A 89 15.03 18.72 -5.55
N PRO A 90 16.30 19.15 -5.63
CA PRO A 90 16.66 20.56 -5.66
C PRO A 90 16.25 21.23 -6.97
N SER A 91 16.16 20.44 -8.03
CA SER A 91 15.79 20.96 -9.34
C SER A 91 14.66 21.99 -9.22
N SER A 92 14.71 23.01 -10.08
CA SER A 92 13.71 24.06 -10.06
C SER A 92 13.33 24.47 -11.49
N GLY A 93 12.03 24.53 -11.75
CA GLY A 93 11.56 24.90 -13.08
C GLY A 93 11.46 26.40 -13.24
N GLY A 1 -15.05 -6.68 15.76
CA GLY A 1 -15.07 -7.07 14.36
C GLY A 1 -16.43 -6.89 13.72
N SER A 2 -16.72 -7.68 12.70
CA SER A 2 -17.98 -7.61 12.00
C SER A 2 -18.77 -8.90 12.16
N SER A 3 -19.91 -8.82 12.83
CA SER A 3 -20.76 -9.99 13.06
C SER A 3 -21.24 -10.57 11.73
N GLY A 4 -21.97 -9.78 10.97
CA GLY A 4 -22.48 -10.24 9.69
C GLY A 4 -21.73 -9.64 8.52
N SER A 5 -22.42 -8.84 7.72
CA SER A 5 -21.82 -8.20 6.56
C SER A 5 -20.82 -9.15 5.88
N SER A 6 -21.24 -10.39 5.68
CA SER A 6 -20.40 -11.39 5.06
C SER A 6 -20.63 -11.43 3.55
N GLY A 7 -19.71 -10.83 2.79
CA GLY A 7 -19.83 -10.80 1.35
C GLY A 7 -18.59 -11.30 0.65
N TYR A 8 -18.60 -11.26 -0.68
CA TYR A 8 -17.46 -11.71 -1.46
C TYR A 8 -16.43 -10.61 -1.62
N LEU A 9 -16.28 -9.78 -0.57
CA LEU A 9 -15.33 -8.68 -0.59
C LEU A 9 -14.06 -9.06 0.17
N LYS A 10 -13.19 -9.82 -0.49
CA LYS A 10 -11.93 -10.25 0.11
C LYS A 10 -11.26 -9.10 0.83
N LEU A 11 -10.51 -9.42 1.87
CA LEU A 11 -9.80 -8.41 2.66
C LEU A 11 -8.30 -8.46 2.40
N VAL A 12 -7.71 -7.30 2.11
CA VAL A 12 -6.28 -7.22 1.84
C VAL A 12 -5.59 -6.32 2.86
N ARG A 13 -4.88 -6.93 3.80
CA ARG A 13 -4.17 -6.17 4.83
C ARG A 13 -2.75 -5.83 4.36
N ILE A 14 -2.36 -4.57 4.56
CA ILE A 14 -1.05 -4.11 4.17
C ILE A 14 -0.33 -3.42 5.33
N TYR A 15 0.90 -3.83 5.58
CA TYR A 15 1.69 -3.25 6.67
C TYR A 15 2.63 -2.17 6.14
N THR A 16 2.26 -0.91 6.37
CA THR A 16 3.06 0.22 5.91
C THR A 16 4.40 0.27 6.64
N LYS A 17 5.45 0.64 5.92
CA LYS A 17 6.79 0.72 6.49
C LYS A 17 7.32 2.16 6.42
N PRO A 18 7.32 2.84 7.57
CA PRO A 18 7.81 4.23 7.66
C PRO A 18 9.31 4.33 7.48
N LYS A 19 9.82 5.56 7.46
CA LYS A 19 11.25 5.79 7.30
C LYS A 19 11.96 5.76 8.65
N GLY A 20 13.02 4.95 8.75
CA GLY A 20 13.78 4.86 9.98
C GLY A 20 13.14 3.89 10.96
N GLN A 21 11.81 3.98 11.11
CA GLN A 21 11.09 3.11 12.03
C GLN A 21 10.60 1.85 11.31
N LEU A 22 10.14 0.88 12.10
CA LEU A 22 9.64 -0.38 11.53
C LEU A 22 8.17 -0.26 11.15
N PRO A 23 7.73 -1.13 10.22
CA PRO A 23 6.35 -1.14 9.74
C PRO A 23 5.37 -1.63 10.81
N ASP A 24 4.25 -0.93 10.93
CA ASP A 24 3.23 -1.28 11.91
C ASP A 24 2.61 -2.65 11.59
N TYR A 25 2.18 -3.36 12.62
CA TYR A 25 1.58 -4.68 12.45
C TYR A 25 0.25 -4.77 13.18
N THR A 26 0.14 -4.04 14.30
CA THR A 26 -1.08 -4.03 15.09
C THR A 26 -2.12 -3.09 14.49
N SER A 27 -1.66 -2.00 13.89
CA SER A 27 -2.55 -1.02 13.27
C SER A 27 -2.33 -0.95 11.77
N PRO A 28 -2.51 -2.11 11.09
CA PRO A 28 -2.34 -2.21 9.64
C PRO A 28 -3.45 -1.48 8.89
N VAL A 29 -3.36 -1.53 7.56
CA VAL A 29 -4.36 -0.87 6.71
C VAL A 29 -5.25 -1.90 6.01
N VAL A 30 -6.55 -1.78 6.19
CA VAL A 30 -7.50 -2.69 5.58
C VAL A 30 -8.11 -2.09 4.31
N LEU A 31 -7.64 -2.56 3.15
CA LEU A 31 -8.13 -2.06 1.88
C LEU A 31 -9.04 -3.10 1.21
N PRO A 32 -10.10 -2.61 0.55
CA PRO A 32 -11.06 -3.47 -0.14
C PRO A 32 -10.48 -4.13 -1.38
N TYR A 33 -10.56 -5.45 -1.44
CA TYR A 33 -10.03 -6.20 -2.57
C TYR A 33 -10.39 -5.51 -3.90
N SER A 34 -11.69 -5.42 -4.17
CA SER A 34 -12.17 -4.79 -5.39
C SER A 34 -11.28 -3.62 -5.79
N ARG A 35 -10.77 -2.89 -4.79
CA ARG A 35 -9.90 -1.76 -5.04
C ARG A 35 -8.63 -1.86 -4.21
N THR A 36 -7.58 -2.44 -4.80
CA THR A 36 -6.31 -2.60 -4.11
C THR A 36 -5.15 -2.20 -5.02
N THR A 37 -4.44 -1.14 -4.64
CA THR A 37 -3.31 -0.66 -5.41
C THR A 37 -2.48 0.35 -4.62
N VAL A 38 -1.21 0.48 -4.98
CA VAL A 38 -0.32 1.42 -4.31
C VAL A 38 -0.99 2.79 -4.13
N GLU A 39 -1.72 3.22 -5.14
CA GLU A 39 -2.41 4.50 -5.10
C GLU A 39 -3.56 4.47 -4.10
N ASP A 40 -4.33 3.38 -4.13
CA ASP A 40 -5.47 3.23 -3.23
C ASP A 40 -5.05 3.41 -1.78
N PHE A 41 -3.87 2.89 -1.44
CA PHE A 41 -3.35 2.99 -0.08
C PHE A 41 -2.99 4.43 0.26
N CYS A 42 -2.23 5.07 -0.64
CA CYS A 42 -1.83 6.46 -0.44
C CYS A 42 -3.02 7.33 -0.05
N MET A 43 -4.20 6.95 -0.52
CA MET A 43 -5.42 7.70 -0.22
C MET A 43 -5.74 7.63 1.27
N LYS A 44 -5.57 6.45 1.85
CA LYS A 44 -5.84 6.25 3.27
C LYS A 44 -5.10 7.26 4.12
N ILE A 45 -3.91 7.66 3.66
CA ILE A 45 -3.10 8.63 4.38
C ILE A 45 -3.51 10.06 4.03
N HIS A 46 -3.21 10.47 2.80
CA HIS A 46 -3.54 11.81 2.33
C HIS A 46 -4.00 11.78 0.88
N LYS A 47 -5.24 12.21 0.65
CA LYS A 47 -5.80 12.23 -0.70
C LYS A 47 -4.84 12.91 -1.67
N ASN A 48 -4.02 13.81 -1.16
CA ASN A 48 -3.04 14.52 -1.99
C ASN A 48 -1.63 13.97 -1.76
N LEU A 49 -1.54 12.66 -1.56
CA LEU A 49 -0.25 12.01 -1.33
C LEU A 49 0.29 11.40 -2.62
N ILE A 50 -0.59 10.74 -3.36
CA ILE A 50 -0.20 10.12 -4.62
C ILE A 50 0.59 11.08 -5.49
N LYS A 51 0.32 12.37 -5.34
CA LYS A 51 1.01 13.40 -6.10
C LYS A 51 2.49 13.45 -5.74
N GLU A 52 2.78 13.24 -4.46
CA GLU A 52 4.15 13.27 -3.97
C GLU A 52 4.80 11.89 -4.09
N PHE A 53 4.01 10.85 -3.84
CA PHE A 53 4.51 9.48 -3.92
C PHE A 53 5.49 9.32 -5.07
N LYS A 54 6.58 8.61 -4.82
CA LYS A 54 7.60 8.37 -5.83
C LYS A 54 7.73 6.89 -6.14
N TYR A 55 7.88 6.07 -5.11
CA TYR A 55 8.02 4.64 -5.28
C TYR A 55 7.67 3.90 -3.98
N ALA A 56 7.49 2.59 -4.09
CA ALA A 56 7.16 1.77 -2.93
C ALA A 56 7.93 0.45 -2.94
N LEU A 57 8.47 0.08 -1.79
CA LEU A 57 9.23 -1.16 -1.67
C LEU A 57 8.42 -2.24 -0.97
N VAL A 58 7.89 -3.18 -1.75
CA VAL A 58 7.10 -4.27 -1.20
C VAL A 58 7.97 -5.44 -0.78
N TRP A 59 7.60 -6.10 0.31
CA TRP A 59 8.35 -7.24 0.82
C TRP A 59 7.43 -8.43 1.07
N GLY A 60 7.28 -9.28 0.06
CA GLY A 60 6.43 -10.45 0.20
C GLY A 60 6.29 -11.22 -1.11
N LEU A 61 5.77 -12.43 -1.02
CA LEU A 61 5.58 -13.28 -2.19
C LEU A 61 5.28 -12.44 -3.42
N SER A 62 4.45 -11.42 -3.24
CA SER A 62 4.08 -10.53 -4.35
C SER A 62 5.23 -10.35 -5.32
N VAL A 63 6.40 -10.01 -4.78
CA VAL A 63 7.59 -9.81 -5.60
C VAL A 63 8.54 -11.00 -5.49
N LYS A 64 9.30 -11.24 -6.56
CA LYS A 64 10.25 -12.35 -6.58
C LYS A 64 11.50 -12.01 -5.76
N HIS A 65 12.09 -10.85 -6.05
CA HIS A 65 13.29 -10.42 -5.34
C HIS A 65 13.06 -9.08 -4.66
N ASN A 66 13.01 -9.09 -3.33
CA ASN A 66 12.80 -7.86 -2.56
C ASN A 66 14.09 -7.40 -1.89
N PRO A 67 14.17 -6.10 -1.59
CA PRO A 67 13.08 -5.15 -1.88
C PRO A 67 12.92 -4.90 -3.38
N GLN A 68 11.67 -4.85 -3.83
CA GLN A 68 11.38 -4.61 -5.24
C GLN A 68 10.70 -3.26 -5.44
N LYS A 69 11.16 -2.51 -6.43
CA LYS A 69 10.61 -1.19 -6.73
C LYS A 69 9.30 -1.32 -7.50
N VAL A 70 8.27 -0.61 -7.03
CA VAL A 70 6.97 -0.64 -7.67
C VAL A 70 6.44 0.77 -7.91
N GLY A 71 5.40 0.88 -8.73
CA GLY A 71 4.82 2.18 -9.03
C GLY A 71 3.51 2.40 -8.30
N LYS A 72 2.61 3.15 -8.93
CA LYS A 72 1.31 3.45 -8.36
C LYS A 72 0.28 2.41 -8.78
N ASP A 73 0.44 1.87 -9.98
CA ASP A 73 -0.47 0.86 -10.51
C ASP A 73 -0.26 -0.49 -9.81
N HIS A 74 0.97 -0.72 -9.36
CA HIS A 74 1.30 -1.97 -8.67
C HIS A 74 0.19 -2.38 -7.72
N THR A 75 -0.29 -3.61 -7.87
CA THR A 75 -1.36 -4.13 -7.03
C THR A 75 -0.82 -4.65 -5.70
N LEU A 76 -1.53 -4.37 -4.62
CA LEU A 76 -1.11 -4.81 -3.29
C LEU A 76 -1.77 -6.13 -2.93
N GLU A 77 -1.08 -6.94 -2.14
CA GLU A 77 -1.58 -8.24 -1.72
C GLU A 77 -1.80 -8.28 -0.22
N ASP A 78 -2.55 -9.28 0.25
CA ASP A 78 -2.83 -9.43 1.67
C ASP A 78 -1.55 -9.75 2.44
N GLU A 79 -1.50 -9.32 3.70
CA GLU A 79 -0.33 -9.56 4.55
C GLU A 79 0.96 -9.19 3.82
N ASP A 80 0.99 -7.98 3.25
CA ASP A 80 2.16 -7.51 2.53
C ASP A 80 2.66 -6.19 3.12
N VAL A 81 3.99 -6.04 3.17
CA VAL A 81 4.60 -4.83 3.71
C VAL A 81 5.07 -3.91 2.58
N ILE A 82 4.64 -2.65 2.64
CA ILE A 82 5.02 -1.66 1.64
C ILE A 82 5.58 -0.40 2.28
N GLN A 83 6.54 0.22 1.61
CA GLN A 83 7.16 1.43 2.13
C GLN A 83 6.87 2.61 1.21
N ILE A 84 5.89 3.43 1.59
CA ILE A 84 5.52 4.59 0.79
C ILE A 84 6.57 5.69 0.90
N VAL A 85 7.19 6.01 -0.23
CA VAL A 85 8.22 7.05 -0.27
C VAL A 85 7.78 8.24 -1.11
N LYS A 86 7.75 9.42 -0.49
CA LYS A 86 7.35 10.64 -1.16
C LYS A 86 8.54 11.31 -1.85
N LYS A 87 8.26 12.02 -2.93
CA LYS A 87 9.31 12.72 -3.67
C LYS A 87 9.97 13.79 -2.81
N SER A 88 9.19 14.80 -2.43
CA SER A 88 9.70 15.89 -1.61
C SER A 88 8.57 16.54 -0.80
N GLY A 89 8.95 17.28 0.23
CA GLY A 89 7.96 17.93 1.08
C GLY A 89 8.59 18.76 2.17
N PRO A 90 7.89 18.88 3.31
CA PRO A 90 8.37 19.66 4.45
C PRO A 90 9.57 19.01 5.14
N SER A 91 10.60 19.80 5.38
CA SER A 91 11.80 19.30 6.03
C SER A 91 11.53 18.93 7.50
N SER A 92 11.09 19.91 8.28
CA SER A 92 10.80 19.68 9.68
C SER A 92 9.86 18.49 9.86
N GLY A 93 10.43 17.35 10.24
CA GLY A 93 9.64 16.15 10.43
C GLY A 93 10.43 15.04 11.08
N GLY A 1 -18.15 -23.11 11.70
CA GLY A 1 -18.15 -24.26 10.81
C GLY A 1 -19.05 -24.08 9.61
N SER A 2 -19.99 -25.00 9.43
CA SER A 2 -20.92 -24.94 8.31
C SER A 2 -21.55 -23.55 8.20
N SER A 3 -21.23 -22.84 7.13
CA SER A 3 -21.76 -21.50 6.90
C SER A 3 -22.25 -21.34 5.48
N GLY A 4 -23.04 -20.30 5.24
CA GLY A 4 -23.56 -20.04 3.91
C GLY A 4 -22.47 -19.61 2.93
N SER A 5 -22.54 -18.35 2.50
CA SER A 5 -21.57 -17.82 1.55
C SER A 5 -20.73 -16.72 2.20
N SER A 6 -19.42 -16.98 2.29
CA SER A 6 -18.51 -16.01 2.89
C SER A 6 -18.58 -14.66 2.18
N GLY A 7 -18.64 -14.70 0.86
CA GLY A 7 -18.71 -13.48 0.08
C GLY A 7 -17.58 -13.35 -0.92
N TYR A 8 -17.74 -12.46 -1.88
CA TYR A 8 -16.72 -12.25 -2.91
C TYR A 8 -15.83 -11.07 -2.55
N LEU A 9 -16.07 -10.49 -1.39
CA LEU A 9 -15.29 -9.34 -0.92
C LEU A 9 -14.15 -9.79 -0.01
N LYS A 10 -13.01 -10.12 -0.62
CA LYS A 10 -11.85 -10.57 0.13
C LYS A 10 -11.24 -9.41 0.92
N LEU A 11 -10.79 -9.70 2.13
CA LEU A 11 -10.18 -8.69 2.99
C LEU A 11 -8.67 -8.87 3.06
N VAL A 12 -7.94 -7.83 2.66
CA VAL A 12 -6.49 -7.87 2.68
C VAL A 12 -5.92 -6.79 3.59
N ARG A 13 -4.73 -7.04 4.13
CA ARG A 13 -4.08 -6.09 5.03
C ARG A 13 -2.72 -5.67 4.48
N ILE A 14 -2.38 -4.40 4.66
CA ILE A 14 -1.10 -3.88 4.19
C ILE A 14 -0.34 -3.19 5.31
N TYR A 15 0.82 -3.73 5.65
CA TYR A 15 1.65 -3.17 6.71
C TYR A 15 2.57 -2.08 6.16
N THR A 16 2.20 -0.83 6.40
CA THR A 16 3.00 0.30 5.93
C THR A 16 4.32 0.40 6.68
N LYS A 17 5.36 0.85 6.00
CA LYS A 17 6.68 0.99 6.61
C LYS A 17 7.11 2.45 6.63
N PRO A 18 7.34 2.98 7.83
CA PRO A 18 7.77 4.37 8.02
C PRO A 18 9.19 4.62 7.52
N LYS A 19 9.43 5.81 6.99
CA LYS A 19 10.75 6.17 6.47
C LYS A 19 11.78 6.21 7.61
N GLY A 20 12.17 5.03 8.08
CA GLY A 20 13.15 4.95 9.15
C GLY A 20 12.78 3.92 10.20
N GLN A 21 11.58 4.06 10.76
CA GLN A 21 11.11 3.14 11.79
C GLN A 21 10.71 1.80 11.18
N LEU A 22 10.27 0.87 12.01
CA LEU A 22 9.86 -0.45 11.56
C LEU A 22 8.40 -0.44 11.14
N PRO A 23 8.05 -1.35 10.21
CA PRO A 23 6.68 -1.47 9.70
C PRO A 23 5.72 -2.02 10.75
N ASP A 24 4.67 -1.25 11.06
CA ASP A 24 3.68 -1.66 12.03
C ASP A 24 2.98 -2.95 11.60
N TYR A 25 2.63 -3.78 12.57
CA TYR A 25 1.96 -5.04 12.30
C TYR A 25 0.75 -5.24 13.21
N THR A 26 0.34 -4.16 13.87
CA THR A 26 -0.81 -4.20 14.76
C THR A 26 -1.95 -3.32 14.25
N SER A 27 -1.59 -2.24 13.56
CA SER A 27 -2.58 -1.32 13.02
C SER A 27 -2.52 -1.30 11.50
N PRO A 28 -2.68 -2.47 10.87
CA PRO A 28 -2.65 -2.61 9.42
C PRO A 28 -3.85 -1.96 8.75
N VAL A 29 -3.68 -1.51 7.51
CA VAL A 29 -4.76 -0.88 6.76
C VAL A 29 -5.56 -1.92 5.98
N VAL A 30 -6.84 -2.05 6.34
CA VAL A 30 -7.72 -3.00 5.67
C VAL A 30 -8.33 -2.40 4.41
N LEU A 31 -7.83 -2.83 3.26
CA LEU A 31 -8.33 -2.35 1.98
C LEU A 31 -9.13 -3.41 1.26
N PRO A 32 -10.15 -2.99 0.50
CA PRO A 32 -11.02 -3.90 -0.26
C PRO A 32 -10.29 -4.54 -1.43
N TYR A 33 -10.35 -5.86 -1.51
CA TYR A 33 -9.69 -6.59 -2.59
C TYR A 33 -9.98 -5.95 -3.93
N SER A 34 -11.26 -5.93 -4.31
CA SER A 34 -11.67 -5.34 -5.58
C SER A 34 -10.82 -4.12 -5.92
N ARG A 35 -10.53 -3.31 -4.91
CA ARG A 35 -9.73 -2.11 -5.09
C ARG A 35 -8.45 -2.17 -4.26
N THR A 36 -7.36 -2.59 -4.89
CA THR A 36 -6.07 -2.70 -4.20
C THR A 36 -4.94 -2.22 -5.09
N THR A 37 -4.30 -1.11 -4.69
CA THR A 37 -3.19 -0.55 -5.44
C THR A 37 -2.43 0.48 -4.62
N VAL A 38 -1.12 0.54 -4.83
CA VAL A 38 -0.28 1.49 -4.09
C VAL A 38 -0.95 2.85 -3.99
N GLU A 39 -1.60 3.27 -5.06
CA GLU A 39 -2.30 4.55 -5.09
C GLU A 39 -3.52 4.53 -4.17
N ASP A 40 -4.22 3.40 -4.15
CA ASP A 40 -5.41 3.25 -3.33
C ASP A 40 -5.07 3.43 -1.85
N PHE A 41 -3.87 3.00 -1.47
CA PHE A 41 -3.42 3.12 -0.09
C PHE A 41 -3.05 4.56 0.25
N CYS A 42 -2.37 5.23 -0.67
CA CYS A 42 -1.95 6.60 -0.47
C CYS A 42 -3.15 7.50 -0.16
N MET A 43 -4.32 7.07 -0.62
CA MET A 43 -5.56 7.83 -0.38
C MET A 43 -6.00 7.71 1.07
N LYS A 44 -5.95 6.50 1.61
CA LYS A 44 -6.34 6.24 2.98
C LYS A 44 -5.67 7.23 3.93
N ILE A 45 -4.42 7.58 3.63
CA ILE A 45 -3.67 8.52 4.46
C ILE A 45 -3.82 9.94 3.94
N HIS A 46 -3.26 10.21 2.77
CA HIS A 46 -3.34 11.54 2.17
C HIS A 46 -3.39 11.45 0.65
N LYS A 47 -4.42 12.04 0.06
CA LYS A 47 -4.59 12.02 -1.39
C LYS A 47 -3.37 12.63 -2.09
N ASN A 48 -3.00 13.84 -1.68
CA ASN A 48 -1.86 14.53 -2.25
C ASN A 48 -0.62 13.64 -2.25
N LEU A 49 -0.61 12.67 -1.35
CA LEU A 49 0.51 11.74 -1.22
C LEU A 49 0.93 11.22 -2.60
N ILE A 50 -0.03 10.68 -3.33
CA ILE A 50 0.24 10.15 -4.67
C ILE A 50 1.11 11.11 -5.48
N LYS A 51 0.97 12.40 -5.19
CA LYS A 51 1.74 13.42 -5.89
C LYS A 51 3.20 13.41 -5.44
N GLU A 52 3.41 13.14 -4.15
CA GLU A 52 4.76 13.11 -3.60
C GLU A 52 5.29 11.68 -3.57
N PHE A 53 4.42 10.72 -3.89
CA PHE A 53 4.81 9.31 -3.90
C PHE A 53 5.79 9.01 -5.04
N LYS A 54 7.02 8.70 -4.68
CA LYS A 54 8.06 8.40 -5.66
C LYS A 54 8.01 6.92 -6.06
N TYR A 55 8.04 6.05 -5.06
CA TYR A 55 8.00 4.61 -5.31
C TYR A 55 7.61 3.85 -4.05
N ALA A 56 7.42 2.53 -4.19
CA ALA A 56 7.04 1.70 -3.05
C ALA A 56 7.80 0.38 -3.09
N LEU A 57 8.26 -0.07 -1.92
CA LEU A 57 9.00 -1.33 -1.82
C LEU A 57 8.12 -2.43 -1.22
N VAL A 58 7.59 -3.29 -2.09
CA VAL A 58 6.74 -4.38 -1.64
C VAL A 58 7.57 -5.59 -1.22
N TRP A 59 7.18 -6.20 -0.11
CA TRP A 59 7.89 -7.37 0.41
C TRP A 59 6.94 -8.55 0.60
N GLY A 60 6.87 -9.41 -0.41
CA GLY A 60 6.00 -10.56 -0.35
C GLY A 60 5.91 -11.31 -1.66
N LEU A 61 5.12 -12.37 -1.69
CA LEU A 61 4.95 -13.18 -2.89
C LEU A 61 4.47 -12.31 -4.06
N SER A 62 4.04 -11.08 -3.75
CA SER A 62 3.57 -10.16 -4.77
C SER A 62 4.66 -9.86 -5.79
N VAL A 63 5.91 -9.98 -5.35
CA VAL A 63 7.05 -9.73 -6.23
C VAL A 63 7.98 -10.94 -6.28
N LYS A 64 8.88 -10.93 -7.26
CA LYS A 64 9.83 -12.03 -7.42
C LYS A 64 11.13 -11.74 -6.67
N HIS A 65 11.56 -10.48 -6.71
CA HIS A 65 12.78 -10.08 -6.03
C HIS A 65 12.54 -8.82 -5.19
N ASN A 66 12.61 -8.98 -3.87
CA ASN A 66 12.40 -7.86 -2.96
C ASN A 66 13.69 -7.51 -2.22
N PRO A 67 13.83 -6.22 -1.85
CA PRO A 67 12.81 -5.21 -2.12
C PRO A 67 12.71 -4.86 -3.61
N GLN A 68 11.49 -4.65 -4.07
CA GLN A 68 11.26 -4.32 -5.48
C GLN A 68 10.72 -2.90 -5.62
N LYS A 69 11.30 -2.14 -6.53
CA LYS A 69 10.87 -0.76 -6.77
C LYS A 69 9.60 -0.72 -7.62
N VAL A 70 8.47 -0.45 -6.97
CA VAL A 70 7.19 -0.38 -7.66
C VAL A 70 6.67 1.05 -7.71
N GLY A 71 5.64 1.27 -8.52
CA GLY A 71 5.07 2.60 -8.64
C GLY A 71 3.68 2.69 -8.05
N LYS A 72 2.83 3.51 -8.65
CA LYS A 72 1.46 3.69 -8.17
C LYS A 72 0.50 2.79 -8.95
N ASP A 73 1.01 2.13 -9.99
CA ASP A 73 0.20 1.25 -10.80
C ASP A 73 0.33 -0.19 -10.34
N HIS A 74 1.17 -0.41 -9.34
CA HIS A 74 1.39 -1.75 -8.79
C HIS A 74 0.22 -2.17 -7.91
N THR A 75 -0.07 -3.48 -7.91
CA THR A 75 -1.16 -4.01 -7.10
C THR A 75 -0.66 -4.51 -5.75
N LEU A 76 -1.39 -4.18 -4.70
CA LEU A 76 -1.02 -4.59 -3.35
C LEU A 76 -1.59 -5.97 -3.03
N GLU A 77 -1.01 -6.64 -2.04
CA GLU A 77 -1.45 -7.97 -1.64
C GLU A 77 -1.59 -8.05 -0.13
N ASP A 78 -2.46 -8.95 0.33
CA ASP A 78 -2.70 -9.13 1.76
C ASP A 78 -1.40 -9.52 2.46
N GLU A 79 -1.29 -9.13 3.74
CA GLU A 79 -0.10 -9.44 4.52
C GLU A 79 1.17 -9.02 3.79
N ASP A 80 1.09 -7.88 3.09
CA ASP A 80 2.23 -7.37 2.34
C ASP A 80 2.70 -6.03 2.92
N VAL A 81 4.02 -5.86 2.99
CA VAL A 81 4.60 -4.63 3.52
C VAL A 81 5.01 -3.69 2.40
N ILE A 82 4.68 -2.41 2.56
CA ILE A 82 5.02 -1.41 1.57
C ILE A 82 5.66 -0.18 2.21
N GLN A 83 6.64 0.40 1.54
CA GLN A 83 7.33 1.58 2.05
C GLN A 83 7.09 2.78 1.15
N ILE A 84 6.13 3.62 1.52
CA ILE A 84 5.81 4.81 0.75
C ILE A 84 6.94 5.85 0.82
N VAL A 85 7.70 5.94 -0.25
CA VAL A 85 8.81 6.89 -0.32
C VAL A 85 8.40 8.18 -1.00
N LYS A 86 8.78 9.31 -0.43
CA LYS A 86 8.45 10.62 -0.97
C LYS A 86 9.60 11.16 -1.81
N LYS A 87 9.29 11.71 -2.97
CA LYS A 87 10.30 12.28 -3.86
C LYS A 87 10.51 13.75 -3.56
N SER A 88 11.56 14.32 -4.14
CA SER A 88 11.88 15.72 -3.94
C SER A 88 10.73 16.63 -4.40
N GLY A 89 10.38 17.60 -3.58
CA GLY A 89 9.30 18.50 -3.92
C GLY A 89 9.32 19.77 -3.09
N PRO A 90 8.16 20.45 -3.00
CA PRO A 90 8.04 21.69 -2.24
C PRO A 90 8.13 21.47 -0.74
N SER A 91 8.09 20.20 -0.33
CA SER A 91 8.18 19.85 1.09
C SER A 91 9.44 20.43 1.72
N SER A 92 10.58 20.19 1.08
CA SER A 92 11.85 20.69 1.59
C SER A 92 12.90 20.71 0.48
N GLY A 93 13.57 21.85 0.33
CA GLY A 93 14.60 21.97 -0.70
C GLY A 93 15.80 22.77 -0.23
N GLY A 1 -25.97 -7.06 -9.18
CA GLY A 1 -26.73 -7.97 -8.36
C GLY A 1 -26.31 -7.93 -6.90
N SER A 2 -27.10 -7.27 -6.07
CA SER A 2 -26.79 -7.15 -4.64
C SER A 2 -26.85 -8.52 -3.97
N SER A 3 -27.94 -9.25 -4.21
CA SER A 3 -28.12 -10.57 -3.62
C SER A 3 -27.52 -11.65 -4.51
N GLY A 4 -26.35 -11.36 -5.07
CA GLY A 4 -25.69 -12.32 -5.93
C GLY A 4 -24.52 -13.01 -5.25
N SER A 5 -23.38 -12.32 -5.20
CA SER A 5 -22.18 -12.86 -4.58
C SER A 5 -21.97 -12.28 -3.18
N SER A 6 -22.47 -12.96 -2.17
CA SER A 6 -22.35 -12.51 -0.79
C SER A 6 -20.93 -12.02 -0.51
N GLY A 7 -20.78 -10.70 -0.36
CA GLY A 7 -19.48 -10.13 -0.10
C GLY A 7 -18.38 -10.79 -0.90
N TYR A 8 -18.21 -10.35 -2.14
CA TYR A 8 -17.18 -10.91 -3.02
C TYR A 8 -15.88 -10.11 -2.91
N LEU A 9 -15.87 -9.12 -2.04
CA LEU A 9 -14.70 -8.27 -1.85
C LEU A 9 -13.83 -8.80 -0.70
N LYS A 10 -12.79 -9.54 -1.05
CA LYS A 10 -11.88 -10.12 -0.06
C LYS A 10 -11.23 -9.01 0.77
N LEU A 11 -10.73 -9.38 1.94
CA LEU A 11 -10.08 -8.42 2.82
C LEU A 11 -8.57 -8.64 2.85
N VAL A 12 -7.82 -7.60 2.50
CA VAL A 12 -6.37 -7.68 2.48
C VAL A 12 -5.74 -6.61 3.39
N ARG A 13 -4.66 -6.98 4.05
CA ARG A 13 -3.97 -6.05 4.95
C ARG A 13 -2.65 -5.60 4.36
N ILE A 14 -2.29 -4.35 4.59
CA ILE A 14 -1.05 -3.79 4.07
C ILE A 14 -0.28 -3.06 5.17
N TYR A 15 0.73 -3.73 5.70
CA TYR A 15 1.55 -3.15 6.76
C TYR A 15 2.45 -2.04 6.21
N THR A 16 2.03 -0.80 6.42
CA THR A 16 2.79 0.35 5.94
C THR A 16 4.15 0.44 6.64
N LYS A 17 5.14 0.99 5.95
CA LYS A 17 6.47 1.14 6.50
C LYS A 17 6.96 2.59 6.38
N PRO A 18 6.76 3.37 7.45
CA PRO A 18 7.16 4.78 7.49
C PRO A 18 8.68 4.94 7.53
N LYS A 19 9.15 6.11 7.12
CA LYS A 19 10.58 6.40 7.12
C LYS A 19 11.11 6.59 8.53
N GLY A 20 11.86 5.60 9.02
CA GLY A 20 12.41 5.67 10.35
C GLY A 20 11.70 4.76 11.33
N GLN A 21 10.39 4.95 11.49
CA GLN A 21 9.60 4.13 12.40
C GLN A 21 9.40 2.74 11.83
N LEU A 22 8.95 1.82 12.68
CA LEU A 22 8.71 0.44 12.27
C LEU A 22 7.33 0.28 11.67
N PRO A 23 7.18 -0.69 10.76
CA PRO A 23 5.90 -0.97 10.10
C PRO A 23 4.87 -1.56 11.04
N ASP A 24 3.74 -0.88 11.19
CA ASP A 24 2.66 -1.35 12.06
C ASP A 24 2.19 -2.73 11.65
N TYR A 25 2.36 -3.70 12.55
CA TYR A 25 1.95 -5.07 12.28
C TYR A 25 0.68 -5.42 13.05
N THR A 26 0.26 -4.52 13.92
CA THR A 26 -0.94 -4.74 14.73
C THR A 26 -2.08 -3.83 14.27
N SER A 27 -1.72 -2.74 13.59
CA SER A 27 -2.71 -1.79 13.11
C SER A 27 -2.60 -1.62 11.59
N PRO A 28 -2.68 -2.74 10.87
CA PRO A 28 -2.59 -2.75 9.41
C PRO A 28 -3.82 -2.12 8.75
N VAL A 29 -3.68 -1.74 7.48
CA VAL A 29 -4.78 -1.13 6.74
C VAL A 29 -5.50 -2.16 5.89
N VAL A 30 -6.80 -2.34 6.18
CA VAL A 30 -7.61 -3.29 5.43
C VAL A 30 -8.24 -2.64 4.20
N LEU A 31 -7.66 -2.91 3.04
CA LEU A 31 -8.17 -2.36 1.79
C LEU A 31 -9.05 -3.37 1.06
N PRO A 32 -10.02 -2.86 0.29
CA PRO A 32 -10.95 -3.70 -0.48
C PRO A 32 -10.26 -4.41 -1.64
N TYR A 33 -10.29 -5.75 -1.62
CA TYR A 33 -9.67 -6.53 -2.67
C TYR A 33 -9.98 -5.96 -4.05
N SER A 34 -11.28 -5.92 -4.38
CA SER A 34 -11.71 -5.39 -5.67
C SER A 34 -10.90 -4.15 -6.06
N ARG A 35 -10.52 -3.37 -5.05
CA ARG A 35 -9.74 -2.16 -5.30
C ARG A 35 -8.45 -2.17 -4.47
N THR A 36 -7.40 -2.75 -5.04
CA THR A 36 -6.11 -2.83 -4.36
C THR A 36 -4.99 -2.29 -5.24
N THR A 37 -4.35 -1.22 -4.78
CA THR A 37 -3.26 -0.60 -5.53
C THR A 37 -2.51 0.41 -4.67
N VAL A 38 -1.21 0.53 -4.91
CA VAL A 38 -0.39 1.47 -4.16
C VAL A 38 -1.07 2.83 -4.04
N GLU A 39 -1.78 3.22 -5.08
CA GLU A 39 -2.49 4.50 -5.08
C GLU A 39 -3.67 4.48 -4.12
N ASP A 40 -4.40 3.37 -4.13
CA ASP A 40 -5.57 3.21 -3.27
C ASP A 40 -5.17 3.38 -1.80
N PHE A 41 -3.95 3.00 -1.47
CA PHE A 41 -3.45 3.11 -0.10
C PHE A 41 -3.05 4.56 0.21
N CYS A 42 -2.34 5.19 -0.71
CA CYS A 42 -1.90 6.56 -0.54
C CYS A 42 -3.05 7.46 -0.10
N MET A 43 -4.25 7.13 -0.59
CA MET A 43 -5.44 7.91 -0.25
C MET A 43 -5.81 7.73 1.21
N LYS A 44 -5.60 6.52 1.73
CA LYS A 44 -5.91 6.23 3.12
C LYS A 44 -5.10 7.11 4.06
N ILE A 45 -3.88 7.45 3.66
CA ILE A 45 -3.01 8.29 4.45
C ILE A 45 -3.25 9.77 4.16
N HIS A 46 -2.80 10.22 2.99
CA HIS A 46 -2.97 11.61 2.60
C HIS A 46 -3.45 11.71 1.15
N LYS A 47 -4.57 12.38 0.94
CA LYS A 47 -5.13 12.55 -0.39
C LYS A 47 -4.13 13.26 -1.31
N ASN A 48 -3.17 13.96 -0.71
CA ASN A 48 -2.15 14.68 -1.47
C ASN A 48 -0.79 14.00 -1.35
N LEU A 49 -0.81 12.69 -1.17
CA LEU A 49 0.43 11.92 -1.04
C LEU A 49 0.87 11.37 -2.39
N ILE A 50 -0.04 10.70 -3.08
CA ILE A 50 0.27 10.13 -4.38
C ILE A 50 1.09 11.10 -5.23
N LYS A 51 0.93 12.38 -4.96
CA LYS A 51 1.66 13.41 -5.69
C LYS A 51 3.14 13.37 -5.34
N GLU A 52 3.45 13.21 -4.06
CA GLU A 52 4.83 13.15 -3.60
C GLU A 52 5.36 11.72 -3.65
N PHE A 53 4.45 10.76 -3.67
CA PHE A 53 4.83 9.36 -3.72
C PHE A 53 5.73 9.08 -4.93
N LYS A 54 6.93 8.55 -4.66
CA LYS A 54 7.87 8.24 -5.72
C LYS A 54 7.77 6.77 -6.12
N TYR A 55 7.99 5.89 -5.15
CA TYR A 55 7.93 4.45 -5.40
C TYR A 55 7.59 3.69 -4.13
N ALA A 56 7.36 2.39 -4.26
CA ALA A 56 7.03 1.54 -3.13
C ALA A 56 7.90 0.29 -3.09
N LEU A 57 8.33 -0.09 -1.90
CA LEU A 57 9.18 -1.27 -1.72
C LEU A 57 8.38 -2.42 -1.12
N VAL A 58 7.73 -3.20 -1.97
CA VAL A 58 6.94 -4.33 -1.52
C VAL A 58 7.82 -5.43 -0.94
N TRP A 59 7.35 -6.07 0.11
CA TRP A 59 8.11 -7.15 0.75
C TRP A 59 7.24 -8.40 0.93
N GLY A 60 6.46 -8.71 -0.09
CA GLY A 60 5.59 -9.87 -0.03
C GLY A 60 5.75 -10.77 -1.25
N LEU A 61 4.82 -11.71 -1.39
CA LEU A 61 4.86 -12.64 -2.52
C LEU A 61 4.55 -11.92 -3.83
N SER A 62 3.79 -10.84 -3.74
CA SER A 62 3.43 -10.06 -4.91
C SER A 62 4.64 -9.81 -5.79
N VAL A 63 5.82 -9.84 -5.18
CA VAL A 63 7.06 -9.62 -5.92
C VAL A 63 8.02 -10.78 -5.74
N LYS A 64 8.60 -11.25 -6.85
CA LYS A 64 9.53 -12.37 -6.81
C LYS A 64 10.76 -12.03 -5.99
N HIS A 65 11.40 -10.90 -6.30
CA HIS A 65 12.58 -10.45 -5.58
C HIS A 65 12.28 -9.21 -4.76
N ASN A 66 12.55 -9.29 -3.45
CA ASN A 66 12.30 -8.18 -2.55
C ASN A 66 13.60 -7.71 -1.91
N PRO A 67 13.69 -6.40 -1.62
CA PRO A 67 12.60 -5.46 -1.90
C PRO A 67 12.42 -5.22 -3.41
N GLN A 68 11.28 -4.67 -3.78
CA GLN A 68 10.98 -4.40 -5.18
C GLN A 68 10.38 -3.01 -5.35
N LYS A 69 10.92 -2.25 -6.29
CA LYS A 69 10.44 -0.90 -6.56
C LYS A 69 9.22 -0.92 -7.48
N VAL A 70 8.05 -0.65 -6.91
CA VAL A 70 6.81 -0.64 -7.67
C VAL A 70 6.29 0.78 -7.83
N GLY A 71 5.37 0.97 -8.79
CA GLY A 71 4.80 2.28 -9.03
C GLY A 71 3.53 2.51 -8.25
N LYS A 72 2.57 3.19 -8.88
CA LYS A 72 1.30 3.49 -8.24
C LYS A 72 0.20 2.57 -8.77
N ASP A 73 0.46 1.94 -9.91
CA ASP A 73 -0.51 1.03 -10.51
C ASP A 73 -0.30 -0.40 -10.01
N HIS A 74 0.73 -0.59 -9.21
CA HIS A 74 1.04 -1.91 -8.66
C HIS A 74 -0.03 -2.35 -7.67
N THR A 75 -0.59 -3.54 -7.88
CA THR A 75 -1.62 -4.06 -7.01
C THR A 75 -1.02 -4.56 -5.70
N LEU A 76 -1.66 -4.22 -4.58
CA LEU A 76 -1.19 -4.64 -3.27
C LEU A 76 -1.75 -6.01 -2.90
N GLU A 77 -0.98 -6.78 -2.14
CA GLU A 77 -1.41 -8.11 -1.72
C GLU A 77 -1.54 -8.18 -0.20
N ASP A 78 -2.46 -9.02 0.27
CA ASP A 78 -2.68 -9.18 1.70
C ASP A 78 -1.40 -9.59 2.41
N GLU A 79 -1.20 -9.06 3.62
CA GLU A 79 0.00 -9.37 4.39
C GLU A 79 1.26 -8.97 3.64
N ASP A 80 1.30 -7.72 3.20
CA ASP A 80 2.46 -7.21 2.47
C ASP A 80 2.90 -5.86 3.02
N VAL A 81 4.21 -5.68 3.14
CA VAL A 81 4.76 -4.43 3.66
C VAL A 81 5.19 -3.51 2.52
N ILE A 82 4.69 -2.28 2.56
CA ILE A 82 5.02 -1.29 1.53
C ILE A 82 5.51 0.01 2.15
N GLN A 83 6.69 0.46 1.73
CA GLN A 83 7.27 1.69 2.25
C GLN A 83 7.02 2.85 1.29
N ILE A 84 5.99 3.63 1.56
CA ILE A 84 5.65 4.78 0.73
C ILE A 84 6.69 5.89 0.87
N VAL A 85 7.53 6.03 -0.14
CA VAL A 85 8.58 7.06 -0.14
C VAL A 85 8.14 8.28 -0.95
N LYS A 86 8.57 9.45 -0.50
CA LYS A 86 8.24 10.70 -1.18
C LYS A 86 9.47 11.32 -1.84
N LYS A 87 9.36 11.60 -3.13
CA LYS A 87 10.47 12.20 -3.87
C LYS A 87 10.74 13.62 -3.40
N SER A 88 11.74 14.26 -4.00
CA SER A 88 12.09 15.63 -3.64
C SER A 88 11.34 16.63 -4.50
N GLY A 89 11.06 17.80 -3.93
CA GLY A 89 10.34 18.83 -4.66
C GLY A 89 11.25 19.65 -5.56
N PRO A 90 10.77 19.96 -6.77
CA PRO A 90 11.53 20.75 -7.74
C PRO A 90 11.70 22.21 -7.32
N SER A 91 11.12 22.55 -6.17
CA SER A 91 11.21 23.91 -5.66
C SER A 91 12.64 24.44 -5.75
N SER A 92 13.54 23.82 -4.99
CA SER A 92 14.94 24.23 -4.98
C SER A 92 15.79 23.24 -4.19
N GLY A 93 17.10 23.27 -4.44
CA GLY A 93 18.00 22.38 -3.73
C GLY A 93 18.90 23.10 -2.75
N GLY A 1 -21.39 -3.70 12.38
CA GLY A 1 -20.85 -4.93 11.85
C GLY A 1 -21.72 -5.55 10.78
N SER A 2 -21.27 -6.66 10.21
CA SER A 2 -22.02 -7.35 9.17
C SER A 2 -22.19 -8.82 9.51
N SER A 3 -23.38 -9.17 10.00
CA SER A 3 -23.67 -10.56 10.37
C SER A 3 -23.41 -11.49 9.20
N GLY A 4 -23.85 -11.09 8.01
CA GLY A 4 -23.66 -11.91 6.83
C GLY A 4 -22.61 -11.34 5.90
N SER A 5 -22.20 -12.14 4.91
CA SER A 5 -21.19 -11.71 3.95
C SER A 5 -21.82 -11.44 2.59
N SER A 6 -21.16 -10.58 1.81
CA SER A 6 -21.65 -10.23 0.49
C SER A 6 -21.33 -11.33 -0.53
N GLY A 7 -20.12 -11.84 -0.46
CA GLY A 7 -19.70 -12.89 -1.38
C GLY A 7 -18.19 -13.02 -1.47
N TYR A 8 -17.64 -12.58 -2.59
CA TYR A 8 -16.19 -12.66 -2.80
C TYR A 8 -15.50 -11.42 -2.23
N LEU A 9 -16.13 -10.79 -1.25
CA LEU A 9 -15.58 -9.60 -0.62
C LEU A 9 -14.44 -9.97 0.31
N LYS A 10 -13.22 -10.03 -0.24
CA LYS A 10 -12.04 -10.37 0.55
C LYS A 10 -11.40 -9.12 1.13
N LEU A 11 -10.54 -9.30 2.13
CA LEU A 11 -9.85 -8.19 2.77
C LEU A 11 -8.34 -8.29 2.57
N VAL A 12 -7.74 -7.19 2.13
CA VAL A 12 -6.29 -7.15 1.90
C VAL A 12 -5.60 -6.22 2.89
N ARG A 13 -4.89 -6.80 3.84
CA ARG A 13 -4.19 -6.02 4.85
C ARG A 13 -2.80 -5.60 4.35
N ILE A 14 -2.48 -4.33 4.53
CA ILE A 14 -1.19 -3.80 4.09
C ILE A 14 -0.44 -3.15 5.24
N TYR A 15 0.76 -3.65 5.52
CA TYR A 15 1.58 -3.12 6.60
C TYR A 15 2.54 -2.04 6.09
N THR A 16 2.15 -0.79 6.29
CA THR A 16 2.98 0.34 5.85
C THR A 16 4.27 0.42 6.65
N LYS A 17 5.37 0.71 5.95
CA LYS A 17 6.68 0.82 6.59
C LYS A 17 7.17 2.27 6.57
N PRO A 18 7.53 2.79 7.75
CA PRO A 18 8.03 4.17 7.87
C PRO A 18 9.42 4.34 7.27
N LYS A 19 10.00 5.52 7.47
CA LYS A 19 11.34 5.80 6.94
C LYS A 19 12.41 5.57 8.01
N GLY A 20 12.87 4.33 8.10
CA GLY A 20 13.89 3.99 9.08
C GLY A 20 13.38 3.04 10.14
N GLN A 21 12.23 3.36 10.72
CA GLN A 21 11.64 2.53 11.76
C GLN A 21 11.01 1.27 11.16
N LEU A 22 10.51 0.40 12.03
CA LEU A 22 9.89 -0.84 11.59
C LEU A 22 8.41 -0.64 11.28
N PRO A 23 7.89 -1.39 10.31
CA PRO A 23 6.49 -1.31 9.89
C PRO A 23 5.54 -1.86 10.95
N ASP A 24 4.59 -1.04 11.37
CA ASP A 24 3.61 -1.44 12.38
C ASP A 24 2.87 -2.70 11.93
N TYR A 25 3.01 -3.77 12.72
CA TYR A 25 2.36 -5.04 12.42
C TYR A 25 1.10 -5.22 13.25
N THR A 26 0.75 -4.18 14.02
CA THR A 26 -0.42 -4.23 14.87
C THR A 26 -1.45 -3.19 14.44
N SER A 27 -1.08 -2.36 13.47
CA SER A 27 -1.97 -1.32 12.97
C SER A 27 -2.02 -1.33 11.44
N PRO A 28 -2.32 -2.52 10.87
CA PRO A 28 -2.41 -2.69 9.42
C PRO A 28 -3.63 -2.00 8.82
N VAL A 29 -3.55 -1.69 7.53
CA VAL A 29 -4.65 -1.01 6.85
C VAL A 29 -5.47 -2.02 6.03
N VAL A 30 -6.71 -2.25 6.47
CA VAL A 30 -7.59 -3.17 5.78
C VAL A 30 -8.23 -2.52 4.56
N LEU A 31 -7.74 -2.90 3.38
CA LEU A 31 -8.26 -2.34 2.12
C LEU A 31 -9.15 -3.36 1.41
N PRO A 32 -10.11 -2.85 0.63
CA PRO A 32 -11.04 -3.70 -0.13
C PRO A 32 -10.35 -4.43 -1.28
N TYR A 33 -10.52 -5.74 -1.32
CA TYR A 33 -9.92 -6.55 -2.38
C TYR A 33 -10.23 -5.98 -3.76
N SER A 34 -11.52 -5.86 -4.06
CA SER A 34 -11.95 -5.34 -5.35
C SER A 34 -11.11 -4.12 -5.76
N ARG A 35 -10.78 -3.30 -4.77
CA ARG A 35 -9.98 -2.10 -5.02
C ARG A 35 -8.69 -2.13 -4.20
N THR A 36 -7.62 -2.61 -4.81
CA THR A 36 -6.33 -2.69 -4.14
C THR A 36 -5.19 -2.28 -5.06
N THR A 37 -4.52 -1.19 -4.71
CA THR A 37 -3.41 -0.68 -5.52
C THR A 37 -2.59 0.34 -4.73
N VAL A 38 -1.29 0.41 -5.04
CA VAL A 38 -0.39 1.33 -4.37
C VAL A 38 -1.05 2.70 -4.19
N GLU A 39 -1.78 3.13 -5.21
CA GLU A 39 -2.46 4.43 -5.17
C GLU A 39 -3.63 4.40 -4.19
N ASP A 40 -4.42 3.32 -4.26
CA ASP A 40 -5.58 3.18 -3.38
C ASP A 40 -5.16 3.33 -1.91
N PHE A 41 -3.96 2.89 -1.60
CA PHE A 41 -3.44 2.98 -0.24
C PHE A 41 -3.00 4.40 0.09
N CYS A 42 -2.29 5.03 -0.84
CA CYS A 42 -1.81 6.39 -0.65
C CYS A 42 -2.95 7.32 -0.25
N MET A 43 -4.18 6.91 -0.56
CA MET A 43 -5.36 7.71 -0.24
C MET A 43 -5.72 7.55 1.24
N LYS A 44 -5.61 6.33 1.73
CA LYS A 44 -5.93 6.05 3.13
C LYS A 44 -5.10 6.91 4.07
N ILE A 45 -3.86 7.18 3.67
CA ILE A 45 -2.95 8.00 4.48
C ILE A 45 -3.23 9.48 4.26
N HIS A 46 -3.03 9.95 3.03
CA HIS A 46 -3.24 11.35 2.70
C HIS A 46 -3.64 11.50 1.23
N LYS A 47 -4.87 11.93 0.99
CA LYS A 47 -5.37 12.12 -0.37
C LYS A 47 -4.35 12.89 -1.21
N ASN A 48 -3.49 13.65 -0.54
CA ASN A 48 -2.47 14.44 -1.23
C ASN A 48 -1.10 13.79 -1.09
N LEU A 49 -1.08 12.47 -1.00
CA LEU A 49 0.18 11.74 -0.86
C LEU A 49 0.64 11.18 -2.20
N ILE A 50 -0.32 10.72 -3.00
CA ILE A 50 -0.02 10.16 -4.32
C ILE A 50 0.75 11.16 -5.17
N LYS A 51 0.59 12.44 -4.87
CA LYS A 51 1.28 13.50 -5.60
C LYS A 51 2.76 13.54 -5.23
N GLU A 52 3.07 13.15 -4.00
CA GLU A 52 4.46 13.14 -3.54
C GLU A 52 5.04 11.73 -3.57
N PHE A 53 4.18 10.75 -3.87
CA PHE A 53 4.61 9.36 -3.95
C PHE A 53 5.58 9.15 -5.10
N LYS A 54 6.72 8.53 -4.81
CA LYS A 54 7.73 8.26 -5.82
C LYS A 54 7.77 6.78 -6.18
N TYR A 55 7.91 5.93 -5.16
CA TYR A 55 7.96 4.49 -5.38
C TYR A 55 7.61 3.74 -4.09
N ALA A 56 7.39 2.43 -4.22
CA ALA A 56 7.06 1.60 -3.07
C ALA A 56 7.91 0.33 -3.05
N LEU A 57 8.35 -0.05 -1.86
CA LEU A 57 9.17 -1.25 -1.70
C LEU A 57 8.36 -2.39 -1.09
N VAL A 58 7.77 -3.21 -1.95
CA VAL A 58 6.97 -4.35 -1.50
C VAL A 58 7.85 -5.45 -0.92
N TRP A 59 7.37 -6.07 0.14
CA TRP A 59 8.12 -7.15 0.79
C TRP A 59 7.26 -8.40 0.93
N GLY A 60 6.42 -8.65 -0.06
CA GLY A 60 5.55 -9.81 -0.03
C GLY A 60 5.80 -10.77 -1.19
N LEU A 61 4.90 -11.72 -1.37
CA LEU A 61 5.03 -12.70 -2.45
C LEU A 61 4.71 -12.06 -3.80
N SER A 62 3.73 -11.17 -3.81
CA SER A 62 3.33 -10.49 -5.04
C SER A 62 4.55 -10.18 -5.91
N VAL A 63 5.68 -9.96 -5.26
CA VAL A 63 6.92 -9.64 -5.97
C VAL A 63 7.93 -10.77 -5.83
N LYS A 64 8.50 -11.19 -6.97
CA LYS A 64 9.48 -12.27 -6.98
C LYS A 64 10.67 -11.92 -6.09
N HIS A 65 11.26 -10.74 -6.32
CA HIS A 65 12.40 -10.29 -5.54
C HIS A 65 12.01 -9.14 -4.62
N ASN A 66 12.64 -9.08 -3.45
CA ASN A 66 12.36 -8.03 -2.48
C ASN A 66 13.64 -7.58 -1.77
N PRO A 67 13.72 -6.28 -1.46
CA PRO A 67 12.65 -5.33 -1.77
C PRO A 67 12.53 -5.06 -3.27
N GLN A 68 11.34 -4.69 -3.71
CA GLN A 68 11.10 -4.41 -5.12
C GLN A 68 10.49 -3.02 -5.30
N LYS A 69 11.04 -2.26 -6.25
CA LYS A 69 10.55 -0.91 -6.53
C LYS A 69 9.32 -0.95 -7.42
N VAL A 70 8.18 -0.52 -6.87
CA VAL A 70 6.93 -0.50 -7.61
C VAL A 70 6.39 0.92 -7.75
N GLY A 71 5.40 1.08 -8.63
CA GLY A 71 4.82 2.40 -8.83
C GLY A 71 3.43 2.51 -8.24
N LYS A 72 2.62 3.43 -8.78
CA LYS A 72 1.27 3.64 -8.29
C LYS A 72 0.29 2.71 -9.00
N ASP A 73 0.73 2.14 -10.12
CA ASP A 73 -0.12 1.24 -10.89
C ASP A 73 0.05 -0.20 -10.42
N HIS A 74 1.00 -0.42 -9.51
CA HIS A 74 1.27 -1.75 -8.98
C HIS A 74 0.11 -2.21 -8.09
N THR A 75 -0.23 -3.48 -8.19
CA THR A 75 -1.32 -4.05 -7.39
C THR A 75 -0.80 -4.54 -6.05
N LEU A 76 -1.58 -4.30 -4.99
CA LEU A 76 -1.21 -4.72 -3.65
C LEU A 76 -1.80 -6.09 -3.33
N GLU A 77 -1.17 -6.79 -2.38
CA GLU A 77 -1.64 -8.11 -1.98
C GLU A 77 -1.95 -8.14 -0.49
N ASP A 78 -2.49 -9.26 -0.02
CA ASP A 78 -2.83 -9.42 1.39
C ASP A 78 -1.60 -9.77 2.21
N GLU A 79 -1.54 -9.22 3.43
CA GLU A 79 -0.41 -9.47 4.31
C GLU A 79 0.90 -9.10 3.64
N ASP A 80 1.00 -7.86 3.16
CA ASP A 80 2.20 -7.39 2.49
C ASP A 80 2.65 -6.05 3.07
N VAL A 81 3.95 -5.81 3.04
CA VAL A 81 4.52 -4.57 3.57
C VAL A 81 4.97 -3.65 2.44
N ILE A 82 4.67 -2.36 2.59
CA ILE A 82 5.05 -1.37 1.58
C ILE A 82 5.59 -0.10 2.24
N GLN A 83 6.67 0.43 1.66
CA GLN A 83 7.29 1.64 2.18
C GLN A 83 7.04 2.83 1.25
N ILE A 84 6.10 3.69 1.62
CA ILE A 84 5.77 4.86 0.82
C ILE A 84 6.83 5.94 0.97
N VAL A 85 7.57 6.20 -0.11
CA VAL A 85 8.62 7.21 -0.11
C VAL A 85 8.16 8.47 -0.83
N LYS A 86 8.61 9.63 -0.34
CA LYS A 86 8.25 10.90 -0.93
C LYS A 86 9.46 11.55 -1.61
N LYS A 87 9.25 12.05 -2.82
CA LYS A 87 10.32 12.70 -3.58
C LYS A 87 11.23 13.50 -2.65
N SER A 88 10.62 14.19 -1.69
CA SER A 88 11.37 15.01 -0.75
C SER A 88 12.48 15.78 -1.45
N GLY A 89 12.15 16.34 -2.61
CA GLY A 89 13.14 17.09 -3.37
C GLY A 89 12.71 18.52 -3.62
N PRO A 90 11.82 18.70 -4.62
CA PRO A 90 11.31 20.02 -4.99
C PRO A 90 10.38 20.60 -3.92
N SER A 91 10.94 21.42 -3.04
CA SER A 91 10.17 22.04 -1.97
C SER A 91 9.07 22.92 -2.54
N SER A 92 8.08 23.24 -1.71
CA SER A 92 6.96 24.08 -2.13
C SER A 92 6.32 24.76 -0.93
N GLY A 93 5.82 25.98 -1.15
CA GLY A 93 5.18 26.72 -0.07
C GLY A 93 3.70 26.38 0.06
N GLY A 1 -28.00 0.36 6.09
CA GLY A 1 -27.68 1.74 5.77
C GLY A 1 -27.24 1.93 4.33
N SER A 2 -26.40 1.02 3.85
CA SER A 2 -25.91 1.08 2.48
C SER A 2 -25.82 -0.31 1.86
N SER A 3 -26.00 -0.38 0.55
CA SER A 3 -25.95 -1.64 -0.17
C SER A 3 -24.51 -2.12 -0.34
N GLY A 4 -24.33 -3.42 -0.46
CA GLY A 4 -22.99 -3.98 -0.63
C GLY A 4 -23.01 -5.32 -1.34
N SER A 5 -21.84 -5.93 -1.45
CA SER A 5 -21.71 -7.23 -2.13
C SER A 5 -21.08 -8.26 -1.20
N SER A 6 -21.57 -9.49 -1.29
CA SER A 6 -21.06 -10.57 -0.45
C SER A 6 -20.70 -11.79 -1.30
N GLY A 7 -19.71 -11.64 -2.16
CA GLY A 7 -19.29 -12.74 -3.02
C GLY A 7 -17.78 -12.88 -3.08
N TYR A 8 -17.16 -12.19 -4.04
CA TYR A 8 -15.72 -12.25 -4.21
C TYR A 8 -15.03 -11.11 -3.45
N LEU A 9 -15.82 -10.35 -2.70
CA LEU A 9 -15.29 -9.23 -1.93
C LEU A 9 -14.27 -9.70 -0.90
N LYS A 10 -13.02 -9.77 -1.32
CA LYS A 10 -11.94 -10.20 -0.43
C LYS A 10 -11.35 -9.03 0.33
N LEU A 11 -10.55 -9.32 1.35
CA LEU A 11 -9.93 -8.29 2.16
C LEU A 11 -8.43 -8.54 2.32
N VAL A 12 -7.63 -7.55 1.97
CA VAL A 12 -6.18 -7.67 2.07
C VAL A 12 -5.61 -6.67 3.07
N ARG A 13 -4.81 -7.16 4.00
CA ARG A 13 -4.20 -6.31 5.02
C ARG A 13 -2.78 -5.95 4.64
N ILE A 14 -2.49 -4.65 4.60
CA ILE A 14 -1.16 -4.17 4.25
C ILE A 14 -0.48 -3.51 5.45
N TYR A 15 0.76 -3.88 5.71
CA TYR A 15 1.51 -3.32 6.82
C TYR A 15 2.39 -2.17 6.35
N THR A 16 1.92 -0.94 6.58
CA THR A 16 2.67 0.25 6.18
C THR A 16 3.95 0.40 6.98
N LYS A 17 5.04 0.72 6.30
CA LYS A 17 6.33 0.89 6.95
C LYS A 17 6.69 2.37 7.10
N PRO A 18 6.85 2.82 8.35
CA PRO A 18 7.19 4.21 8.65
C PRO A 18 8.61 4.57 8.23
N LYS A 19 8.90 5.86 8.16
CA LYS A 19 10.23 6.33 7.76
C LYS A 19 11.17 6.39 8.96
N GLY A 20 12.08 5.44 9.03
CA GLY A 20 13.04 5.38 10.12
C GLY A 20 12.61 4.43 11.22
N GLN A 21 11.30 4.26 11.37
CA GLN A 21 10.76 3.37 12.39
C GLN A 21 10.37 2.03 11.79
N LEU A 22 9.78 1.16 12.61
CA LEU A 22 9.35 -0.16 12.16
C LEU A 22 7.88 -0.15 11.76
N PRO A 23 7.50 -1.06 10.85
CA PRO A 23 6.13 -1.17 10.36
C PRO A 23 5.18 -1.70 11.44
N ASP A 24 4.01 -1.08 11.55
CA ASP A 24 3.02 -1.49 12.53
C ASP A 24 2.32 -2.77 12.09
N TYR A 25 2.52 -3.84 12.86
CA TYR A 25 1.90 -5.13 12.56
C TYR A 25 0.62 -5.33 13.35
N THR A 26 0.21 -4.29 14.07
CA THR A 26 -1.02 -4.34 14.87
C THR A 26 -2.08 -3.42 14.30
N SER A 27 -1.65 -2.38 13.59
CA SER A 27 -2.57 -1.42 13.00
C SER A 27 -2.41 -1.37 11.49
N PRO A 28 -2.55 -2.55 10.84
CA PRO A 28 -2.42 -2.67 9.39
C PRO A 28 -3.59 -2.01 8.65
N VAL A 29 -3.39 -1.72 7.37
CA VAL A 29 -4.41 -1.11 6.55
C VAL A 29 -5.09 -2.13 5.64
N VAL A 30 -6.28 -2.56 6.04
CA VAL A 30 -7.04 -3.54 5.25
C VAL A 30 -7.95 -2.85 4.24
N LEU A 31 -7.56 -2.92 2.96
CA LEU A 31 -8.34 -2.30 1.90
C LEU A 31 -9.23 -3.33 1.21
N PRO A 32 -10.35 -2.87 0.65
CA PRO A 32 -11.31 -3.74 -0.05
C PRO A 32 -10.76 -4.25 -1.37
N TYR A 33 -10.73 -5.57 -1.53
CA TYR A 33 -10.22 -6.19 -2.75
C TYR A 33 -10.57 -5.34 -3.97
N SER A 34 -11.86 -5.24 -4.27
CA SER A 34 -12.31 -4.45 -5.41
C SER A 34 -11.42 -3.23 -5.64
N ARG A 35 -11.02 -2.60 -4.54
CA ARG A 35 -10.17 -1.43 -4.62
C ARG A 35 -8.86 -1.65 -3.85
N THR A 36 -7.87 -2.21 -4.53
CA THR A 36 -6.58 -2.48 -3.92
C THR A 36 -5.44 -2.09 -4.85
N THR A 37 -4.74 -1.02 -4.52
CA THR A 37 -3.62 -0.55 -5.32
C THR A 37 -2.77 0.46 -4.55
N VAL A 38 -1.48 0.50 -4.87
CA VAL A 38 -0.56 1.42 -4.21
C VAL A 38 -1.14 2.83 -4.13
N GLU A 39 -1.84 3.23 -5.19
CA GLU A 39 -2.46 4.55 -5.25
C GLU A 39 -3.63 4.64 -4.27
N ASP A 40 -4.38 3.55 -4.15
CA ASP A 40 -5.53 3.50 -3.25
C ASP A 40 -5.08 3.53 -1.79
N PHE A 41 -3.90 3.00 -1.52
CA PHE A 41 -3.37 2.96 -0.17
C PHE A 41 -2.85 4.34 0.24
N CYS A 42 -2.25 5.05 -0.71
CA CYS A 42 -1.71 6.38 -0.43
C CYS A 42 -2.81 7.33 0.03
N MET A 43 -4.02 7.13 -0.50
CA MET A 43 -5.14 7.97 -0.13
C MET A 43 -5.50 7.81 1.34
N LYS A 44 -5.51 6.56 1.81
CA LYS A 44 -5.82 6.27 3.20
C LYS A 44 -5.12 7.25 4.14
N ILE A 45 -3.86 7.57 3.82
CA ILE A 45 -3.09 8.50 4.63
C ILE A 45 -3.35 9.95 4.22
N HIS A 46 -3.13 10.24 2.94
CA HIS A 46 -3.35 11.58 2.42
C HIS A 46 -3.62 11.54 0.91
N LYS A 47 -4.27 12.59 0.41
CA LYS A 47 -4.59 12.67 -1.00
C LYS A 47 -3.38 13.12 -1.82
N ASN A 48 -2.90 14.32 -1.54
CA ASN A 48 -1.74 14.86 -2.25
C ASN A 48 -0.58 13.88 -2.21
N LEU A 49 -0.66 12.91 -1.31
CA LEU A 49 0.40 11.91 -1.16
C LEU A 49 0.76 11.31 -2.52
N ILE A 50 -0.24 10.79 -3.23
CA ILE A 50 -0.01 10.20 -4.53
C ILE A 50 0.86 11.09 -5.41
N LYS A 51 0.85 12.38 -5.11
CA LYS A 51 1.64 13.35 -5.86
C LYS A 51 3.11 13.28 -5.46
N GLU A 52 3.36 13.06 -4.17
CA GLU A 52 4.72 12.97 -3.66
C GLU A 52 5.24 11.53 -3.73
N PHE A 53 4.32 10.59 -3.94
CA PHE A 53 4.68 9.19 -4.02
C PHE A 53 5.57 8.92 -5.23
N LYS A 54 6.78 8.45 -4.99
CA LYS A 54 7.73 8.16 -6.06
C LYS A 54 7.77 6.67 -6.35
N TYR A 55 7.77 5.86 -5.31
CA TYR A 55 7.81 4.41 -5.45
C TYR A 55 7.44 3.72 -4.14
N ALA A 56 7.24 2.41 -4.21
CA ALA A 56 6.88 1.62 -3.03
C ALA A 56 7.72 0.36 -2.94
N LEU A 57 8.30 0.12 -1.77
CA LEU A 57 9.13 -1.05 -1.55
C LEU A 57 8.32 -2.18 -0.89
N VAL A 58 7.73 -3.02 -1.71
CA VAL A 58 6.92 -4.13 -1.21
C VAL A 58 7.81 -5.25 -0.67
N TRP A 59 7.42 -5.82 0.46
CA TRP A 59 8.18 -6.89 1.07
C TRP A 59 7.30 -8.10 1.36
N GLY A 60 7.22 -9.01 0.39
CA GLY A 60 6.40 -10.19 0.55
C GLY A 60 6.60 -11.20 -0.55
N LEU A 61 5.58 -12.02 -0.80
CA LEU A 61 5.66 -13.04 -1.85
C LEU A 61 5.21 -12.46 -3.19
N SER A 62 4.28 -11.52 -3.14
CA SER A 62 3.77 -10.88 -4.36
C SER A 62 4.91 -10.55 -5.32
N VAL A 63 6.09 -10.28 -4.77
CA VAL A 63 7.25 -9.96 -5.57
C VAL A 63 8.34 -11.02 -5.43
N LYS A 64 8.89 -11.45 -6.56
CA LYS A 64 9.93 -12.46 -6.55
C LYS A 64 11.14 -12.00 -5.75
N HIS A 65 11.62 -10.79 -6.05
CA HIS A 65 12.78 -10.23 -5.36
C HIS A 65 12.36 -9.04 -4.50
N ASN A 66 13.09 -8.82 -3.41
CA ASN A 66 12.80 -7.72 -2.50
C ASN A 66 14.08 -7.14 -1.90
N PRO A 67 14.07 -5.84 -1.60
CA PRO A 67 12.88 -4.99 -1.81
C PRO A 67 12.62 -4.75 -3.29
N GLN A 68 11.33 -4.62 -3.64
CA GLN A 68 10.94 -4.38 -5.02
C GLN A 68 10.36 -2.98 -5.18
N LYS A 69 10.84 -2.26 -6.20
CA LYS A 69 10.36 -0.91 -6.46
C LYS A 69 9.15 -0.93 -7.38
N VAL A 70 7.99 -0.59 -6.83
CA VAL A 70 6.75 -0.57 -7.60
C VAL A 70 6.24 0.85 -7.78
N GLY A 71 5.25 1.02 -8.66
CA GLY A 71 4.69 2.34 -8.90
C GLY A 71 3.36 2.53 -8.21
N LYS A 72 2.46 3.29 -8.84
CA LYS A 72 1.15 3.55 -8.28
C LYS A 72 0.10 2.63 -8.90
N ASP A 73 0.49 1.90 -9.93
CA ASP A 73 -0.41 0.98 -10.60
C ASP A 73 -0.22 -0.44 -10.08
N HIS A 74 0.85 -0.65 -9.32
CA HIS A 74 1.14 -1.97 -8.76
C HIS A 74 0.06 -2.38 -7.76
N THR A 75 -0.50 -3.57 -7.96
CA THR A 75 -1.54 -4.09 -7.07
C THR A 75 -0.94 -4.61 -5.77
N LEU A 76 -1.59 -4.27 -4.65
CA LEU A 76 -1.12 -4.70 -3.34
C LEU A 76 -1.67 -6.08 -3.00
N GLU A 77 -0.96 -6.80 -2.14
CA GLU A 77 -1.37 -8.14 -1.72
C GLU A 77 -1.59 -8.20 -0.21
N ASP A 78 -2.36 -9.18 0.22
CA ASP A 78 -2.65 -9.35 1.65
C ASP A 78 -1.38 -9.73 2.42
N GLU A 79 -1.29 -9.26 3.66
CA GLU A 79 -0.13 -9.55 4.50
C GLU A 79 1.16 -9.14 3.80
N ASP A 80 1.19 -7.89 3.33
CA ASP A 80 2.38 -7.36 2.65
C ASP A 80 2.75 -5.98 3.17
N VAL A 81 4.04 -5.73 3.28
CA VAL A 81 4.54 -4.44 3.78
C VAL A 81 4.94 -3.53 2.62
N ILE A 82 4.62 -2.25 2.74
CA ILE A 82 4.95 -1.28 1.71
C ILE A 82 5.54 0.00 2.33
N GLN A 83 6.47 0.61 1.61
CA GLN A 83 7.12 1.83 2.08
C GLN A 83 6.89 2.97 1.10
N ILE A 84 6.06 3.94 1.49
CA ILE A 84 5.77 5.08 0.65
C ILE A 84 6.92 6.09 0.68
N VAL A 85 7.63 6.20 -0.44
CA VAL A 85 8.75 7.13 -0.55
C VAL A 85 8.31 8.45 -1.18
N LYS A 86 8.83 9.55 -0.64
CA LYS A 86 8.50 10.88 -1.16
C LYS A 86 9.60 11.40 -2.07
N LYS A 87 9.20 11.95 -3.22
CA LYS A 87 10.15 12.49 -4.17
C LYS A 87 11.22 13.32 -3.46
N SER A 88 12.40 12.74 -3.31
CA SER A 88 13.51 13.42 -2.65
C SER A 88 13.61 14.87 -3.13
N GLY A 89 13.40 15.80 -2.20
CA GLY A 89 13.47 17.22 -2.54
C GLY A 89 13.81 18.07 -1.34
N PRO A 90 14.38 19.27 -1.61
CA PRO A 90 14.78 20.21 -0.55
C PRO A 90 13.56 20.83 0.13
N SER A 91 12.38 20.63 -0.44
CA SER A 91 11.15 21.18 0.10
C SER A 91 11.18 21.15 1.62
N SER A 92 10.58 22.16 2.25
CA SER A 92 10.53 22.26 3.70
C SER A 92 9.53 21.26 4.28
N GLY A 93 10.04 20.24 4.95
CA GLY A 93 9.16 19.23 5.54
C GLY A 93 9.03 19.41 7.05
N GLY A 1 -37.32 -23.28 0.66
CA GLY A 1 -35.90 -23.25 0.36
C GLY A 1 -35.09 -22.51 1.39
N SER A 2 -33.91 -22.04 1.00
CA SER A 2 -33.03 -21.31 1.91
C SER A 2 -32.61 -19.98 1.30
N SER A 3 -32.15 -19.07 2.15
CA SER A 3 -31.72 -17.75 1.70
C SER A 3 -30.44 -17.86 0.87
N GLY A 4 -30.35 -17.03 -0.18
CA GLY A 4 -29.17 -17.05 -1.03
C GLY A 4 -28.12 -16.04 -0.59
N SER A 5 -27.30 -16.44 0.37
CA SER A 5 -26.26 -15.56 0.89
C SER A 5 -24.96 -15.77 0.12
N SER A 6 -24.32 -14.66 -0.24
CA SER A 6 -23.07 -14.71 -0.99
C SER A 6 -22.07 -13.68 -0.45
N GLY A 7 -20.85 -13.72 -0.98
CA GLY A 7 -19.83 -12.80 -0.54
C GLY A 7 -18.50 -13.02 -1.25
N TYR A 8 -18.10 -12.04 -2.06
CA TYR A 8 -16.85 -12.13 -2.80
C TYR A 8 -15.94 -10.94 -2.49
N LEU A 9 -16.40 -10.09 -1.58
CA LEU A 9 -15.63 -8.91 -1.19
C LEU A 9 -14.55 -9.27 -0.17
N LYS A 10 -13.40 -9.72 -0.66
CA LYS A 10 -12.30 -10.11 0.21
C LYS A 10 -11.59 -8.87 0.75
N LEU A 11 -10.82 -9.05 1.82
CA LEU A 11 -10.09 -7.96 2.43
C LEU A 11 -8.60 -8.29 2.54
N VAL A 12 -7.76 -7.32 2.17
CA VAL A 12 -6.32 -7.50 2.22
C VAL A 12 -5.66 -6.45 3.11
N ARG A 13 -4.83 -6.91 4.03
CA ARG A 13 -4.13 -6.02 4.95
C ARG A 13 -2.77 -5.61 4.39
N ILE A 14 -2.36 -4.38 4.70
CA ILE A 14 -1.07 -3.88 4.23
C ILE A 14 -0.30 -3.19 5.36
N TYR A 15 0.78 -3.81 5.79
CA TYR A 15 1.61 -3.26 6.86
C TYR A 15 2.49 -2.12 6.34
N THR A 16 2.08 -0.90 6.60
CA THR A 16 2.83 0.27 6.17
C THR A 16 4.17 0.37 6.90
N LYS A 17 5.19 0.85 6.19
CA LYS A 17 6.52 1.00 6.76
C LYS A 17 6.95 2.46 6.78
N PRO A 18 6.68 3.15 7.91
CA PRO A 18 7.03 4.56 8.08
C PRO A 18 8.54 4.77 8.19
N LYS A 19 9.09 5.54 7.26
CA LYS A 19 10.52 5.83 7.26
C LYS A 19 11.02 6.13 8.67
N GLY A 20 11.96 5.32 9.14
CA GLY A 20 12.52 5.52 10.47
C GLY A 20 11.92 4.57 11.49
N GLN A 21 10.59 4.60 11.61
CA GLN A 21 9.90 3.73 12.55
C GLN A 21 9.59 2.37 11.93
N LEU A 22 9.28 1.40 12.77
CA LEU A 22 8.97 0.05 12.31
C LEU A 22 7.55 -0.01 11.76
N PRO A 23 7.31 -0.96 10.83
CA PRO A 23 6.00 -1.15 10.21
C PRO A 23 4.98 -1.72 11.19
N ASP A 24 3.88 -1.01 11.38
CA ASP A 24 2.82 -1.44 12.27
C ASP A 24 2.19 -2.74 11.78
N TYR A 25 2.43 -3.82 12.52
CA TYR A 25 1.89 -5.13 12.15
C TYR A 25 0.56 -5.38 12.86
N THR A 26 0.21 -4.51 13.80
CA THR A 26 -1.02 -4.63 14.55
C THR A 26 -2.03 -3.58 14.13
N SER A 27 -1.55 -2.52 13.50
CA SER A 27 -2.41 -1.43 13.04
C SER A 27 -2.35 -1.28 11.53
N PRO A 28 -2.42 -2.42 10.82
CA PRO A 28 -2.37 -2.43 9.36
C PRO A 28 -3.62 -1.83 8.72
N VAL A 29 -3.58 -1.65 7.40
CA VAL A 29 -4.70 -1.08 6.68
C VAL A 29 -5.43 -2.15 5.87
N VAL A 30 -6.72 -2.35 6.19
CA VAL A 30 -7.52 -3.35 5.50
C VAL A 30 -8.20 -2.75 4.27
N LEU A 31 -7.58 -2.92 3.10
CA LEU A 31 -8.12 -2.40 1.86
C LEU A 31 -9.01 -3.42 1.17
N PRO A 32 -10.07 -2.95 0.52
CA PRO A 32 -11.02 -3.81 -0.20
C PRO A 32 -10.40 -4.43 -1.45
N TYR A 33 -10.64 -5.73 -1.64
CA TYR A 33 -10.11 -6.44 -2.80
C TYR A 33 -10.45 -5.70 -4.09
N SER A 34 -11.74 -5.50 -4.34
CA SER A 34 -12.19 -4.81 -5.54
C SER A 34 -11.28 -3.64 -5.87
N ARG A 35 -10.65 -3.07 -4.84
CA ARG A 35 -9.76 -1.94 -5.02
C ARG A 35 -8.45 -2.17 -4.28
N THR A 36 -7.46 -2.71 -4.98
CA THR A 36 -6.15 -2.99 -4.38
C THR A 36 -5.03 -2.44 -5.25
N THR A 37 -4.43 -1.34 -4.82
CA THR A 37 -3.33 -0.72 -5.55
C THR A 37 -2.60 0.31 -4.69
N VAL A 38 -1.29 0.39 -4.88
CA VAL A 38 -0.47 1.33 -4.12
C VAL A 38 -1.15 2.69 -4.02
N GLU A 39 -1.68 3.17 -5.14
CA GLU A 39 -2.35 4.46 -5.18
C GLU A 39 -3.54 4.49 -4.21
N ASP A 40 -4.22 3.36 -4.10
CA ASP A 40 -5.37 3.25 -3.21
C ASP A 40 -4.95 3.42 -1.76
N PHE A 41 -3.77 2.91 -1.42
CA PHE A 41 -3.25 3.00 -0.06
C PHE A 41 -2.87 4.44 0.28
N CYS A 42 -2.05 5.04 -0.56
CA CYS A 42 -1.61 6.42 -0.34
C CYS A 42 -2.78 7.31 0.02
N MET A 43 -3.95 7.01 -0.54
CA MET A 43 -5.15 7.79 -0.27
C MET A 43 -5.60 7.61 1.18
N LYS A 44 -5.66 6.37 1.62
CA LYS A 44 -6.07 6.06 2.99
C LYS A 44 -5.42 7.02 3.98
N ILE A 45 -4.13 7.27 3.80
CA ILE A 45 -3.39 8.16 4.68
C ILE A 45 -3.53 9.61 4.22
N HIS A 46 -2.98 9.92 3.05
CA HIS A 46 -3.05 11.27 2.51
C HIS A 46 -3.14 11.23 0.98
N LYS A 47 -4.15 11.91 0.44
CA LYS A 47 -4.36 11.95 -1.00
C LYS A 47 -3.16 12.58 -1.70
N ASN A 48 -2.85 13.82 -1.33
CA ASN A 48 -1.72 14.53 -1.92
C ASN A 48 -0.48 13.64 -1.97
N LEU A 49 -0.44 12.64 -1.10
CA LEU A 49 0.69 11.72 -1.04
C LEU A 49 1.08 11.24 -2.44
N ILE A 50 0.09 10.77 -3.18
CA ILE A 50 0.32 10.28 -4.53
C ILE A 50 1.07 11.32 -5.37
N LYS A 51 0.79 12.58 -5.12
CA LYS A 51 1.44 13.67 -5.85
C LYS A 51 2.93 13.71 -5.53
N GLU A 52 3.30 13.29 -4.33
CA GLU A 52 4.69 13.29 -3.91
C GLU A 52 5.24 11.86 -3.90
N PHE A 53 4.36 10.88 -4.07
CA PHE A 53 4.76 9.49 -4.07
C PHE A 53 5.74 9.20 -5.21
N LYS A 54 6.92 8.69 -4.85
CA LYS A 54 7.94 8.37 -5.85
C LYS A 54 7.91 6.89 -6.20
N TYR A 55 7.84 6.04 -5.18
CA TYR A 55 7.80 4.60 -5.38
C TYR A 55 7.46 3.88 -4.08
N ALA A 56 7.26 2.56 -4.18
CA ALA A 56 6.93 1.75 -3.01
C ALA A 56 7.70 0.43 -3.03
N LEU A 57 8.24 0.06 -1.87
CA LEU A 57 9.00 -1.18 -1.75
C LEU A 57 8.14 -2.29 -1.17
N VAL A 58 7.65 -3.18 -2.03
CA VAL A 58 6.81 -4.29 -1.59
C VAL A 58 7.66 -5.44 -1.06
N TRP A 59 7.27 -5.97 0.09
CA TRP A 59 7.99 -7.07 0.71
C TRP A 59 7.09 -8.28 0.88
N GLY A 60 6.57 -8.80 -0.23
CA GLY A 60 5.70 -9.95 -0.19
C GLY A 60 5.96 -10.93 -1.31
N LEU A 61 5.02 -11.84 -1.55
CA LEU A 61 5.17 -12.83 -2.61
C LEU A 61 4.81 -12.24 -3.96
N SER A 62 3.86 -11.31 -3.96
CA SER A 62 3.43 -10.66 -5.20
C SER A 62 4.61 -10.38 -6.11
N VAL A 63 5.80 -10.24 -5.51
CA VAL A 63 7.01 -9.97 -6.27
C VAL A 63 7.96 -11.17 -6.24
N LYS A 64 9.09 -11.04 -6.93
CA LYS A 64 10.07 -12.11 -6.98
C LYS A 64 11.32 -11.74 -6.17
N HIS A 65 11.88 -10.58 -6.47
CA HIS A 65 13.08 -10.10 -5.78
C HIS A 65 12.76 -8.88 -4.92
N ASN A 66 12.84 -9.06 -3.61
CA ASN A 66 12.56 -7.97 -2.67
C ASN A 66 13.84 -7.51 -1.98
N PRO A 67 13.87 -6.22 -1.60
CA PRO A 67 12.75 -5.30 -1.84
C PRO A 67 12.57 -4.96 -3.31
N GLN A 68 11.31 -4.89 -3.75
CA GLN A 68 11.01 -4.57 -5.14
C GLN A 68 10.41 -3.17 -5.27
N LYS A 69 10.91 -2.40 -6.22
CA LYS A 69 10.42 -1.05 -6.45
C LYS A 69 9.17 -1.06 -7.32
N VAL A 70 8.13 -0.39 -6.85
CA VAL A 70 6.87 -0.32 -7.59
C VAL A 70 6.32 1.10 -7.61
N GLY A 71 5.28 1.32 -8.41
CA GLY A 71 4.68 2.64 -8.51
C GLY A 71 3.28 2.68 -7.95
N LYS A 72 2.42 3.48 -8.55
CA LYS A 72 1.04 3.62 -8.10
C LYS A 72 0.11 2.72 -8.93
N ASP A 73 0.68 1.97 -9.85
CA ASP A 73 -0.09 1.08 -10.71
C ASP A 73 0.06 -0.37 -10.24
N HIS A 74 0.90 -0.58 -9.24
CA HIS A 74 1.13 -1.92 -8.71
C HIS A 74 -0.04 -2.36 -7.82
N THR A 75 -0.34 -3.66 -7.84
CA THR A 75 -1.43 -4.20 -7.04
C THR A 75 -0.92 -4.67 -5.68
N LEU A 76 -1.61 -4.25 -4.63
CA LEU A 76 -1.24 -4.63 -3.27
C LEU A 76 -1.81 -5.99 -2.91
N GLU A 77 -1.01 -6.81 -2.23
CA GLU A 77 -1.44 -8.14 -1.82
C GLU A 77 -1.62 -8.22 -0.31
N ASP A 78 -2.45 -9.15 0.14
CA ASP A 78 -2.72 -9.33 1.56
C ASP A 78 -1.44 -9.75 2.29
N GLU A 79 -1.25 -9.21 3.49
CA GLU A 79 -0.08 -9.52 4.30
C GLU A 79 1.21 -9.11 3.58
N ASP A 80 1.24 -7.85 3.14
CA ASP A 80 2.41 -7.31 2.44
C ASP A 80 2.83 -5.98 3.02
N VAL A 81 4.14 -5.77 3.14
CA VAL A 81 4.68 -4.53 3.68
C VAL A 81 5.10 -3.58 2.57
N ILE A 82 4.71 -2.31 2.71
CA ILE A 82 5.05 -1.31 1.71
C ILE A 82 5.61 -0.05 2.37
N GLN A 83 6.60 0.55 1.74
CA GLN A 83 7.23 1.77 2.26
C GLN A 83 7.06 2.93 1.29
N ILE A 84 6.07 3.79 1.55
CA ILE A 84 5.82 4.94 0.69
C ILE A 84 6.97 5.93 0.74
N VAL A 85 7.65 6.11 -0.39
CA VAL A 85 8.77 7.03 -0.48
C VAL A 85 8.40 8.28 -1.29
N LYS A 86 8.26 9.41 -0.60
CA LYS A 86 7.91 10.66 -1.25
C LYS A 86 9.15 11.32 -1.85
N LYS A 87 9.07 11.65 -3.14
CA LYS A 87 10.18 12.29 -3.83
C LYS A 87 10.41 13.70 -3.31
N SER A 88 11.49 14.33 -3.76
CA SER A 88 11.82 15.69 -3.34
C SER A 88 11.41 16.70 -4.41
N GLY A 89 10.23 16.51 -4.97
CA GLY A 89 9.74 17.43 -5.99
C GLY A 89 9.73 16.79 -7.37
N PRO A 90 9.65 17.64 -8.40
CA PRO A 90 9.63 17.17 -9.80
C PRO A 90 10.98 16.60 -10.24
N SER A 91 10.92 15.54 -11.04
CA SER A 91 12.13 14.89 -11.54
C SER A 91 12.88 15.80 -12.50
N SER A 92 12.17 16.29 -13.50
CA SER A 92 12.77 17.17 -14.51
C SER A 92 12.58 18.63 -14.12
N GLY A 93 13.68 19.29 -13.76
CA GLY A 93 13.63 20.68 -13.39
C GLY A 93 13.97 20.91 -11.93
#